data_1LR1
#
_entry.id   1LR1
#
_entity_poly.entity_id   1
_entity_poly.type   'polypeptide(L)'
_entity_poly.pdbx_seq_one_letter_code
;GSHMSEALKILNNIRTLRAQARESTLETLEEMLEKLEVVVNERREEESAAAAEVEERTRKL
;
_entity_poly.pdbx_strand_id   A,B
#
# COMPACT_ATOMS: atom_id res chain seq x y z
N SER A 5 -7.99 -1.57 -7.48
CA SER A 5 -9.36 -1.29 -6.98
C SER A 5 -9.39 -1.25 -5.45
N GLU A 6 -8.60 -2.12 -4.82
CA GLU A 6 -8.54 -2.19 -3.37
C GLU A 6 -7.71 -1.05 -2.79
N ALA A 7 -6.71 -0.60 -3.55
CA ALA A 7 -5.84 0.49 -3.10
C ALA A 7 -6.53 1.83 -3.31
N LEU A 8 -7.48 1.83 -4.22
CA LEU A 8 -8.25 3.00 -4.56
C LEU A 8 -9.41 3.17 -3.60
N LYS A 9 -10.10 2.07 -3.36
CA LYS A 9 -11.26 2.04 -2.48
C LYS A 9 -10.87 1.96 -1.02
N ILE A 10 -9.67 1.45 -0.74
CA ILE A 10 -9.20 1.32 0.64
C ILE A 10 -9.30 2.67 1.33
N LEU A 11 -8.74 3.64 0.66
CA LEU A 11 -8.71 5.00 1.13
C LEU A 11 -9.76 5.80 0.38
N ASN A 12 -10.32 5.17 -0.65
CA ASN A 12 -11.33 5.80 -1.49
C ASN A 12 -10.74 7.06 -2.13
N ASN A 13 -9.43 7.06 -2.30
CA ASN A 13 -8.71 8.17 -2.89
C ASN A 13 -8.77 9.41 -1.99
N ILE A 14 -7.60 9.99 -1.73
CA ILE A 14 -7.48 11.17 -0.87
C ILE A 14 -8.41 12.30 -1.31
N ARG A 15 -8.76 12.33 -2.58
CA ARG A 15 -9.63 13.37 -3.11
C ARG A 15 -10.92 13.50 -2.31
N THR A 16 -11.58 12.37 -2.08
CA THR A 16 -12.83 12.36 -1.33
C THR A 16 -12.58 12.31 0.18
N LEU A 17 -11.52 11.61 0.58
CA LEU A 17 -11.19 11.47 1.99
C LEU A 17 -10.90 12.83 2.63
N ARG A 18 -9.93 13.55 2.10
CA ARG A 18 -9.55 14.85 2.63
C ARG A 18 -10.77 15.73 2.85
N ALA A 19 -11.82 15.49 2.06
CA ALA A 19 -13.05 16.28 2.16
C ALA A 19 -14.00 15.72 3.22
N GLN A 20 -14.25 14.42 3.17
CA GLN A 20 -15.14 13.79 4.13
C GLN A 20 -14.54 13.87 5.52
N ALA A 21 -13.23 13.81 5.57
CA ALA A 21 -12.48 13.89 6.80
C ALA A 21 -12.23 15.34 7.17
N ARG A 22 -12.27 16.21 6.17
CA ARG A 22 -12.05 17.64 6.38
C ARG A 22 -12.80 18.10 7.62
N GLU A 23 -13.94 17.47 7.88
CA GLU A 23 -14.76 17.81 9.03
C GLU A 23 -14.44 16.93 10.24
N SER A 24 -13.17 16.55 10.39
CA SER A 24 -12.76 15.70 11.51
C SER A 24 -11.23 15.65 11.65
N THR A 25 -10.76 14.65 12.38
CA THR A 25 -9.32 14.45 12.61
C THR A 25 -8.70 13.58 11.52
N LEU A 26 -7.40 13.75 11.31
CA LEU A 26 -6.69 12.97 10.32
C LEU A 26 -6.76 11.48 10.64
N GLU A 27 -7.22 11.16 11.85
CA GLU A 27 -7.32 9.76 12.28
C GLU A 27 -7.81 8.87 11.14
N THR A 28 -8.54 9.48 10.20
CA THR A 28 -9.02 8.75 9.03
C THR A 28 -7.88 7.99 8.38
N LEU A 29 -6.71 8.63 8.32
CA LEU A 29 -5.53 7.99 7.75
C LEU A 29 -5.08 6.86 8.67
N GLU A 30 -5.05 7.10 9.96
CA GLU A 30 -4.66 6.06 10.88
C GLU A 30 -5.58 4.86 10.68
N GLU A 31 -6.77 5.15 10.15
CA GLU A 31 -7.74 4.11 9.88
C GLU A 31 -7.47 3.45 8.53
N MET A 32 -7.39 4.28 7.48
CA MET A 32 -7.15 3.79 6.12
C MET A 32 -5.66 3.73 5.78
N LEU A 33 -4.93 4.81 6.10
CA LEU A 33 -3.49 4.90 5.82
C LEU A 33 -2.71 3.81 6.56
N GLU A 34 -3.07 3.54 7.81
CA GLU A 34 -2.39 2.51 8.59
C GLU A 34 -2.57 1.14 7.95
N LYS A 35 -3.74 0.92 7.34
CA LYS A 35 -4.04 -0.35 6.69
C LYS A 35 -3.53 -0.32 5.27
N LEU A 36 -3.45 0.87 4.73
CA LEU A 36 -2.95 1.07 3.39
C LEU A 36 -1.47 0.77 3.36
N GLU A 37 -0.83 0.92 4.51
CA GLU A 37 0.59 0.64 4.62
C GLU A 37 0.79 -0.85 4.89
N VAL A 38 -0.12 -1.44 5.68
CA VAL A 38 -0.04 -2.88 5.98
C VAL A 38 -0.37 -3.68 4.73
N VAL A 39 -1.32 -3.17 3.92
CA VAL A 39 -1.69 -3.83 2.69
C VAL A 39 -0.47 -3.93 1.79
N VAL A 40 0.20 -2.80 1.60
CA VAL A 40 1.40 -2.78 0.79
C VAL A 40 2.56 -3.37 1.58
N ASN A 41 2.41 -3.43 2.89
CA ASN A 41 3.46 -3.99 3.75
C ASN A 41 3.74 -5.41 3.31
N GLU A 42 2.67 -6.17 3.14
CA GLU A 42 2.78 -7.55 2.70
C GLU A 42 3.28 -7.58 1.26
N ARG A 43 2.71 -6.68 0.45
CA ARG A 43 3.09 -6.57 -0.95
C ARG A 43 4.50 -6.02 -1.11
N ARG A 44 4.91 -5.19 -0.16
CA ARG A 44 6.23 -4.57 -0.18
C ARG A 44 7.31 -5.62 0.00
N GLU A 45 7.09 -6.54 0.93
CA GLU A 45 8.04 -7.60 1.21
C GLU A 45 7.88 -8.80 0.26
N GLU A 46 6.67 -9.02 -0.24
CA GLU A 46 6.40 -10.15 -1.13
C GLU A 46 6.68 -9.81 -2.60
N GLU A 47 6.33 -8.60 -3.00
CA GLU A 47 6.54 -8.16 -4.37
C GLU A 47 8.03 -8.15 -4.70
N SER A 48 8.83 -7.60 -3.80
CA SER A 48 10.27 -7.57 -3.99
C SER A 48 10.75 -9.00 -4.20
N ALA A 49 10.07 -9.91 -3.52
CA ALA A 49 10.35 -11.33 -3.61
C ALA A 49 9.96 -11.87 -4.98
N ALA A 50 8.78 -11.46 -5.45
CA ALA A 50 8.27 -11.89 -6.74
C ALA A 50 9.19 -11.42 -7.86
N ALA A 51 9.69 -10.20 -7.72
CA ALA A 51 10.59 -9.62 -8.72
C ALA A 51 11.88 -10.41 -8.82
N ALA A 52 12.44 -10.77 -7.67
CA ALA A 52 13.68 -11.52 -7.63
C ALA A 52 13.48 -12.94 -8.18
N GLU A 53 12.35 -13.54 -7.82
CA GLU A 53 12.04 -14.90 -8.27
C GLU A 53 11.87 -14.96 -9.78
N VAL A 54 11.09 -14.03 -10.33
CA VAL A 54 10.85 -13.98 -11.78
C VAL A 54 12.14 -13.64 -12.53
N GLU A 55 12.94 -12.75 -11.98
CA GLU A 55 14.19 -12.34 -12.60
C GLU A 55 13.92 -11.72 -13.98
N GLU A 56 14.34 -12.41 -15.04
CA GLU A 56 14.14 -11.91 -16.40
C GLU A 56 14.44 -13.00 -17.42
N ARG A 57 15.58 -13.67 -17.26
CA ARG A 57 15.98 -14.73 -18.17
C ARG A 57 15.01 -15.91 -18.09
N THR A 58 14.71 -16.34 -16.88
CA THR A 58 13.79 -17.45 -16.66
C THR A 58 12.38 -17.08 -17.07
N ARG A 59 11.70 -18.00 -17.75
CA ARG A 59 10.33 -17.78 -18.21
C ARG A 59 9.75 -19.03 -18.85
N LYS A 60 10.56 -19.70 -19.67
CA LYS A 60 10.14 -20.92 -20.35
C LYS A 60 8.89 -20.67 -21.19
N LEU A 61 8.89 -19.55 -21.92
CA LEU A 61 7.77 -19.19 -22.77
C LEU A 61 6.48 -19.07 -21.96
N SER B 5 9.54 -2.26 5.08
CA SER B 5 10.31 -1.06 5.49
C SER B 5 9.82 0.19 4.77
N GLU B 6 9.44 0.03 3.51
CA GLU B 6 8.97 1.14 2.69
C GLU B 6 7.53 1.51 3.05
N ALA B 7 6.75 0.51 3.46
CA ALA B 7 5.35 0.73 3.84
C ALA B 7 5.25 1.31 5.24
N LEU B 8 6.30 1.08 5.99
CA LEU B 8 6.40 1.53 7.36
C LEU B 8 6.91 2.97 7.40
N LYS B 9 7.96 3.20 6.62
CA LYS B 9 8.60 4.50 6.52
C LYS B 9 7.86 5.44 5.59
N ILE B 10 7.09 4.90 4.65
CA ILE B 10 6.34 5.72 3.72
C ILE B 10 5.49 6.71 4.47
N LEU B 11 4.75 6.16 5.41
CA LEU B 11 3.88 6.93 6.26
C LEU B 11 4.53 7.11 7.62
N ASN B 12 5.63 6.39 7.81
CA ASN B 12 6.37 6.43 9.06
C ASN B 12 5.46 5.96 10.20
N ASN B 13 4.48 5.14 9.85
CA ASN B 13 3.52 4.62 10.82
C ASN B 13 2.62 5.73 11.37
N ILE B 14 1.31 5.50 11.32
CA ILE B 14 0.32 6.46 11.80
C ILE B 14 0.60 6.93 13.23
N ARG B 15 1.28 6.10 14.01
CA ARG B 15 1.59 6.43 15.40
C ARG B 15 2.28 7.79 15.50
N THR B 16 3.33 7.99 14.71
CA THR B 16 4.07 9.25 14.72
C THR B 16 3.40 10.30 13.85
N LEU B 17 2.80 9.86 12.75
CA LEU B 17 2.16 10.78 11.81
C LEU B 17 1.02 11.55 12.48
N ARG B 18 0.04 10.82 13.02
CA ARG B 18 -1.11 11.42 13.66
C ARG B 18 -0.68 12.49 14.66
N ALA B 19 0.52 12.34 15.20
CA ALA B 19 1.05 13.29 16.18
C ALA B 19 1.74 14.47 15.51
N GLN B 20 2.64 14.18 14.58
CA GLN B 20 3.36 15.24 13.87
C GLN B 20 2.40 16.07 13.05
N ALA B 21 1.37 15.40 12.55
CA ALA B 21 0.34 16.03 11.75
C ALA B 21 -0.73 16.60 12.64
N ARG B 22 -0.83 16.08 13.86
CA ARG B 22 -1.82 16.54 14.82
C ARG B 22 -1.87 18.06 14.82
N GLU B 23 -0.73 18.68 14.54
CA GLU B 23 -0.65 20.14 14.51
C GLU B 23 -0.82 20.68 13.09
N SER B 24 -1.68 20.03 12.31
CA SER B 24 -1.92 20.46 10.92
C SER B 24 -3.13 19.75 10.32
N THR B 25 -3.23 19.80 8.99
CA THR B 25 -4.33 19.18 8.26
C THR B 25 -4.00 17.73 7.90
N LEU B 26 -5.05 16.92 7.71
CA LEU B 26 -4.88 15.53 7.36
C LEU B 26 -4.15 15.40 6.04
N GLU B 27 -4.01 16.51 5.32
CA GLU B 27 -3.35 16.51 4.02
C GLU B 27 -2.13 15.60 4.04
N THR B 28 -1.56 15.38 5.23
CA THR B 28 -0.41 14.51 5.39
C THR B 28 -0.71 13.17 4.74
N LEU B 29 -1.95 12.68 4.90
CA LEU B 29 -2.35 11.44 4.29
C LEU B 29 -2.42 11.59 2.78
N GLU B 30 -2.99 12.69 2.31
CA GLU B 30 -3.05 12.92 0.88
C GLU B 30 -1.64 12.89 0.33
N GLU B 31 -0.68 13.18 1.21
CA GLU B 31 0.73 13.17 0.83
C GLU B 31 1.30 11.74 0.89
N MET B 32 1.14 11.11 2.06
CA MET B 32 1.65 9.75 2.28
C MET B 32 0.62 8.68 1.91
N LEU B 33 -0.62 8.87 2.37
CA LEU B 33 -1.71 7.91 2.12
C LEU B 33 -2.00 7.78 0.62
N GLU B 34 -1.98 8.90 -0.11
CA GLU B 34 -2.22 8.87 -1.55
C GLU B 34 -1.16 8.05 -2.26
N LYS B 35 0.07 8.11 -1.75
CA LYS B 35 1.18 7.38 -2.34
C LYS B 35 1.23 5.99 -1.77
N LEU B 36 0.72 5.85 -0.58
CA LEU B 36 0.65 4.58 0.10
C LEU B 36 -0.35 3.69 -0.60
N GLU B 37 -1.30 4.32 -1.28
CA GLU B 37 -2.31 3.58 -2.02
C GLU B 37 -1.78 3.27 -3.41
N VAL B 38 -1.01 4.20 -3.98
CA VAL B 38 -0.42 3.98 -5.31
C VAL B 38 0.66 2.92 -5.22
N VAL B 39 1.41 2.92 -4.10
CA VAL B 39 2.46 1.94 -3.89
C VAL B 39 1.84 0.55 -3.91
N VAL B 40 0.79 0.37 -3.13
CA VAL B 40 0.08 -0.90 -3.10
C VAL B 40 -0.77 -1.04 -4.34
N ASN B 41 -1.06 0.07 -5.00
CA ASN B 41 -1.87 0.05 -6.21
C ASN B 41 -1.20 -0.87 -7.23
N GLU B 42 0.10 -0.65 -7.41
CA GLU B 42 0.88 -1.48 -8.33
C GLU B 42 0.97 -2.90 -7.79
N ARG B 43 1.20 -2.99 -6.48
CA ARG B 43 1.31 -4.28 -5.80
C ARG B 43 -0.05 -4.98 -5.75
N ARG B 44 -1.10 -4.20 -5.69
CA ARG B 44 -2.46 -4.72 -5.61
C ARG B 44 -2.83 -5.45 -6.90
N GLU B 45 -2.47 -4.86 -8.03
CA GLU B 45 -2.75 -5.44 -9.33
C GLU B 45 -1.70 -6.47 -9.76
N GLU B 46 -0.46 -6.29 -9.29
CA GLU B 46 0.63 -7.20 -9.66
C GLU B 46 0.70 -8.42 -8.75
N GLU B 47 0.48 -8.21 -7.46
CA GLU B 47 0.53 -9.29 -6.49
C GLU B 47 -0.54 -10.32 -6.80
N SER B 48 -1.75 -9.86 -7.07
CA SER B 48 -2.84 -10.77 -7.42
C SER B 48 -2.40 -11.60 -8.61
N ALA B 49 -1.61 -10.95 -9.46
CA ALA B 49 -1.06 -11.59 -10.65
C ALA B 49 -0.03 -12.64 -10.26
N ALA B 50 0.84 -12.27 -9.32
CA ALA B 50 1.89 -13.17 -8.85
C ALA B 50 1.29 -14.41 -8.20
N ALA B 51 0.20 -14.22 -7.45
CA ALA B 51 -0.48 -15.32 -6.78
C ALA B 51 -1.05 -16.31 -7.79
N ALA B 52 -1.68 -15.78 -8.83
CA ALA B 52 -2.27 -16.61 -9.87
C ALA B 52 -1.20 -17.36 -10.65
N GLU B 53 -0.11 -16.65 -10.96
CA GLU B 53 1.00 -17.23 -11.71
C GLU B 53 1.65 -18.38 -10.95
N VAL B 54 1.95 -18.14 -9.67
CA VAL B 54 2.58 -19.15 -8.83
C VAL B 54 1.66 -20.34 -8.60
N GLU B 55 0.37 -20.06 -8.42
CA GLU B 55 -0.63 -21.11 -8.18
C GLU B 55 -0.30 -21.88 -6.91
N GLU B 56 0.07 -23.16 -7.06
CA GLU B 56 0.42 -23.99 -5.92
C GLU B 56 1.09 -25.28 -6.36
N ARG B 57 0.48 -25.94 -7.36
CA ARG B 57 1.03 -27.19 -7.88
C ARG B 57 2.38 -26.96 -8.54
N THR B 58 2.45 -25.96 -9.40
CA THR B 58 3.67 -25.63 -10.11
C THR B 58 4.74 -25.10 -9.15
N ARG B 59 5.97 -25.56 -9.32
CA ARG B 59 7.08 -25.15 -8.46
C ARG B 59 8.40 -25.72 -8.97
N LYS B 60 8.38 -27.00 -9.36
CA LYS B 60 9.57 -27.68 -9.86
C LYS B 60 10.69 -27.63 -8.83
N LEU B 61 10.35 -27.88 -7.56
CA LEU B 61 11.32 -27.87 -6.47
C LEU B 61 12.01 -26.52 -6.38
N SER A 5 -8.25 -2.71 -7.63
CA SER A 5 -8.32 -1.30 -7.15
C SER A 5 -8.68 -1.24 -5.67
N GLU A 6 -8.11 -2.15 -4.89
CA GLU A 6 -8.37 -2.19 -3.46
C GLU A 6 -7.55 -1.13 -2.72
N ALA A 7 -6.42 -0.75 -3.32
CA ALA A 7 -5.55 0.26 -2.73
C ALA A 7 -6.16 1.64 -2.93
N LEU A 8 -7.03 1.71 -3.90
CA LEU A 8 -7.73 2.93 -4.24
C LEU A 8 -8.94 3.10 -3.35
N LYS A 9 -9.67 2.01 -3.19
CA LYS A 9 -10.88 1.97 -2.37
C LYS A 9 -10.56 1.86 -0.88
N ILE A 10 -9.39 1.30 -0.57
CA ILE A 10 -8.98 1.13 0.82
C ILE A 10 -9.05 2.47 1.51
N LEU A 11 -8.33 3.42 0.95
CA LEU A 11 -8.29 4.76 1.47
C LEU A 11 -9.37 5.58 0.79
N ASN A 12 -9.94 4.99 -0.26
CA ASN A 12 -11.01 5.63 -1.02
C ASN A 12 -10.50 6.90 -1.69
N ASN A 13 -9.23 6.86 -2.12
CA ASN A 13 -8.59 7.99 -2.79
C ASN A 13 -8.60 9.24 -1.90
N ILE A 14 -7.42 9.85 -1.76
CA ILE A 14 -7.26 11.06 -0.95
C ILE A 14 -8.20 12.17 -1.40
N ARG A 15 -8.55 12.19 -2.68
CA ARG A 15 -9.45 13.20 -3.22
C ARG A 15 -10.79 13.21 -2.49
N THR A 16 -11.42 12.05 -2.41
CA THR A 16 -12.70 11.91 -1.73
C THR A 16 -12.51 11.99 -0.22
N LEU A 17 -11.38 11.46 0.25
CA LEU A 17 -11.07 11.44 1.66
C LEU A 17 -10.94 12.85 2.25
N ARG A 18 -10.02 13.63 1.72
CA ARG A 18 -9.79 14.99 2.21
C ARG A 18 -11.11 15.74 2.40
N ALA A 19 -12.13 15.32 1.66
CA ALA A 19 -13.43 15.94 1.74
C ALA A 19 -14.28 15.34 2.87
N GLN A 20 -14.36 14.02 2.89
CA GLN A 20 -15.13 13.32 3.91
C GLN A 20 -14.50 13.53 5.28
N ALA A 21 -13.18 13.64 5.27
CA ALA A 21 -12.41 13.85 6.48
C ALA A 21 -12.31 15.33 6.79
N ARG A 22 -12.53 16.14 5.76
CA ARG A 22 -12.47 17.59 5.92
C ARG A 22 -13.17 18.03 7.19
N GLU A 23 -14.19 17.26 7.58
CA GLU A 23 -14.95 17.56 8.79
C GLU A 23 -14.58 16.62 9.94
N SER A 24 -13.29 16.30 10.06
CA SER A 24 -12.82 15.42 11.12
C SER A 24 -11.30 15.53 11.32
N THR A 25 -10.75 14.57 12.06
CA THR A 25 -9.32 14.53 12.34
C THR A 25 -8.60 13.60 11.37
N LEU A 26 -7.28 13.73 11.26
CA LEU A 26 -6.50 12.90 10.36
C LEU A 26 -6.69 11.43 10.73
N GLU A 27 -7.20 11.16 11.91
CA GLU A 27 -7.42 9.78 12.36
C GLU A 27 -7.92 8.92 11.21
N THR A 28 -8.60 9.55 10.25
CA THR A 28 -9.10 8.85 9.08
C THR A 28 -7.98 8.06 8.42
N LEU A 29 -6.80 8.68 8.31
CA LEU A 29 -5.65 8.01 7.73
C LEU A 29 -5.19 6.90 8.67
N GLU A 30 -5.16 7.17 9.95
CA GLU A 30 -4.76 6.15 10.90
C GLU A 30 -5.64 4.93 10.67
N GLU A 31 -6.84 5.17 10.15
CA GLU A 31 -7.78 4.10 9.84
C GLU A 31 -7.47 3.48 8.48
N MET A 32 -7.30 4.34 7.47
CA MET A 32 -7.01 3.88 6.11
C MET A 32 -5.51 3.74 5.85
N LEU A 33 -4.77 4.79 6.19
CA LEU A 33 -3.32 4.84 6.02
C LEU A 33 -2.63 3.67 6.71
N GLU A 34 -3.15 3.27 7.87
CA GLU A 34 -2.58 2.15 8.63
C GLU A 34 -2.81 0.81 7.91
N LYS A 35 -3.93 0.70 7.23
CA LYS A 35 -4.28 -0.53 6.51
C LYS A 35 -3.69 -0.50 5.12
N LEU A 36 -3.62 0.71 4.57
CA LEU A 36 -3.08 0.92 3.25
C LEU A 36 -1.59 0.63 3.25
N GLU A 37 -0.98 0.72 4.44
CA GLU A 37 0.45 0.42 4.57
C GLU A 37 0.66 -1.07 4.77
N VAL A 38 -0.20 -1.69 5.56
CA VAL A 38 -0.11 -3.12 5.81
C VAL A 38 -0.46 -3.91 4.55
N VAL A 39 -1.43 -3.40 3.79
CA VAL A 39 -1.83 -4.04 2.55
C VAL A 39 -0.62 -4.18 1.66
N VAL A 40 0.13 -3.09 1.52
CA VAL A 40 1.33 -3.12 0.71
C VAL A 40 2.49 -3.66 1.52
N ASN A 41 2.37 -3.62 2.85
CA ASN A 41 3.43 -4.14 3.70
C ASN A 41 3.69 -5.59 3.35
N GLU A 42 2.62 -6.31 3.05
CA GLU A 42 2.70 -7.70 2.67
C GLU A 42 3.30 -7.82 1.28
N ARG A 43 2.88 -6.94 0.37
CA ARG A 43 3.40 -6.95 -0.99
C ARG A 43 4.82 -6.41 -1.03
N ARG A 44 5.00 -5.26 -0.42
CA ARG A 44 6.29 -4.59 -0.36
C ARG A 44 7.41 -5.57 0.04
N GLU A 45 7.09 -6.47 0.98
CA GLU A 45 8.08 -7.43 1.45
C GLU A 45 8.16 -8.72 0.61
N GLU A 46 7.02 -9.39 0.42
CA GLU A 46 6.99 -10.65 -0.33
C GLU A 46 6.78 -10.45 -1.82
N GLU A 47 5.93 -9.50 -2.17
CA GLU A 47 5.62 -9.25 -3.57
C GLU A 47 6.77 -8.57 -4.28
N SER A 48 7.38 -7.58 -3.62
CA SER A 48 8.52 -6.90 -4.22
C SER A 48 9.56 -7.95 -4.58
N ALA A 49 9.59 -8.99 -3.75
CA ALA A 49 10.48 -10.11 -3.96
C ALA A 49 10.12 -10.79 -5.27
N ALA A 50 8.81 -10.98 -5.48
CA ALA A 50 8.31 -11.58 -6.70
C ALA A 50 8.72 -10.75 -7.91
N ALA A 51 8.67 -9.43 -7.73
CA ALA A 51 9.05 -8.50 -8.79
C ALA A 51 10.52 -8.65 -9.13
N ALA A 52 11.36 -8.73 -8.10
CA ALA A 52 12.79 -8.89 -8.28
C ALA A 52 13.09 -10.16 -9.07
N GLU A 53 12.35 -11.22 -8.75
CA GLU A 53 12.50 -12.49 -9.43
C GLU A 53 12.27 -12.32 -10.92
N VAL A 54 11.21 -11.58 -11.25
CA VAL A 54 10.84 -11.30 -12.65
C VAL A 54 10.28 -12.52 -13.37
N GLU A 55 11.05 -13.61 -13.39
CA GLU A 55 10.63 -14.84 -14.06
C GLU A 55 10.38 -14.57 -15.56
N GLU A 56 9.38 -15.25 -16.12
CA GLU A 56 9.04 -15.09 -17.53
C GLU A 56 10.18 -15.51 -18.44
N ARG A 57 9.87 -16.34 -19.44
CA ARG A 57 10.86 -16.84 -20.39
C ARG A 57 11.79 -17.88 -19.77
N THR A 58 12.19 -17.64 -18.51
CA THR A 58 13.07 -18.56 -17.81
C THR A 58 12.48 -19.97 -17.77
N ARG A 59 13.31 -20.97 -18.08
CA ARG A 59 12.87 -22.36 -18.09
C ARG A 59 12.54 -22.83 -16.67
N LYS A 60 12.93 -24.07 -16.36
CA LYS A 60 12.66 -24.64 -15.04
C LYS A 60 13.36 -23.83 -13.95
N LEU A 61 14.61 -23.44 -14.21
CA LEU A 61 15.38 -22.66 -13.25
C LEU A 61 14.68 -21.34 -12.95
N SER B 5 9.32 -2.42 4.96
CA SER B 5 10.04 -1.22 5.43
C SER B 5 9.59 0.03 4.69
N GLU B 6 9.29 -0.13 3.40
CA GLU B 6 8.87 0.99 2.57
C GLU B 6 7.41 1.36 2.84
N ALA B 7 6.63 0.38 3.31
CA ALA B 7 5.22 0.59 3.62
C ALA B 7 5.04 1.14 5.02
N LEU B 8 6.01 0.85 5.84
CA LEU B 8 6.01 1.27 7.22
C LEU B 8 6.60 2.67 7.37
N LYS B 9 7.68 2.91 6.63
CA LYS B 9 8.38 4.19 6.65
C LYS B 9 7.72 5.20 5.73
N ILE B 10 6.99 4.71 4.72
CA ILE B 10 6.32 5.58 3.78
C ILE B 10 5.45 6.56 4.53
N LEU B 11 4.65 6.00 5.40
CA LEU B 11 3.74 6.76 6.22
C LEU B 11 4.32 6.90 7.62
N ASN B 12 5.47 6.23 7.82
CA ASN B 12 6.17 6.26 9.10
C ASN B 12 5.23 5.92 10.26
N ASN B 13 4.31 4.99 10.01
CA ASN B 13 3.34 4.53 11.01
C ASN B 13 2.42 5.65 11.47
N ILE B 14 1.12 5.37 11.45
CA ILE B 14 0.10 6.33 11.86
C ILE B 14 0.35 6.84 13.28
N ARG B 15 0.93 5.99 14.12
CA ARG B 15 1.23 6.37 15.50
C ARG B 15 2.07 7.64 15.55
N THR B 16 3.16 7.65 14.79
CA THR B 16 4.05 8.81 14.75
C THR B 16 3.42 9.96 13.99
N LEU B 17 2.66 9.62 12.94
CA LEU B 17 2.01 10.62 12.11
C LEU B 17 1.00 11.46 12.89
N ARG B 18 -0.01 10.80 13.46
CA ARG B 18 -1.06 11.49 14.20
C ARG B 18 -0.46 12.55 15.11
N ALA B 19 0.78 12.33 15.53
CA ALA B 19 1.47 13.26 16.41
C ALA B 19 2.11 14.40 15.63
N GLN B 20 2.85 14.06 14.58
CA GLN B 20 3.53 15.06 13.76
C GLN B 20 2.49 15.89 13.02
N ALA B 21 1.34 15.29 12.80
CA ALA B 21 0.23 15.95 12.12
C ALA B 21 -0.59 16.75 13.08
N ARG B 22 -0.45 16.45 14.39
CA ARG B 22 -1.19 17.18 15.42
C ARG B 22 -1.24 18.66 15.06
N GLU B 23 -0.19 19.12 14.40
CA GLU B 23 -0.07 20.50 13.97
C GLU B 23 -0.11 20.59 12.44
N SER B 24 -1.09 19.92 11.85
CA SER B 24 -1.23 19.90 10.40
C SER B 24 -2.52 19.19 9.98
N THR B 25 -3.03 19.58 8.81
CA THR B 25 -4.26 19.00 8.27
C THR B 25 -4.02 17.58 7.77
N LEU B 26 -5.11 16.84 7.48
CA LEU B 26 -5.00 15.48 7.00
C LEU B 26 -4.15 15.41 5.74
N GLU B 27 -3.91 16.56 5.11
CA GLU B 27 -3.11 16.60 3.89
C GLU B 27 -1.92 15.64 3.98
N THR B 28 -1.48 15.39 5.21
CA THR B 28 -0.37 14.48 5.44
C THR B 28 -0.66 13.13 4.79
N LEU B 29 -1.90 12.65 4.93
CA LEU B 29 -2.29 11.39 4.31
C LEU B 29 -2.30 11.53 2.80
N GLU B 30 -2.85 12.62 2.30
CA GLU B 30 -2.87 12.83 0.87
C GLU B 30 -1.45 12.80 0.34
N GLU B 31 -0.50 13.09 1.23
CA GLU B 31 0.91 13.07 0.87
C GLU B 31 1.47 11.65 0.96
N MET B 32 1.27 11.02 2.12
CA MET B 32 1.76 9.66 2.37
C MET B 32 0.75 8.59 1.97
N LEU B 33 -0.48 8.78 2.44
CA LEU B 33 -1.58 7.84 2.18
C LEU B 33 -1.86 7.70 0.68
N GLU B 34 -1.70 8.80 -0.06
CA GLU B 34 -1.91 8.77 -1.51
C GLU B 34 -0.87 7.89 -2.20
N LYS B 35 0.34 7.88 -1.65
CA LYS B 35 1.42 7.09 -2.21
C LYS B 35 1.34 5.68 -1.67
N LEU B 36 0.79 5.58 -0.48
CA LEU B 36 0.63 4.30 0.18
C LEU B 36 -0.36 3.45 -0.62
N GLU B 37 -1.24 4.13 -1.34
CA GLU B 37 -2.21 3.42 -2.16
C GLU B 37 -1.60 3.10 -3.51
N VAL B 38 -0.82 4.05 -4.05
CA VAL B 38 -0.17 3.85 -5.34
C VAL B 38 0.84 2.72 -5.24
N VAL B 39 1.50 2.61 -4.08
CA VAL B 39 2.46 1.53 -3.89
C VAL B 39 1.77 0.22 -4.16
N VAL B 40 0.56 0.07 -3.60
CA VAL B 40 -0.22 -1.13 -3.83
C VAL B 40 -0.95 -1.03 -5.17
N ASN B 41 -1.12 0.17 -5.68
CA ASN B 41 -1.77 0.31 -6.97
C ASN B 41 -1.04 -0.57 -7.96
N GLU B 42 0.28 -0.63 -7.78
CA GLU B 42 1.14 -1.47 -8.61
C GLU B 42 1.12 -2.91 -8.11
N ARG B 43 1.22 -3.06 -6.79
CA ARG B 43 1.21 -4.40 -6.17
C ARG B 43 -0.17 -5.03 -6.29
N ARG B 44 -1.17 -4.34 -5.79
CA ARG B 44 -2.55 -4.83 -5.83
C ARG B 44 -2.92 -5.38 -7.20
N GLU B 45 -2.45 -4.71 -8.25
CA GLU B 45 -2.76 -5.13 -9.61
C GLU B 45 -1.79 -6.19 -10.16
N GLU B 46 -0.50 -5.94 -10.06
CA GLU B 46 0.51 -6.87 -10.58
C GLU B 46 0.93 -7.92 -9.56
N GLU B 47 1.12 -7.50 -8.32
CA GLU B 47 1.54 -8.40 -7.27
C GLU B 47 0.45 -9.39 -6.88
N SER B 48 -0.78 -8.89 -6.73
CA SER B 48 -1.89 -9.77 -6.39
C SER B 48 -1.95 -10.86 -7.43
N ALA B 49 -1.59 -10.48 -8.66
CA ALA B 49 -1.54 -11.39 -9.78
C ALA B 49 -0.49 -12.46 -9.52
N ALA B 50 0.66 -12.04 -9.00
CA ALA B 50 1.75 -12.94 -8.68
C ALA B 50 1.29 -13.95 -7.62
N ALA B 51 0.53 -13.46 -6.66
CA ALA B 51 0.01 -14.30 -5.58
C ALA B 51 -1.00 -15.31 -6.11
N ALA B 52 -1.93 -14.83 -6.95
CA ALA B 52 -2.94 -15.69 -7.52
C ALA B 52 -2.31 -16.77 -8.38
N GLU B 53 -1.27 -16.39 -9.12
CA GLU B 53 -0.55 -17.32 -9.99
C GLU B 53 -0.02 -18.51 -9.19
N VAL B 54 0.56 -18.21 -8.03
CA VAL B 54 1.11 -19.24 -7.15
C VAL B 54 2.28 -19.95 -7.81
N GLU B 55 3.33 -20.18 -7.03
CA GLU B 55 4.53 -20.84 -7.54
C GLU B 55 5.36 -21.41 -6.39
N GLU B 56 5.89 -22.62 -6.60
CA GLU B 56 6.70 -23.27 -5.58
C GLU B 56 7.34 -24.54 -6.14
N ARG B 57 6.56 -25.30 -6.90
CA ARG B 57 7.05 -26.55 -7.50
C ARG B 57 6.01 -27.13 -8.45
N THR B 58 5.36 -26.26 -9.22
CA THR B 58 4.34 -26.69 -10.18
C THR B 58 4.96 -27.20 -11.46
N ARG B 59 6.10 -27.87 -11.35
CA ARG B 59 6.80 -28.42 -12.51
C ARG B 59 7.04 -27.34 -13.57
N LYS B 60 6.94 -27.72 -14.84
CA LYS B 60 7.14 -26.79 -15.95
C LYS B 60 6.03 -25.75 -15.99
N LEU B 61 4.78 -26.22 -15.90
CA LEU B 61 3.63 -25.33 -15.94
C LEU B 61 3.67 -24.34 -14.77
N SER A 5 -9.18 -2.38 -7.59
CA SER A 5 -9.23 -1.02 -6.99
C SER A 5 -9.30 -1.10 -5.46
N GLU A 6 -8.49 -1.98 -4.88
CA GLU A 6 -8.45 -2.16 -3.44
C GLU A 6 -7.59 -1.09 -2.77
N ALA A 7 -6.58 -0.62 -3.50
CA ALA A 7 -5.67 0.40 -2.98
C ALA A 7 -6.32 1.78 -3.07
N LEU A 8 -7.22 1.88 -4.02
CA LEU A 8 -7.95 3.10 -4.29
C LEU A 8 -9.17 3.20 -3.37
N LYS A 9 -9.82 2.06 -3.18
CA LYS A 9 -11.00 1.97 -2.34
C LYS A 9 -10.62 1.99 -0.86
N ILE A 10 -9.50 1.36 -0.54
CA ILE A 10 -9.01 1.31 0.83
C ILE A 10 -8.90 2.73 1.34
N LEU A 11 -8.18 3.49 0.57
CA LEU A 11 -7.92 4.88 0.83
C LEU A 11 -9.17 5.67 0.51
N ASN A 12 -9.95 5.12 -0.41
CA ASN A 12 -11.15 5.79 -0.89
C ASN A 12 -10.67 7.03 -1.64
N ASN A 13 -9.35 7.10 -1.78
CA ASN A 13 -8.67 8.20 -2.46
C ASN A 13 -8.80 9.50 -1.68
N ILE A 14 -7.65 10.09 -1.37
CA ILE A 14 -7.54 11.33 -0.62
C ILE A 14 -8.46 12.42 -1.17
N ARG A 15 -8.75 12.36 -2.47
CA ARG A 15 -9.61 13.36 -3.10
C ARG A 15 -10.95 13.50 -2.35
N THR A 16 -11.62 12.38 -2.14
CA THR A 16 -12.91 12.40 -1.43
C THR A 16 -12.71 12.29 0.08
N LEU A 17 -11.62 11.62 0.48
CA LEU A 17 -11.31 11.44 1.89
C LEU A 17 -11.10 12.76 2.60
N ARG A 18 -10.11 13.53 2.15
CA ARG A 18 -9.80 14.82 2.77
C ARG A 18 -11.08 15.61 3.03
N ALA A 19 -12.06 15.42 2.16
CA ALA A 19 -13.33 16.12 2.28
C ALA A 19 -14.24 15.46 3.32
N GLN A 20 -14.37 14.14 3.23
CA GLN A 20 -15.23 13.41 4.16
C GLN A 20 -14.66 13.54 5.58
N ALA A 21 -13.35 13.56 5.64
CA ALA A 21 -12.62 13.68 6.88
C ALA A 21 -12.44 15.13 7.26
N ARG A 22 -12.55 16.01 6.26
CA ARG A 22 -12.40 17.44 6.49
C ARG A 22 -13.17 17.86 7.74
N GLU A 23 -14.27 17.18 7.99
CA GLU A 23 -15.10 17.48 9.15
C GLU A 23 -14.69 16.63 10.36
N SER A 24 -13.40 16.31 10.46
CA SER A 24 -12.89 15.51 11.58
C SER A 24 -11.37 15.60 11.67
N THR A 25 -10.77 14.66 12.40
CA THR A 25 -9.32 14.61 12.59
C THR A 25 -8.68 13.72 11.53
N LEU A 26 -7.37 13.90 11.32
CA LEU A 26 -6.63 13.10 10.35
C LEU A 26 -6.73 11.62 10.68
N GLU A 27 -7.18 11.32 11.91
CA GLU A 27 -7.30 9.92 12.34
C GLU A 27 -7.83 9.04 11.21
N THR A 28 -8.56 9.66 10.28
CA THR A 28 -9.10 8.95 9.13
C THR A 28 -7.98 8.18 8.44
N LEU A 29 -6.81 8.82 8.32
CA LEU A 29 -5.66 8.17 7.72
C LEU A 29 -5.16 7.07 8.64
N GLU A 30 -5.12 7.34 9.94
CA GLU A 30 -4.69 6.33 10.87
C GLU A 30 -5.57 5.10 10.67
N GLU A 31 -6.77 5.33 10.14
CA GLU A 31 -7.70 4.26 9.85
C GLU A 31 -7.42 3.62 8.49
N MET A 32 -7.35 4.45 7.46
CA MET A 32 -7.10 3.98 6.09
C MET A 32 -5.61 3.92 5.77
N LEU A 33 -4.90 4.99 6.11
CA LEU A 33 -3.46 5.09 5.87
C LEU A 33 -2.70 3.99 6.61
N GLU A 34 -3.31 3.45 7.66
CA GLU A 34 -2.71 2.37 8.43
C GLU A 34 -2.88 1.04 7.70
N LYS A 35 -3.98 0.91 6.97
CA LYS A 35 -4.26 -0.32 6.24
C LYS A 35 -3.61 -0.26 4.88
N LEU A 36 -3.56 0.95 4.35
CA LEU A 36 -2.96 1.18 3.04
C LEU A 36 -1.48 0.87 3.09
N GLU A 37 -0.90 0.97 4.28
CA GLU A 37 0.52 0.67 4.44
C GLU A 37 0.72 -0.82 4.65
N VAL A 38 -0.14 -1.41 5.48
CA VAL A 38 -0.06 -2.83 5.76
C VAL A 38 -0.36 -3.63 4.50
N VAL A 39 -1.21 -3.10 3.62
CA VAL A 39 -1.52 -3.80 2.37
C VAL A 39 -0.21 -4.02 1.64
N VAL A 40 0.62 -2.97 1.60
CA VAL A 40 1.92 -3.09 0.96
C VAL A 40 2.87 -3.84 1.86
N ASN A 41 2.75 -3.66 3.17
CA ASN A 41 3.61 -4.36 4.11
C ASN A 41 3.72 -5.81 3.67
N GLU A 42 2.60 -6.34 3.20
CA GLU A 42 2.55 -7.71 2.71
C GLU A 42 3.19 -7.80 1.32
N ARG A 43 2.84 -6.87 0.44
CA ARG A 43 3.40 -6.84 -0.91
C ARG A 43 4.86 -6.39 -0.89
N ARG A 44 5.13 -5.26 -0.28
CA ARG A 44 6.49 -4.74 -0.19
C ARG A 44 7.47 -5.86 0.13
N GLU A 45 7.05 -6.78 1.00
CA GLU A 45 7.88 -7.91 1.39
C GLU A 45 7.78 -9.10 0.43
N GLU A 46 6.54 -9.45 0.04
CA GLU A 46 6.33 -10.59 -0.86
C GLU A 46 6.46 -10.20 -2.33
N GLU A 47 5.89 -9.05 -2.68
CA GLU A 47 5.94 -8.56 -4.05
C GLU A 47 7.37 -8.44 -4.53
N SER A 48 8.22 -7.83 -3.70
CA SER A 48 9.63 -7.69 -4.04
C SER A 48 10.19 -9.06 -4.33
N ALA A 49 9.71 -10.03 -3.55
CA ALA A 49 10.11 -11.41 -3.70
C ALA A 49 9.63 -11.97 -5.05
N ALA A 50 8.41 -11.58 -5.43
CA ALA A 50 7.84 -12.01 -6.70
C ALA A 50 8.65 -11.47 -7.86
N ALA A 51 9.09 -10.23 -7.73
CA ALA A 51 9.89 -9.59 -8.77
C ALA A 51 11.16 -10.38 -9.03
N ALA A 52 11.76 -10.88 -7.95
CA ALA A 52 12.99 -11.67 -8.06
C ALA A 52 12.66 -13.11 -8.46
N GLU A 53 11.50 -13.57 -8.01
CA GLU A 53 11.03 -14.93 -8.31
C GLU A 53 10.80 -15.14 -9.80
N VAL A 54 10.34 -14.10 -10.49
CA VAL A 54 10.06 -14.19 -11.92
C VAL A 54 11.34 -14.21 -12.76
N GLU A 55 12.20 -15.19 -12.48
CA GLU A 55 13.46 -15.33 -13.21
C GLU A 55 13.21 -15.42 -14.72
N GLU A 56 14.13 -14.85 -15.50
CA GLU A 56 14.00 -14.87 -16.95
C GLU A 56 15.33 -15.19 -17.62
N ARG A 57 16.41 -14.61 -17.09
CA ARG A 57 17.75 -14.84 -17.64
C ARG A 57 18.10 -16.32 -17.61
N THR A 58 17.85 -16.97 -16.48
CA THR A 58 18.16 -18.39 -16.33
C THR A 58 17.39 -19.24 -17.33
N ARG A 59 18.11 -20.10 -18.04
CA ARG A 59 17.50 -20.98 -19.03
C ARG A 59 16.57 -21.98 -18.36
N LYS A 60 15.42 -22.23 -18.99
CA LYS A 60 14.43 -23.16 -18.44
C LYS A 60 13.33 -23.43 -19.46
N LEU A 61 13.72 -23.85 -20.66
CA LEU A 61 12.76 -24.14 -21.72
C LEU A 61 11.82 -25.27 -21.31
N SER B 5 8.54 -2.36 5.45
CA SER B 5 9.52 -1.29 5.78
C SER B 5 9.28 -0.05 4.94
N GLU B 6 9.02 -0.24 3.66
CA GLU B 6 8.76 0.85 2.74
C GLU B 6 7.37 1.42 2.96
N ALA B 7 6.42 0.54 3.20
CA ALA B 7 5.03 0.94 3.45
C ALA B 7 4.87 1.44 4.87
N LEU B 8 5.81 1.05 5.70
CA LEU B 8 5.82 1.43 7.09
C LEU B 8 6.42 2.83 7.25
N LYS B 9 7.51 3.05 6.52
CA LYS B 9 8.22 4.32 6.53
C LYS B 9 7.59 5.31 5.56
N ILE B 10 6.87 4.79 4.55
CA ILE B 10 6.22 5.64 3.57
C ILE B 10 5.36 6.66 4.28
N LEU B 11 4.62 6.17 5.25
CA LEU B 11 3.74 7.01 6.04
C LEU B 11 4.35 7.23 7.42
N ASN B 12 5.42 6.49 7.70
CA ASN B 12 6.11 6.59 8.99
C ASN B 12 5.18 6.16 10.12
N ASN B 13 4.33 5.18 9.83
CA ASN B 13 3.39 4.65 10.81
C ASN B 13 2.40 5.71 11.27
N ILE B 14 1.12 5.40 11.17
CA ILE B 14 0.05 6.32 11.58
C ILE B 14 0.26 6.80 13.01
N ARG B 15 0.88 5.98 13.83
CA ARG B 15 1.14 6.33 15.22
C ARG B 15 1.98 7.61 15.31
N THR B 16 3.06 7.66 14.55
CA THR B 16 3.95 8.81 14.54
C THR B 16 3.39 9.94 13.67
N LEU B 17 2.81 9.58 12.54
CA LEU B 17 2.26 10.57 11.62
C LEU B 17 1.10 11.34 12.25
N ARG B 18 0.11 10.60 12.75
CA ARG B 18 -1.06 11.19 13.36
C ARG B 18 -0.66 12.26 14.38
N ALA B 19 0.50 12.09 14.98
CA ALA B 19 0.99 13.04 15.98
C ALA B 19 1.75 14.20 15.35
N GLN B 20 2.71 13.89 14.48
CA GLN B 20 3.50 14.92 13.83
C GLN B 20 2.61 15.79 12.96
N ALA B 21 1.59 15.16 12.41
CA ALA B 21 0.63 15.82 11.56
C ALA B 21 -0.46 16.45 12.40
N ARG B 22 -0.65 15.92 13.60
CA ARG B 22 -1.66 16.43 14.51
C ARG B 22 -1.60 17.95 14.57
N GLU B 23 -0.40 18.48 14.41
CA GLU B 23 -0.18 19.92 14.44
C GLU B 23 -0.46 20.55 13.08
N SER B 24 -1.30 19.92 12.28
CA SER B 24 -1.63 20.44 10.95
C SER B 24 -2.92 19.81 10.40
N THR B 25 -3.05 19.79 9.08
CA THR B 25 -4.22 19.24 8.42
C THR B 25 -3.97 17.79 7.99
N LEU B 26 -5.04 17.03 7.78
CA LEU B 26 -4.92 15.65 7.36
C LEU B 26 -4.22 15.56 6.03
N GLU B 27 -4.08 16.70 5.34
CA GLU B 27 -3.44 16.73 4.02
C GLU B 27 -2.21 15.81 4.01
N THR B 28 -1.64 15.59 5.19
CA THR B 28 -0.49 14.71 5.34
C THR B 28 -0.77 13.35 4.68
N LEU B 29 -2.01 12.88 4.81
CA LEU B 29 -2.40 11.62 4.20
C LEU B 29 -2.39 11.74 2.69
N GLU B 30 -2.95 12.82 2.17
CA GLU B 30 -2.94 13.01 0.73
C GLU B 30 -1.49 13.02 0.27
N GLU B 31 -0.59 13.31 1.21
CA GLU B 31 0.83 13.33 0.91
C GLU B 31 1.41 11.91 0.98
N MET B 32 1.22 11.26 2.13
CA MET B 32 1.74 9.91 2.34
C MET B 32 0.72 8.83 1.95
N LEU B 33 -0.53 9.03 2.38
CA LEU B 33 -1.61 8.08 2.11
C LEU B 33 -1.89 7.94 0.62
N GLU B 34 -1.87 9.05 -0.11
CA GLU B 34 -2.12 9.02 -1.56
C GLU B 34 -1.06 8.19 -2.28
N LYS B 35 0.15 8.21 -1.75
CA LYS B 35 1.26 7.47 -2.34
C LYS B 35 1.23 6.06 -1.80
N LEU B 36 0.66 5.92 -0.62
CA LEU B 36 0.54 4.64 0.03
C LEU B 36 -0.42 3.76 -0.75
N GLU B 37 -1.35 4.39 -1.46
CA GLU B 37 -2.31 3.65 -2.26
C GLU B 37 -1.71 3.29 -3.61
N VAL B 38 -0.93 4.22 -4.17
CA VAL B 38 -0.29 3.98 -5.46
C VAL B 38 0.84 2.97 -5.30
N VAL B 39 1.58 3.08 -4.19
CA VAL B 39 2.67 2.17 -3.93
C VAL B 39 2.16 0.74 -3.96
N VAL B 40 1.06 0.50 -3.27
CA VAL B 40 0.47 -0.82 -3.27
C VAL B 40 -0.35 -1.02 -4.53
N ASN B 41 -0.93 0.06 -5.04
CA ASN B 41 -1.73 -0.01 -6.26
C ASN B 41 -1.02 -0.88 -7.29
N GLU B 42 0.29 -0.67 -7.39
CA GLU B 42 1.11 -1.45 -8.31
C GLU B 42 1.13 -2.91 -7.87
N ARG B 43 1.25 -3.13 -6.57
CA ARG B 43 1.26 -4.48 -6.02
C ARG B 43 -0.13 -5.08 -6.03
N ARG B 44 -1.09 -4.32 -5.52
CA ARG B 44 -2.48 -4.76 -5.47
C ARG B 44 -2.90 -5.38 -6.80
N GLU B 45 -2.48 -4.77 -7.90
CA GLU B 45 -2.83 -5.26 -9.23
C GLU B 45 -1.83 -6.31 -9.77
N GLU B 46 -0.54 -6.03 -9.64
CA GLU B 46 0.49 -6.94 -10.16
C GLU B 46 0.90 -8.00 -9.15
N GLU B 47 1.08 -7.60 -7.91
CA GLU B 47 1.46 -8.53 -6.85
C GLU B 47 0.43 -9.64 -6.71
N SER B 48 -0.85 -9.27 -6.68
CA SER B 48 -1.91 -10.25 -6.59
C SER B 48 -1.79 -11.20 -7.76
N ALA B 49 -1.37 -10.64 -8.90
CA ALA B 49 -1.15 -11.40 -10.11
C ALA B 49 -0.03 -12.40 -9.91
N ALA B 50 1.03 -11.94 -9.24
CA ALA B 50 2.19 -12.79 -8.96
C ALA B 50 1.77 -13.98 -8.08
N ALA B 51 0.94 -13.68 -7.08
CA ALA B 51 0.45 -14.70 -6.17
C ALA B 51 -0.29 -15.79 -6.93
N ALA B 52 -1.04 -15.40 -7.95
CA ALA B 52 -1.81 -16.34 -8.75
C ALA B 52 -0.90 -17.13 -9.70
N GLU B 53 0.01 -16.42 -10.35
CA GLU B 53 0.94 -17.07 -11.30
C GLU B 53 2.05 -17.82 -10.57
N VAL B 54 2.01 -17.78 -9.24
CA VAL B 54 3.03 -18.45 -8.43
C VAL B 54 3.29 -19.87 -8.94
N GLU B 55 2.25 -20.51 -9.46
CA GLU B 55 2.36 -21.87 -9.99
C GLU B 55 2.62 -22.87 -8.87
N GLU B 56 1.85 -23.96 -8.88
CA GLU B 56 1.98 -25.01 -7.87
C GLU B 56 0.97 -26.13 -8.14
N ARG B 57 0.96 -26.61 -9.39
CA ARG B 57 0.05 -27.68 -9.78
C ARG B 57 0.56 -28.39 -11.03
N THR B 58 1.12 -27.61 -11.95
CA THR B 58 1.65 -28.17 -13.19
C THR B 58 2.64 -29.29 -12.90
N ARG B 59 2.64 -30.30 -13.77
CA ARG B 59 3.52 -31.46 -13.62
C ARG B 59 4.96 -31.13 -13.99
N LYS B 60 5.44 -29.95 -13.59
CA LYS B 60 6.81 -29.55 -13.88
C LYS B 60 7.79 -30.40 -13.09
N LEU B 61 8.84 -30.87 -13.76
CA LEU B 61 9.85 -31.70 -13.12
C LEU B 61 11.03 -31.96 -14.06
N SER A 5 -8.93 -2.48 -7.73
CA SER A 5 -8.92 -1.10 -7.17
C SER A 5 -9.09 -1.13 -5.66
N GLU A 6 -8.37 -2.01 -5.00
CA GLU A 6 -8.43 -2.15 -3.55
C GLU A 6 -7.59 -1.08 -2.86
N ALA A 7 -6.55 -0.60 -3.55
CA ALA A 7 -5.67 0.42 -3.00
C ALA A 7 -6.31 1.79 -3.11
N LEU A 8 -7.18 1.91 -4.09
CA LEU A 8 -7.89 3.12 -4.37
C LEU A 8 -9.13 3.23 -3.50
N LYS A 9 -9.76 2.07 -3.29
CA LYS A 9 -10.97 1.98 -2.49
C LYS A 9 -10.64 1.83 -1.01
N ILE A 10 -9.47 1.26 -0.71
CA ILE A 10 -9.05 1.07 0.66
C ILE A 10 -9.12 2.38 1.41
N LEU A 11 -8.48 3.37 0.85
CA LEU A 11 -8.47 4.69 1.42
C LEU A 11 -9.56 5.53 0.76
N ASN A 12 -10.15 4.96 -0.29
CA ASN A 12 -11.22 5.64 -1.03
C ASN A 12 -10.69 6.92 -1.67
N ASN A 13 -9.40 6.94 -1.99
CA ASN A 13 -8.77 8.09 -2.62
C ASN A 13 -8.80 9.33 -1.71
N ILE A 14 -7.64 9.94 -1.54
CA ILE A 14 -7.51 11.13 -0.70
C ILE A 14 -8.39 12.28 -1.20
N ARG A 15 -8.78 12.22 -2.46
CA ARG A 15 -9.61 13.27 -3.06
C ARG A 15 -10.96 13.41 -2.32
N THR A 16 -11.71 12.31 -2.23
CA THR A 16 -13.00 12.34 -1.54
C THR A 16 -12.80 12.30 -0.04
N LEU A 17 -11.76 11.62 0.40
CA LEU A 17 -11.46 11.51 1.83
C LEU A 17 -11.21 12.89 2.42
N ARG A 18 -10.39 13.69 1.73
CA ARG A 18 -10.07 15.04 2.19
C ARG A 18 -11.33 15.74 2.70
N ALA A 19 -12.43 15.50 2.02
CA ALA A 19 -13.71 16.10 2.39
C ALA A 19 -14.45 15.23 3.41
N GLN A 20 -14.39 13.92 3.18
CA GLN A 20 -15.02 12.96 4.06
C GLN A 20 -14.54 13.15 5.47
N ALA A 21 -13.25 13.37 5.57
CA ALA A 21 -12.58 13.58 6.83
C ALA A 21 -12.58 15.05 7.21
N ARG A 22 -12.80 15.90 6.21
CA ARG A 22 -12.82 17.34 6.43
C ARG A 22 -13.62 17.66 7.68
N GLU A 23 -14.61 16.83 7.97
CA GLU A 23 -15.45 17.02 9.14
C GLU A 23 -14.93 16.22 10.34
N SER A 24 -13.60 16.11 10.46
CA SER A 24 -13.01 15.37 11.57
C SER A 24 -11.49 15.58 11.64
N THR A 25 -10.81 14.72 12.38
CA THR A 25 -9.36 14.79 12.55
C THR A 25 -8.65 13.86 11.58
N LEU A 26 -7.34 14.03 11.42
CA LEU A 26 -6.56 13.19 10.53
C LEU A 26 -6.65 11.74 10.95
N GLU A 27 -7.12 11.50 12.18
CA GLU A 27 -7.24 10.13 12.70
C GLU A 27 -7.74 9.19 11.61
N THR A 28 -8.47 9.76 10.64
CA THR A 28 -9.00 8.98 9.53
C THR A 28 -7.86 8.20 8.86
N LEU A 29 -6.71 8.85 8.69
CA LEU A 29 -5.55 8.20 8.10
C LEU A 29 -5.04 7.10 9.02
N GLU A 30 -4.94 7.39 10.30
CA GLU A 30 -4.50 6.38 11.24
C GLU A 30 -5.39 5.15 11.09
N GLU A 31 -6.61 5.39 10.61
CA GLU A 31 -7.57 4.32 10.39
C GLU A 31 -7.34 3.66 9.03
N MET A 32 -7.29 4.47 7.99
CA MET A 32 -7.09 3.97 6.62
C MET A 32 -5.61 3.86 6.26
N LEU A 33 -4.85 4.91 6.55
CA LEU A 33 -3.42 4.97 6.26
C LEU A 33 -2.72 3.73 6.82
N GLU A 34 -3.09 3.35 8.03
CA GLU A 34 -2.51 2.18 8.68
C GLU A 34 -2.84 0.90 7.93
N LYS A 35 -4.00 0.87 7.28
CA LYS A 35 -4.43 -0.32 6.53
C LYS A 35 -3.85 -0.28 5.13
N LEU A 36 -3.77 0.91 4.59
CA LEU A 36 -3.22 1.13 3.27
C LEU A 36 -1.73 0.82 3.31
N GLU A 37 -1.19 0.88 4.52
CA GLU A 37 0.21 0.59 4.76
C GLU A 37 0.43 -0.91 4.95
N VAL A 38 -0.45 -1.53 5.73
CA VAL A 38 -0.36 -2.97 5.97
C VAL A 38 -0.68 -3.74 4.70
N VAL A 39 -1.61 -3.20 3.91
CA VAL A 39 -1.98 -3.83 2.65
C VAL A 39 -0.73 -4.00 1.80
N VAL A 40 0.03 -2.92 1.65
CA VAL A 40 1.27 -2.99 0.89
C VAL A 40 2.38 -3.57 1.75
N ASN A 41 2.20 -3.54 3.06
CA ASN A 41 3.21 -4.11 3.95
C ASN A 41 3.48 -5.54 3.54
N GLU A 42 2.40 -6.23 3.23
CA GLU A 42 2.48 -7.62 2.78
C GLU A 42 3.02 -7.68 1.35
N ARG A 43 2.53 -6.78 0.51
CA ARG A 43 2.95 -6.71 -0.89
C ARG A 43 4.41 -6.27 -0.99
N ARG A 44 4.72 -5.22 -0.28
CA ARG A 44 6.07 -4.66 -0.26
C ARG A 44 7.10 -5.75 -0.03
N GLU A 45 6.82 -6.64 0.91
CA GLU A 45 7.73 -7.74 1.24
C GLU A 45 7.56 -8.96 0.32
N GLU A 46 6.33 -9.24 -0.09
CA GLU A 46 6.05 -10.40 -0.94
C GLU A 46 6.44 -10.13 -2.39
N GLU A 47 6.18 -8.93 -2.84
CA GLU A 47 6.49 -8.52 -4.20
C GLU A 47 7.98 -8.64 -4.48
N SER A 48 8.79 -8.13 -3.55
CA SER A 48 10.23 -8.23 -3.69
C SER A 48 10.59 -9.69 -3.83
N ALA A 49 9.84 -10.52 -3.12
CA ALA A 49 10.00 -11.96 -3.14
C ALA A 49 9.63 -12.52 -4.51
N ALA A 50 8.54 -12.00 -5.07
CA ALA A 50 8.06 -12.43 -6.38
C ALA A 50 9.10 -12.15 -7.46
N ALA A 51 9.75 -10.99 -7.35
CA ALA A 51 10.76 -10.59 -8.32
C ALA A 51 12.03 -11.42 -8.17
N ALA A 52 12.43 -11.68 -6.93
CA ALA A 52 13.62 -12.45 -6.65
C ALA A 52 13.47 -13.92 -7.05
N GLU A 53 12.30 -14.49 -6.78
CA GLU A 53 12.04 -15.89 -7.11
C GLU A 53 12.00 -16.11 -8.62
N VAL A 54 11.31 -15.24 -9.35
CA VAL A 54 11.20 -15.37 -10.79
C VAL A 54 12.55 -15.24 -11.48
N GLU A 55 13.32 -14.23 -11.11
CA GLU A 55 14.64 -14.00 -11.70
C GLU A 55 15.70 -14.86 -11.01
N GLU A 56 16.48 -15.60 -11.79
CA GLU A 56 17.52 -16.44 -11.25
C GLU A 56 18.66 -16.61 -12.25
N ARG A 57 18.35 -17.21 -13.40
CA ARG A 57 19.33 -17.44 -14.45
C ARG A 57 18.62 -17.64 -15.79
N THR A 58 17.59 -18.49 -15.78
CA THR A 58 16.83 -18.78 -16.99
C THR A 58 15.82 -17.67 -17.29
N ARG A 59 15.76 -17.28 -18.55
CA ARG A 59 14.82 -16.24 -18.98
C ARG A 59 13.38 -16.69 -18.78
N LYS A 60 13.14 -17.98 -19.04
CA LYS A 60 11.80 -18.55 -18.90
C LYS A 60 10.83 -17.89 -19.87
N LEU A 61 11.26 -17.78 -21.13
CA LEU A 61 10.43 -17.16 -22.17
C LEU A 61 9.14 -17.97 -22.38
N SER B 5 11.06 -1.93 4.35
CA SER B 5 10.05 -1.28 5.23
C SER B 5 9.61 0.06 4.66
N GLU B 6 9.34 0.09 3.36
CA GLU B 6 8.91 1.31 2.69
C GLU B 6 7.47 1.64 3.03
N ALA B 7 6.69 0.61 3.32
CA ALA B 7 5.28 0.78 3.66
C ALA B 7 5.13 1.42 5.02
N LEU B 8 6.13 1.17 5.84
CA LEU B 8 6.19 1.67 7.20
C LEU B 8 6.72 3.09 7.26
N LYS B 9 7.75 3.34 6.47
CA LYS B 9 8.40 4.65 6.42
C LYS B 9 7.68 5.58 5.45
N ILE B 10 6.97 5.00 4.48
CA ILE B 10 6.25 5.80 3.50
C ILE B 10 5.35 6.76 4.23
N LEU B 11 4.44 6.20 4.99
CA LEU B 11 3.52 6.97 5.78
C LEU B 11 4.20 7.30 7.10
N ASN B 12 5.34 6.65 7.32
CA ASN B 12 6.11 6.85 8.55
C ASN B 12 5.28 6.46 9.78
N ASN B 13 4.44 5.44 9.62
CA ASN B 13 3.58 4.96 10.70
C ASN B 13 2.61 6.03 11.18
N ILE B 14 1.32 5.68 11.20
CA ILE B 14 0.28 6.61 11.65
C ILE B 14 0.53 7.10 13.07
N ARG B 15 1.20 6.26 13.87
CA ARG B 15 1.51 6.62 15.25
C ARG B 15 2.36 7.89 15.31
N THR B 16 3.43 7.91 14.53
CA THR B 16 4.31 9.07 14.48
C THR B 16 3.72 10.19 13.62
N LEU B 17 3.07 9.80 12.54
CA LEU B 17 2.46 10.76 11.63
C LEU B 17 1.37 11.57 12.32
N ARG B 18 0.43 10.87 12.93
CA ARG B 18 -0.68 11.51 13.62
C ARG B 18 -0.20 12.64 14.53
N ALA B 19 1.00 12.48 15.06
CA ALA B 19 1.58 13.48 15.96
C ALA B 19 2.28 14.59 15.20
N GLN B 20 3.15 14.22 14.27
CA GLN B 20 3.88 15.20 13.47
C GLN B 20 2.92 16.04 12.66
N ALA B 21 1.85 15.39 12.24
CA ALA B 21 0.80 16.02 11.46
C ALA B 21 -0.20 16.70 12.38
N ARG B 22 -0.28 16.20 13.61
CA ARG B 22 -1.20 16.74 14.60
C ARG B 22 -1.15 18.27 14.57
N GLU B 23 0.02 18.80 14.25
CA GLU B 23 0.21 20.24 14.17
C GLU B 23 -0.20 20.79 12.80
N SER B 24 -1.15 20.13 12.15
CA SER B 24 -1.60 20.57 10.84
C SER B 24 -2.92 19.91 10.45
N THR B 25 -3.17 19.83 9.14
CA THR B 25 -4.40 19.24 8.62
C THR B 25 -4.14 17.80 8.15
N LEU B 26 -5.22 17.04 7.94
CA LEU B 26 -5.11 15.67 7.49
C LEU B 26 -4.38 15.60 6.15
N GLU B 27 -4.25 16.75 5.48
CA GLU B 27 -3.59 16.81 4.18
C GLU B 27 -2.36 15.90 4.16
N THR B 28 -1.79 15.67 5.35
CA THR B 28 -0.64 14.79 5.48
C THR B 28 -0.93 13.45 4.82
N LEU B 29 -2.15 12.93 5.01
CA LEU B 29 -2.54 11.67 4.40
C LEU B 29 -2.67 11.84 2.90
N GLU B 30 -3.31 12.91 2.46
CA GLU B 30 -3.44 13.14 1.04
C GLU B 30 -2.04 13.14 0.43
N GLU B 31 -1.06 13.46 1.26
CA GLU B 31 0.33 13.48 0.85
C GLU B 31 0.95 12.07 0.92
N MET B 32 0.84 11.44 2.08
CA MET B 32 1.39 10.09 2.29
C MET B 32 0.40 8.99 1.92
N LEU B 33 -0.84 9.15 2.38
CA LEU B 33 -1.91 8.17 2.11
C LEU B 33 -2.07 7.95 0.61
N GLU B 34 -1.96 9.03 -0.15
CA GLU B 34 -2.07 8.96 -1.61
C GLU B 34 -0.93 8.15 -2.21
N LYS B 35 0.22 8.16 -1.55
CA LYS B 35 1.38 7.43 -2.02
C LYS B 35 1.34 6.01 -1.50
N LEU B 36 0.79 5.88 -0.31
CA LEU B 36 0.64 4.60 0.33
C LEU B 36 -0.34 3.73 -0.44
N GLU B 37 -1.22 4.39 -1.19
CA GLU B 37 -2.20 3.67 -2.00
C GLU B 37 -1.59 3.31 -3.35
N VAL B 38 -0.83 4.25 -3.92
CA VAL B 38 -0.17 4.01 -5.20
C VAL B 38 0.91 2.96 -5.04
N VAL B 39 1.59 2.97 -3.88
CA VAL B 39 2.63 2.00 -3.63
C VAL B 39 2.05 0.61 -3.75
N VAL B 40 0.92 0.38 -3.09
CA VAL B 40 0.24 -0.90 -3.17
C VAL B 40 -0.58 -0.97 -4.45
N ASN B 41 -0.88 0.17 -5.04
CA ASN B 41 -1.64 0.19 -6.29
C ASN B 41 -0.92 -0.65 -7.32
N GLU B 42 0.40 -0.48 -7.36
CA GLU B 42 1.25 -1.22 -8.27
C GLU B 42 1.31 -2.68 -7.85
N ARG B 43 1.46 -2.90 -6.53
CA ARG B 43 1.52 -4.25 -5.97
C ARG B 43 0.17 -4.94 -6.11
N ARG B 44 -0.86 -4.25 -5.68
CA ARG B 44 -2.22 -4.76 -5.74
C ARG B 44 -2.50 -5.38 -7.11
N GLU B 45 -2.05 -4.69 -8.15
CA GLU B 45 -2.24 -5.14 -9.52
C GLU B 45 -1.23 -6.22 -9.95
N GLU B 46 0.04 -6.06 -9.56
CA GLU B 46 1.09 -7.01 -9.93
C GLU B 46 1.04 -8.27 -9.08
N GLU B 47 0.81 -8.08 -7.80
CA GLU B 47 0.72 -9.18 -6.85
C GLU B 47 -0.31 -10.20 -7.28
N SER B 48 -1.49 -9.72 -7.63
CA SER B 48 -2.56 -10.60 -8.10
C SER B 48 -2.04 -11.36 -9.31
N ALA B 49 -1.23 -10.67 -10.10
CA ALA B 49 -0.62 -11.24 -11.28
C ALA B 49 0.38 -12.32 -10.89
N ALA B 50 1.14 -12.07 -9.83
CA ALA B 50 2.12 -13.01 -9.34
C ALA B 50 1.45 -14.30 -8.88
N ALA B 51 0.32 -14.15 -8.20
CA ALA B 51 -0.43 -15.30 -7.71
C ALA B 51 -1.04 -16.10 -8.86
N ALA B 52 -1.56 -15.40 -9.85
CA ALA B 52 -2.18 -16.03 -11.01
C ALA B 52 -1.15 -16.80 -11.85
N GLU B 53 0.01 -16.20 -12.07
CA GLU B 53 1.05 -16.82 -12.87
C GLU B 53 1.65 -18.04 -12.19
N VAL B 54 1.92 -17.94 -10.90
CA VAL B 54 2.51 -19.06 -10.15
C VAL B 54 1.57 -20.26 -10.14
N GLU B 55 0.29 -20.03 -9.92
CA GLU B 55 -0.69 -21.11 -9.89
C GLU B 55 -0.77 -21.80 -11.24
N GLU B 56 -0.60 -23.13 -11.22
CA GLU B 56 -0.65 -23.94 -12.44
C GLU B 56 -1.03 -25.37 -12.11
N ARG B 57 -1.66 -26.05 -13.07
CA ARG B 57 -2.08 -27.44 -12.88
C ARG B 57 -0.89 -28.39 -12.96
N THR B 58 0.21 -28.02 -12.31
CA THR B 58 1.42 -28.85 -12.30
C THR B 58 2.18 -28.67 -10.99
N ARG B 59 2.22 -27.44 -10.50
CA ARG B 59 2.92 -27.11 -9.26
C ARG B 59 4.42 -27.34 -9.39
N LYS B 60 5.20 -26.33 -9.01
CA LYS B 60 6.65 -26.41 -9.08
C LYS B 60 7.19 -27.45 -8.09
N LEU B 61 8.15 -28.24 -8.53
CA LEU B 61 8.75 -29.27 -7.68
C LEU B 61 9.96 -29.90 -8.36
N SER A 5 -8.17 -1.53 -7.19
CA SER A 5 -9.52 -1.10 -6.74
C SER A 5 -9.59 -1.04 -5.21
N GLU A 6 -9.03 -2.06 -4.57
CA GLU A 6 -9.04 -2.13 -3.11
C GLU A 6 -8.05 -1.13 -2.52
N ALA A 7 -6.99 -0.84 -3.27
CA ALA A 7 -5.96 0.10 -2.83
C ALA A 7 -6.47 1.54 -2.95
N LEU A 8 -7.40 1.70 -3.87
CA LEU A 8 -8.00 2.97 -4.15
C LEU A 8 -9.15 3.21 -3.19
N LYS A 9 -9.90 2.15 -2.94
CA LYS A 9 -11.05 2.17 -2.04
C LYS A 9 -10.63 1.98 -0.58
N ILE A 10 -9.45 1.39 -0.37
CA ILE A 10 -8.96 1.16 0.98
C ILE A 10 -8.92 2.48 1.72
N LEU A 11 -8.34 3.45 1.06
CA LEU A 11 -8.22 4.79 1.59
C LEU A 11 -9.33 5.66 1.00
N ASN A 12 -10.00 5.11 -0.01
CA ASN A 12 -11.09 5.81 -0.69
C ASN A 12 -10.56 7.04 -1.41
N ASN A 13 -9.31 6.96 -1.88
CA ASN A 13 -8.69 8.07 -2.59
C ASN A 13 -8.61 9.32 -1.71
N ILE A 14 -7.41 9.88 -1.58
CA ILE A 14 -7.20 11.08 -0.77
C ILE A 14 -8.09 12.22 -1.23
N ARG A 15 -8.48 12.23 -2.50
CA ARG A 15 -9.33 13.27 -3.04
C ARG A 15 -10.69 13.28 -2.34
N THR A 16 -11.36 12.13 -2.30
CA THR A 16 -12.65 12.01 -1.65
C THR A 16 -12.49 12.10 -0.14
N LEU A 17 -11.36 11.60 0.34
CA LEU A 17 -11.05 11.62 1.76
C LEU A 17 -10.94 13.04 2.30
N ARG A 18 -10.05 13.83 1.70
CA ARG A 18 -9.83 15.20 2.12
C ARG A 18 -11.15 15.93 2.35
N ALA A 19 -12.18 15.49 1.63
CA ALA A 19 -13.50 16.10 1.74
C ALA A 19 -14.34 15.48 2.85
N GLN A 20 -14.41 14.15 2.86
CA GLN A 20 -15.21 13.45 3.87
C GLN A 20 -14.61 13.69 5.25
N ALA A 21 -13.29 13.75 5.27
CA ALA A 21 -12.55 13.96 6.49
C ALA A 21 -12.41 15.43 6.79
N ARG A 22 -12.60 16.25 5.75
CA ARG A 22 -12.49 17.70 5.91
C ARG A 22 -13.18 18.13 7.20
N GLU A 23 -14.22 17.38 7.57
CA GLU A 23 -14.97 17.66 8.79
C GLU A 23 -14.56 16.70 9.90
N SER A 24 -13.25 16.46 10.02
CA SER A 24 -12.73 15.55 11.04
C SER A 24 -11.20 15.59 11.07
N THR A 25 -10.62 14.94 12.07
CA THR A 25 -9.17 14.88 12.22
C THR A 25 -8.53 13.96 11.19
N LEU A 26 -7.20 13.90 11.19
CA LEU A 26 -6.46 13.07 10.28
C LEU A 26 -6.60 11.61 10.67
N GLU A 27 -7.08 11.36 11.87
CA GLU A 27 -7.24 9.99 12.37
C GLU A 27 -7.75 9.06 11.26
N THR A 28 -8.46 9.63 10.30
CA THR A 28 -8.98 8.87 9.18
C THR A 28 -7.86 8.06 8.53
N LEU A 29 -6.68 8.66 8.43
CA LEU A 29 -5.53 7.98 7.86
C LEU A 29 -5.08 6.86 8.80
N GLU A 30 -5.02 7.15 10.09
CA GLU A 30 -4.63 6.11 11.02
C GLU A 30 -5.55 4.92 10.82
N GLU A 31 -6.73 5.20 10.30
CA GLU A 31 -7.71 4.15 10.01
C GLU A 31 -7.43 3.49 8.67
N MET A 32 -7.34 4.30 7.62
CA MET A 32 -7.09 3.80 6.27
C MET A 32 -5.59 3.72 5.96
N LEU A 33 -4.86 4.79 6.29
CA LEU A 33 -3.42 4.86 6.04
C LEU A 33 -2.69 3.69 6.69
N GLU A 34 -3.11 3.32 7.89
CA GLU A 34 -2.50 2.20 8.60
C GLU A 34 -2.73 0.88 7.88
N LYS A 35 -3.84 0.79 7.15
CA LYS A 35 -4.17 -0.43 6.43
C LYS A 35 -3.55 -0.41 5.05
N LEU A 36 -3.56 0.77 4.47
CA LEU A 36 -3.00 1.00 3.16
C LEU A 36 -1.52 0.68 3.18
N GLU A 37 -0.92 0.76 4.37
CA GLU A 37 0.48 0.43 4.52
C GLU A 37 0.62 -1.07 4.70
N VAL A 38 -0.42 -1.68 5.29
CA VAL A 38 -0.44 -3.12 5.50
C VAL A 38 -0.53 -3.82 4.16
N VAL A 39 -1.42 -3.30 3.30
CA VAL A 39 -1.58 -3.89 1.98
C VAL A 39 -0.22 -4.00 1.35
N VAL A 40 0.58 -2.97 1.49
CA VAL A 40 1.94 -3.00 0.96
C VAL A 40 2.88 -3.62 1.98
N ASN A 41 2.49 -3.63 3.23
CA ASN A 41 3.34 -4.24 4.24
C ASN A 41 3.57 -5.67 3.83
N GLU A 42 2.51 -6.29 3.35
CA GLU A 42 2.58 -7.66 2.86
C GLU A 42 3.11 -7.69 1.42
N ARG A 43 2.62 -6.77 0.59
CA ARG A 43 3.05 -6.69 -0.81
C ARG A 43 4.49 -6.20 -0.92
N ARG A 44 4.77 -5.04 -0.34
CA ARG A 44 6.12 -4.49 -0.39
C ARG A 44 7.15 -5.57 -0.06
N GLU A 45 6.82 -6.43 0.91
CA GLU A 45 7.74 -7.49 1.32
C GLU A 45 7.69 -8.72 0.39
N GLU A 46 6.50 -9.13 -0.01
CA GLU A 46 6.35 -10.31 -0.87
C GLU A 46 6.53 -9.97 -2.35
N GLU A 47 5.92 -8.87 -2.76
CA GLU A 47 6.00 -8.43 -4.15
C GLU A 47 7.45 -8.17 -4.56
N SER A 48 8.18 -7.42 -3.72
CA SER A 48 9.57 -7.14 -4.02
C SER A 48 10.29 -8.45 -4.24
N ALA A 49 9.84 -9.47 -3.50
CA ALA A 49 10.38 -10.81 -3.60
C ALA A 49 10.02 -11.43 -4.95
N ALA A 50 8.76 -11.24 -5.36
CA ALA A 50 8.27 -11.77 -6.62
C ALA A 50 9.04 -11.17 -7.80
N ALA A 51 9.29 -9.86 -7.72
CA ALA A 51 10.01 -9.16 -8.79
C ALA A 51 11.49 -9.51 -8.79
N ALA A 52 12.10 -9.53 -7.62
CA ALA A 52 13.52 -9.82 -7.49
C ALA A 52 13.85 -11.23 -7.99
N GLU A 53 13.06 -12.21 -7.59
CA GLU A 53 13.29 -13.59 -7.99
C GLU A 53 13.13 -13.77 -9.49
N VAL A 54 12.08 -13.15 -10.05
CA VAL A 54 11.79 -13.23 -11.48
C VAL A 54 11.28 -14.63 -11.86
N GLU A 55 12.15 -15.64 -11.69
CA GLU A 55 11.81 -17.03 -12.00
C GLU A 55 11.72 -17.28 -13.51
N GLU A 56 11.23 -16.28 -14.25
CA GLU A 56 11.09 -16.41 -15.69
C GLU A 56 12.45 -16.65 -16.35
N ARG A 57 13.43 -15.83 -15.99
CA ARG A 57 14.78 -15.95 -16.54
C ARG A 57 15.45 -17.24 -16.07
N THR A 58 15.26 -17.56 -14.78
CA THR A 58 15.85 -18.76 -14.21
C THR A 58 15.28 -20.02 -14.86
N ARG A 59 16.15 -20.98 -15.15
CA ARG A 59 15.74 -22.23 -15.78
C ARG A 59 14.79 -23.02 -14.86
N LYS A 60 15.22 -23.20 -13.61
CA LYS A 60 14.42 -23.93 -12.63
C LYS A 60 14.08 -25.32 -13.16
N LEU A 61 15.09 -26.02 -13.68
CA LEU A 61 14.89 -27.37 -14.21
C LEU A 61 14.41 -28.32 -13.12
N SER B 5 10.42 -2.38 4.14
CA SER B 5 9.55 -1.62 5.06
C SER B 5 9.29 -0.21 4.53
N GLU B 6 9.06 -0.11 3.21
CA GLU B 6 8.80 1.17 2.58
C GLU B 6 7.36 1.61 2.83
N ALA B 7 6.47 0.63 3.02
CA ALA B 7 5.06 0.92 3.28
C ALA B 7 4.87 1.42 4.69
N LEU B 8 5.83 1.08 5.53
CA LEU B 8 5.83 1.45 6.92
C LEU B 8 6.42 2.84 7.09
N LYS B 9 7.53 3.08 6.40
CA LYS B 9 8.23 4.35 6.45
C LYS B 9 7.57 5.39 5.53
N ILE B 10 6.89 4.91 4.49
CA ILE B 10 6.22 5.81 3.55
C ILE B 10 5.31 6.74 4.33
N LEU B 11 4.36 6.15 5.02
CA LEU B 11 3.45 6.89 5.84
C LEU B 11 4.12 7.11 7.18
N ASN B 12 5.24 6.42 7.36
CA ASN B 12 6.02 6.51 8.59
C ASN B 12 5.17 6.06 9.78
N ASN B 13 4.32 5.07 9.55
CA ASN B 13 3.43 4.53 10.58
C ASN B 13 2.49 5.60 11.14
N ILE B 14 1.20 5.29 11.16
CA ILE B 14 0.18 6.21 11.67
C ILE B 14 0.46 6.63 13.10
N ARG B 15 1.12 5.75 13.85
CA ARG B 15 1.45 6.03 15.25
C ARG B 15 2.25 7.34 15.39
N THR B 16 3.31 7.46 14.62
CA THR B 16 4.16 8.65 14.66
C THR B 16 3.60 9.77 13.80
N LEU B 17 3.02 9.40 12.67
CA LEU B 17 2.45 10.38 11.74
C LEU B 17 1.30 11.14 12.37
N ARG B 18 0.28 10.43 12.84
CA ARG B 18 -0.88 11.05 13.45
C ARG B 18 -0.48 12.15 14.40
N ALA B 19 0.64 11.96 15.08
CA ALA B 19 1.14 12.93 16.04
C ALA B 19 1.89 14.08 15.37
N GLN B 20 2.80 13.75 14.47
CA GLN B 20 3.58 14.77 13.78
C GLN B 20 2.66 15.65 12.97
N ALA B 21 1.64 15.03 12.41
CA ALA B 21 0.66 15.71 11.60
C ALA B 21 -0.45 16.28 12.46
N ARG B 22 -0.61 15.72 13.66
CA ARG B 22 -1.65 16.18 14.57
C ARG B 22 -1.64 17.70 14.64
N GLU B 23 -0.46 18.27 14.47
CA GLU B 23 -0.31 19.73 14.50
C GLU B 23 -0.62 20.36 13.14
N SER B 24 -1.50 19.71 12.37
CA SER B 24 -1.87 20.22 11.05
C SER B 24 -3.12 19.54 10.52
N THR B 25 -3.29 19.57 9.20
CA THR B 25 -4.45 18.96 8.56
C THR B 25 -4.15 17.53 8.12
N LEU B 26 -5.19 16.78 7.77
CA LEU B 26 -5.05 15.42 7.34
C LEU B 26 -4.24 15.37 6.04
N GLU B 27 -4.06 16.52 5.41
CA GLU B 27 -3.33 16.62 4.15
C GLU B 27 -2.11 15.69 4.17
N THR B 28 -1.59 15.43 5.37
CA THR B 28 -0.45 14.53 5.51
C THR B 28 -0.74 13.21 4.80
N LEU B 29 -1.95 12.70 4.97
CA LEU B 29 -2.35 11.47 4.32
C LEU B 29 -2.45 11.68 2.81
N GLU B 30 -3.07 12.77 2.40
CA GLU B 30 -3.19 13.05 0.98
C GLU B 30 -1.79 13.06 0.37
N GLU B 31 -0.80 13.34 1.22
CA GLU B 31 0.59 13.36 0.80
C GLU B 31 1.19 11.96 0.80
N MET B 32 1.14 11.30 1.97
CA MET B 32 1.69 9.96 2.13
C MET B 32 0.66 8.87 1.82
N LEU B 33 -0.55 9.03 2.34
CA LEU B 33 -1.61 8.05 2.12
C LEU B 33 -1.90 7.89 0.63
N GLU B 34 -1.68 8.94 -0.13
CA GLU B 34 -1.87 8.90 -1.58
C GLU B 34 -0.79 8.06 -2.25
N LYS B 35 0.40 8.05 -1.65
CA LYS B 35 1.52 7.29 -2.18
C LYS B 35 1.46 5.87 -1.65
N LEU B 36 0.86 5.74 -0.47
CA LEU B 36 0.72 4.46 0.17
C LEU B 36 -0.25 3.61 -0.63
N GLU B 37 -1.16 4.27 -1.35
CA GLU B 37 -2.12 3.56 -2.17
C GLU B 37 -1.50 3.21 -3.52
N VAL B 38 -0.65 4.11 -4.02
CA VAL B 38 0.02 3.88 -5.29
C VAL B 38 1.08 2.79 -5.14
N VAL B 39 1.78 2.78 -3.99
CA VAL B 39 2.77 1.76 -3.75
C VAL B 39 2.12 0.40 -3.90
N VAL B 40 0.97 0.25 -3.26
CA VAL B 40 0.22 -0.99 -3.33
C VAL B 40 -0.61 -1.03 -4.59
N ASN B 41 -0.87 0.11 -5.21
CA ASN B 41 -1.64 0.14 -6.44
C ASN B 41 -0.95 -0.72 -7.48
N GLU B 42 0.37 -0.67 -7.46
CA GLU B 42 1.18 -1.47 -8.38
C GLU B 42 1.19 -2.92 -7.96
N ARG B 43 1.29 -3.15 -6.65
CA ARG B 43 1.31 -4.51 -6.10
C ARG B 43 -0.09 -5.12 -6.12
N ARG B 44 -1.06 -4.37 -5.65
CA ARG B 44 -2.44 -4.81 -5.63
C ARG B 44 -2.82 -5.43 -6.96
N GLU B 45 -2.36 -4.81 -8.04
CA GLU B 45 -2.64 -5.29 -9.39
C GLU B 45 -1.64 -6.34 -9.87
N GLU B 46 -0.35 -6.10 -9.66
CA GLU B 46 0.70 -7.02 -10.12
C GLU B 46 1.01 -8.11 -9.10
N GLU B 47 1.17 -7.69 -7.84
CA GLU B 47 1.49 -8.63 -6.78
C GLU B 47 0.37 -9.64 -6.59
N SER B 48 -0.87 -9.16 -6.54
CA SER B 48 -2.01 -10.06 -6.40
C SER B 48 -2.01 -11.01 -7.58
N ALA B 49 -1.54 -10.50 -8.71
CA ALA B 49 -1.43 -11.28 -9.93
C ALA B 49 -0.41 -12.39 -9.76
N ALA B 50 0.71 -12.07 -9.11
CA ALA B 50 1.77 -13.05 -8.86
C ALA B 50 1.25 -14.18 -7.99
N ALA B 51 0.46 -13.82 -6.98
CA ALA B 51 -0.10 -14.79 -6.05
C ALA B 51 -1.16 -15.64 -6.73
N ALA B 52 -2.06 -14.99 -7.47
CA ALA B 52 -3.13 -15.70 -8.18
C ALA B 52 -2.57 -16.60 -9.26
N GLU B 53 -1.55 -16.12 -9.96
CA GLU B 53 -0.92 -16.87 -11.03
C GLU B 53 -0.43 -18.23 -10.53
N VAL B 54 0.20 -18.22 -9.36
CA VAL B 54 0.71 -19.45 -8.77
C VAL B 54 1.71 -20.15 -9.70
N GLU B 55 2.84 -19.48 -9.96
CA GLU B 55 3.87 -20.02 -10.84
C GLU B 55 4.68 -21.10 -10.13
N GLU B 56 3.98 -22.04 -9.51
CA GLU B 56 4.63 -23.13 -8.80
C GLU B 56 3.60 -24.20 -8.42
N ARG B 57 2.70 -24.48 -9.35
CA ARG B 57 1.64 -25.47 -9.14
C ARG B 57 0.83 -25.64 -10.42
N THR B 58 1.52 -25.66 -11.55
CA THR B 58 0.86 -25.81 -12.86
C THR B 58 1.78 -26.55 -13.82
N ARG B 59 1.83 -26.08 -15.07
CA ARG B 59 2.68 -26.72 -16.09
C ARG B 59 3.39 -25.67 -16.93
N LYS B 60 4.67 -25.90 -17.19
CA LYS B 60 5.46 -24.98 -17.99
C LYS B 60 6.82 -25.59 -18.32
N LEU B 61 6.81 -26.88 -18.66
CA LEU B 61 8.04 -27.59 -19.00
C LEU B 61 8.67 -27.03 -20.28
N SER A 5 -6.48 -1.35 -7.37
CA SER A 5 -7.93 -1.03 -7.23
C SER A 5 -8.34 -0.98 -5.76
N GLU A 6 -7.87 -1.94 -4.99
CA GLU A 6 -8.18 -2.02 -3.56
C GLU A 6 -7.43 -0.94 -2.80
N ALA A 7 -6.27 -0.54 -3.33
CA ALA A 7 -5.46 0.50 -2.71
C ALA A 7 -6.07 1.87 -2.96
N LEU A 8 -6.90 1.92 -3.98
CA LEU A 8 -7.59 3.11 -4.38
C LEU A 8 -8.88 3.27 -3.59
N LYS A 9 -9.61 2.16 -3.49
CA LYS A 9 -10.88 2.12 -2.79
C LYS A 9 -10.69 2.00 -1.29
N ILE A 10 -9.53 1.46 -0.87
CA ILE A 10 -9.24 1.31 0.55
C ILE A 10 -9.42 2.64 1.24
N LEU A 11 -8.70 3.62 0.73
CA LEU A 11 -8.75 4.96 1.23
C LEU A 11 -9.80 5.73 0.45
N ASN A 12 -10.32 5.09 -0.59
CA ASN A 12 -11.34 5.70 -1.45
C ASN A 12 -10.79 6.95 -2.12
N ASN A 13 -9.49 6.93 -2.43
CA ASN A 13 -8.83 8.07 -3.07
C ASN A 13 -8.85 9.30 -2.17
N ILE A 14 -7.68 9.90 -1.98
CA ILE A 14 -7.54 11.08 -1.14
C ILE A 14 -8.45 12.22 -1.57
N ARG A 15 -8.83 12.24 -2.85
CA ARG A 15 -9.70 13.30 -3.37
C ARG A 15 -10.98 13.42 -2.55
N THR A 16 -11.71 12.33 -2.40
CA THR A 16 -12.95 12.33 -1.64
C THR A 16 -12.69 12.07 -0.16
N LEU A 17 -11.66 11.28 0.12
CA LEU A 17 -11.30 10.93 1.50
C LEU A 17 -10.93 12.17 2.31
N ARG A 18 -9.99 12.95 1.81
CA ARG A 18 -9.54 14.14 2.50
C ARG A 18 -10.71 15.04 2.85
N ALA A 19 -11.74 15.03 2.01
CA ALA A 19 -12.92 15.86 2.22
C ALA A 19 -13.91 15.22 3.19
N GLN A 20 -14.26 13.97 2.93
CA GLN A 20 -15.21 13.26 3.78
C GLN A 20 -14.66 13.15 5.19
N ALA A 21 -13.34 13.03 5.26
CA ALA A 21 -12.64 12.93 6.52
C ALA A 21 -12.34 14.31 7.06
N ARG A 22 -12.30 15.29 6.15
CA ARG A 22 -12.02 16.68 6.53
C ARG A 22 -12.86 17.10 7.71
N GLU A 23 -14.06 16.54 7.80
CA GLU A 23 -14.98 16.86 8.91
C GLU A 23 -14.33 16.52 10.25
N SER A 24 -13.59 15.43 10.29
CA SER A 24 -12.92 15.00 11.52
C SER A 24 -11.47 15.46 11.55
N THR A 25 -10.57 14.58 11.99
CA THR A 25 -9.15 14.90 12.06
C THR A 25 -8.35 13.87 11.26
N LEU A 26 -7.02 13.98 11.28
CA LEU A 26 -6.18 13.04 10.55
C LEU A 26 -6.41 11.62 11.05
N GLU A 27 -7.02 11.50 12.23
CA GLU A 27 -7.33 10.20 12.80
C GLU A 27 -7.88 9.27 11.73
N THR A 28 -8.50 9.86 10.72
CA THR A 28 -9.07 9.11 9.61
C THR A 28 -8.00 8.27 8.92
N LEU A 29 -6.80 8.84 8.76
CA LEU A 29 -5.70 8.12 8.13
C LEU A 29 -5.18 7.00 9.02
N GLU A 30 -4.98 7.27 10.31
CA GLU A 30 -4.49 6.21 11.18
C GLU A 30 -5.45 5.04 11.07
N GLU A 31 -6.68 5.35 10.66
CA GLU A 31 -7.70 4.32 10.49
C GLU A 31 -7.56 3.65 9.11
N MET A 32 -7.59 4.48 8.06
CA MET A 32 -7.48 3.98 6.68
C MET A 32 -6.03 3.89 6.22
N LEU A 33 -5.28 4.96 6.46
CA LEU A 33 -3.88 5.04 6.06
C LEU A 33 -3.09 3.87 6.63
N GLU A 34 -3.46 3.44 7.83
CA GLU A 34 -2.80 2.30 8.47
C GLU A 34 -3.08 1.02 7.69
N LYS A 35 -4.29 0.93 7.15
CA LYS A 35 -4.67 -0.23 6.37
C LYS A 35 -4.01 -0.14 5.02
N LEU A 36 -3.71 1.09 4.65
CA LEU A 36 -3.04 1.38 3.40
C LEU A 36 -1.59 0.96 3.49
N GLU A 37 -1.04 1.02 4.69
CA GLU A 37 0.34 0.62 4.89
C GLU A 37 0.43 -0.89 5.07
N VAL A 38 -0.62 -1.47 5.68
CA VAL A 38 -0.66 -2.92 5.87
C VAL A 38 -0.91 -3.63 4.55
N VAL A 39 -1.81 -3.06 3.72
CA VAL A 39 -2.11 -3.66 2.42
C VAL A 39 -0.81 -3.85 1.67
N VAL A 40 -0.01 -2.80 1.62
CA VAL A 40 1.26 -2.87 0.94
C VAL A 40 2.34 -3.44 1.85
N ASN A 41 2.10 -3.44 3.15
CA ASN A 41 3.07 -4.01 4.09
C ASN A 41 3.34 -5.45 3.71
N GLU A 42 2.28 -6.15 3.32
CA GLU A 42 2.39 -7.54 2.89
C GLU A 42 2.98 -7.61 1.49
N ARG A 43 2.54 -6.69 0.64
CA ARG A 43 3.02 -6.62 -0.74
C ARG A 43 4.48 -6.17 -0.77
N ARG A 44 4.75 -5.06 -0.12
CA ARG A 44 6.10 -4.50 -0.07
C ARG A 44 7.12 -5.60 0.25
N GLU A 45 6.77 -6.48 1.18
CA GLU A 45 7.65 -7.57 1.57
C GLU A 45 7.57 -8.79 0.65
N GLU A 46 6.36 -9.16 0.24
CA GLU A 46 6.17 -10.33 -0.62
C GLU A 46 6.37 -10.01 -2.09
N GLU A 47 5.78 -8.91 -2.53
CA GLU A 47 5.88 -8.49 -3.92
C GLU A 47 7.33 -8.37 -4.34
N SER A 48 8.13 -7.67 -3.53
CA SER A 48 9.55 -7.52 -3.81
C SER A 48 10.18 -8.91 -3.90
N ALA A 49 9.67 -9.80 -3.06
CA ALA A 49 10.12 -11.18 -3.03
C ALA A 49 9.81 -11.87 -4.36
N ALA A 50 8.62 -11.59 -4.89
CA ALA A 50 8.19 -12.16 -6.16
C ALA A 50 9.05 -11.66 -7.30
N ALA A 51 9.39 -10.37 -7.27
CA ALA A 51 10.22 -9.77 -8.29
C ALA A 51 11.60 -10.42 -8.33
N ALA A 52 12.17 -10.62 -7.15
CA ALA A 52 13.49 -11.25 -7.03
C ALA A 52 13.41 -12.75 -7.30
N GLU A 53 12.30 -13.35 -6.89
CA GLU A 53 12.08 -14.78 -7.06
C GLU A 53 12.01 -15.16 -8.54
N VAL A 54 11.23 -14.40 -9.31
CA VAL A 54 11.08 -14.68 -10.73
C VAL A 54 12.39 -14.52 -11.50
N GLU A 55 13.09 -13.40 -11.25
CA GLU A 55 14.35 -13.14 -11.93
C GLU A 55 15.49 -13.93 -11.29
N GLU A 56 16.20 -14.68 -12.11
CA GLU A 56 17.32 -15.49 -11.65
C GLU A 56 17.90 -16.29 -12.81
N ARG A 57 19.22 -16.23 -12.98
CA ARG A 57 19.89 -16.96 -14.05
C ARG A 57 20.00 -18.44 -13.69
N THR A 58 18.95 -18.99 -13.10
CA THR A 58 18.94 -20.39 -12.71
C THR A 58 18.95 -21.32 -13.92
N ARG A 59 18.29 -20.89 -14.99
CA ARG A 59 18.23 -21.67 -16.22
C ARG A 59 17.37 -22.93 -16.03
N LYS A 60 16.49 -23.20 -16.98
CA LYS A 60 15.62 -24.36 -16.91
C LYS A 60 16.35 -25.63 -17.35
N LEU A 61 17.57 -25.81 -16.83
CA LEU A 61 18.38 -26.97 -17.15
C LEU A 61 18.49 -27.16 -18.66
N SER B 5 9.20 -2.49 4.10
CA SER B 5 9.92 -1.40 4.82
C SER B 5 9.41 -0.03 4.38
N GLU B 6 9.29 0.16 3.07
CA GLU B 6 8.82 1.42 2.52
C GLU B 6 7.33 1.59 2.74
N ALA B 7 6.67 0.50 3.10
CA ALA B 7 5.23 0.52 3.37
C ALA B 7 4.97 1.17 4.71
N LEU B 8 5.93 0.97 5.58
CA LEU B 8 5.91 1.46 6.92
C LEU B 8 6.46 2.88 6.98
N LYS B 9 7.62 3.05 6.33
CA LYS B 9 8.31 4.34 6.27
C LYS B 9 7.58 5.34 5.38
N ILE B 10 6.87 4.84 4.37
CA ILE B 10 6.13 5.72 3.45
C ILE B 10 5.22 6.59 4.27
N LEU B 11 4.50 5.94 5.15
CA LEU B 11 3.58 6.57 6.05
C LEU B 11 4.31 6.90 7.35
N ASN B 12 5.47 6.28 7.51
CA ASN B 12 6.27 6.47 8.71
C ASN B 12 5.45 6.03 9.91
N ASN B 13 4.57 5.04 9.67
CA ASN B 13 3.70 4.50 10.70
C ASN B 13 2.75 5.58 11.22
N ILE B 14 1.45 5.27 11.17
CA ILE B 14 0.42 6.20 11.63
C ILE B 14 0.71 6.71 13.04
N ARG B 15 1.41 5.91 13.82
CA ARG B 15 1.75 6.29 15.20
C ARG B 15 2.57 7.58 15.21
N THR B 16 3.64 7.61 14.43
CA THR B 16 4.49 8.79 14.35
C THR B 16 3.89 9.84 13.42
N LEU B 17 3.26 9.36 12.35
CA LEU B 17 2.63 10.25 11.37
C LEU B 17 1.50 11.08 12.00
N ARG B 18 0.61 10.40 12.71
CA ARG B 18 -0.50 11.07 13.36
C ARG B 18 -0.03 12.24 14.22
N ALA B 19 1.13 12.09 14.82
CA ALA B 19 1.69 13.13 15.68
C ALA B 19 2.42 14.22 14.90
N GLN B 20 3.31 13.80 14.01
CA GLN B 20 4.07 14.75 13.21
C GLN B 20 3.13 15.55 12.32
N ALA B 21 2.08 14.89 11.90
CA ALA B 21 1.07 15.49 11.05
C ALA B 21 0.03 16.21 11.88
N ARG B 22 -0.08 15.81 13.15
CA ARG B 22 -1.05 16.42 14.05
C ARG B 22 -0.94 17.93 13.99
N GLU B 23 0.26 18.42 13.70
CA GLU B 23 0.50 19.85 13.60
C GLU B 23 -0.40 20.49 12.55
N SER B 24 -0.59 19.79 11.43
CA SER B 24 -1.42 20.28 10.34
C SER B 24 -2.80 19.62 10.36
N THR B 25 -3.31 19.27 9.18
CA THR B 25 -4.62 18.63 9.07
C THR B 25 -4.47 17.24 8.45
N LEU B 26 -5.56 16.68 7.94
CA LEU B 26 -5.51 15.38 7.32
C LEU B 26 -4.76 15.46 6.00
N GLU B 27 -4.57 16.67 5.50
CA GLU B 27 -3.85 16.90 4.26
C GLU B 27 -2.58 16.03 4.23
N THR B 28 -2.09 15.70 5.41
CA THR B 28 -0.91 14.86 5.53
C THR B 28 -1.13 13.53 4.82
N LEU B 29 -2.33 12.97 4.96
CA LEU B 29 -2.65 11.71 4.32
C LEU B 29 -2.74 11.86 2.81
N GLU B 30 -3.41 12.90 2.33
CA GLU B 30 -3.49 13.08 0.89
C GLU B 30 -2.07 13.09 0.34
N GLU B 31 -1.13 13.41 1.23
CA GLU B 31 0.29 13.43 0.87
C GLU B 31 0.91 12.03 0.98
N MET B 32 0.77 11.42 2.16
CA MET B 32 1.31 10.09 2.41
C MET B 32 0.34 8.98 2.03
N LEU B 33 -0.91 9.17 2.42
CA LEU B 33 -1.99 8.21 2.13
C LEU B 33 -2.16 8.05 0.62
N GLU B 34 -1.65 9.02 -0.13
CA GLU B 34 -1.71 8.97 -1.59
C GLU B 34 -0.57 8.11 -2.14
N LYS B 35 0.56 8.13 -1.45
CA LYS B 35 1.73 7.37 -1.87
C LYS B 35 1.63 5.97 -1.32
N LEU B 36 1.02 5.88 -0.15
CA LEU B 36 0.83 4.62 0.51
C LEU B 36 -0.23 3.81 -0.24
N GLU B 37 -1.07 4.53 -0.98
CA GLU B 37 -2.10 3.88 -1.77
C GLU B 37 -1.52 3.48 -3.14
N VAL B 38 -0.67 4.36 -3.69
CA VAL B 38 -0.04 4.07 -4.98
C VAL B 38 0.89 2.88 -4.85
N VAL B 39 1.58 2.78 -3.71
CA VAL B 39 2.48 1.65 -3.50
C VAL B 39 1.70 0.37 -3.73
N VAL B 40 0.49 0.31 -3.18
CA VAL B 40 -0.35 -0.85 -3.37
C VAL B 40 -1.08 -0.77 -4.71
N ASN B 41 -1.20 0.43 -5.26
CA ASN B 41 -1.83 0.58 -6.55
C ASN B 41 -1.08 -0.27 -7.56
N GLU B 42 0.23 -0.32 -7.37
CA GLU B 42 1.10 -1.12 -8.23
C GLU B 42 1.11 -2.57 -7.77
N ARG B 43 1.18 -2.77 -6.45
CA ARG B 43 1.19 -4.11 -5.87
C ARG B 43 -0.18 -4.76 -5.96
N ARG B 44 -1.19 -4.09 -5.43
CA ARG B 44 -2.56 -4.63 -5.47
C ARG B 44 -2.85 -5.20 -6.85
N GLU B 45 -2.37 -4.53 -7.88
CA GLU B 45 -2.57 -4.98 -9.26
C GLU B 45 -1.51 -6.00 -9.72
N GLU B 46 -0.24 -5.73 -9.38
CA GLU B 46 0.85 -6.62 -9.78
C GLU B 46 1.05 -7.78 -8.81
N GLU B 47 1.05 -7.47 -7.53
CA GLU B 47 1.22 -8.50 -6.50
C GLU B 47 0.21 -9.61 -6.70
N SER B 48 -1.06 -9.23 -6.84
CA SER B 48 -2.12 -10.20 -7.08
C SER B 48 -1.80 -10.98 -8.34
N ALA B 49 -1.21 -10.28 -9.30
CA ALA B 49 -0.82 -10.87 -10.57
C ALA B 49 0.24 -11.94 -10.34
N ALA B 50 1.18 -11.65 -9.45
CA ALA B 50 2.25 -12.59 -9.13
C ALA B 50 1.68 -13.84 -8.47
N ALA B 51 0.74 -13.65 -7.56
CA ALA B 51 0.11 -14.76 -6.87
C ALA B 51 -0.67 -15.64 -7.83
N ALA B 52 -1.43 -15.00 -8.72
CA ALA B 52 -2.22 -15.71 -9.71
C ALA B 52 -1.33 -16.43 -10.70
N GLU B 53 -0.21 -15.79 -11.05
CA GLU B 53 0.73 -16.35 -12.00
C GLU B 53 1.31 -17.66 -11.48
N VAL B 54 1.68 -17.68 -10.21
CA VAL B 54 2.24 -18.88 -9.58
C VAL B 54 1.24 -20.03 -9.60
N GLU B 55 0.04 -19.78 -9.08
CA GLU B 55 -1.00 -20.81 -9.04
C GLU B 55 -1.58 -21.04 -10.42
N GLU B 56 -1.69 -22.31 -10.80
CA GLU B 56 -2.24 -22.68 -12.09
C GLU B 56 -2.23 -24.19 -12.27
N ARG B 57 -1.34 -24.86 -11.53
CA ARG B 57 -1.21 -26.32 -11.60
C ARG B 57 -0.70 -26.74 -12.98
N THR B 58 0.19 -25.93 -13.54
CA THR B 58 0.76 -26.22 -14.85
C THR B 58 1.74 -27.38 -14.77
N ARG B 59 1.50 -28.40 -15.58
CA ARG B 59 2.35 -29.58 -15.61
C ARG B 59 3.65 -29.29 -16.36
N LYS B 60 4.77 -29.74 -15.79
CA LYS B 60 6.07 -29.52 -16.39
C LYS B 60 6.20 -30.28 -17.71
N LEU B 61 7.38 -30.87 -17.95
CA LEU B 61 7.62 -31.62 -19.18
C LEU B 61 8.65 -32.72 -18.94
N SER A 5 -7.24 -1.08 -7.24
CA SER A 5 -8.69 -1.07 -6.91
C SER A 5 -8.92 -1.12 -5.40
N GLU A 6 -8.21 -2.01 -4.73
CA GLU A 6 -8.32 -2.16 -3.28
C GLU A 6 -7.53 -1.06 -2.57
N ALA A 7 -6.40 -0.69 -3.15
CA ALA A 7 -5.54 0.35 -2.59
C ALA A 7 -6.13 1.71 -2.87
N LEU A 8 -6.97 1.74 -3.87
CA LEU A 8 -7.63 2.94 -4.32
C LEU A 8 -8.90 3.17 -3.51
N LYS A 9 -9.65 2.10 -3.30
CA LYS A 9 -10.90 2.13 -2.56
C LYS A 9 -10.64 2.04 -1.05
N ILE A 10 -9.50 1.49 -0.66
CA ILE A 10 -9.16 1.37 0.74
C ILE A 10 -9.28 2.72 1.41
N LEU A 11 -8.54 3.66 0.85
CA LEU A 11 -8.54 5.02 1.32
C LEU A 11 -9.58 5.81 0.53
N ASN A 12 -10.13 5.15 -0.49
CA ASN A 12 -11.14 5.79 -1.34
C ASN A 12 -10.55 7.02 -2.01
N ASN A 13 -9.24 6.97 -2.28
CA ASN A 13 -8.51 8.07 -2.92
C ASN A 13 -8.56 9.33 -2.05
N ILE A 14 -7.39 9.93 -1.85
CA ILE A 14 -7.28 11.15 -1.04
C ILE A 14 -8.26 12.22 -1.49
N ARG A 15 -8.66 12.18 -2.76
CA ARG A 15 -9.61 13.15 -3.29
C ARG A 15 -10.95 13.06 -2.56
N THR A 16 -11.49 11.85 -2.45
CA THR A 16 -12.76 11.64 -1.77
C THR A 16 -12.60 11.74 -0.26
N LEU A 17 -11.50 11.19 0.25
CA LEU A 17 -11.24 11.22 1.68
C LEU A 17 -11.08 12.64 2.19
N ARG A 18 -10.20 13.40 1.54
CA ARG A 18 -9.94 14.79 1.91
C ARG A 18 -11.24 15.55 2.14
N ALA A 19 -12.27 15.16 1.38
CA ALA A 19 -13.57 15.81 1.47
C ALA A 19 -14.42 15.28 2.63
N GLN A 20 -14.52 13.96 2.71
CA GLN A 20 -15.32 13.34 3.78
C GLN A 20 -14.68 13.63 5.12
N ALA A 21 -13.36 13.66 5.12
CA ALA A 21 -12.58 13.93 6.31
C ALA A 21 -12.41 15.42 6.51
N ARG A 22 -12.61 16.18 5.43
CA ARG A 22 -12.48 17.64 5.49
C ARG A 22 -13.11 18.17 6.78
N GLU A 23 -14.13 17.46 7.24
CA GLU A 23 -14.82 17.83 8.47
C GLU A 23 -14.51 16.83 9.59
N SER A 24 -13.22 16.50 9.73
CA SER A 24 -12.79 15.56 10.76
C SER A 24 -11.27 15.57 10.92
N THR A 25 -10.80 14.84 11.93
CA THR A 25 -9.37 14.74 12.22
C THR A 25 -8.67 13.78 11.26
N LEU A 26 -7.35 13.91 11.14
CA LEU A 26 -6.57 13.06 10.26
C LEU A 26 -6.70 11.61 10.68
N GLU A 27 -7.18 11.37 11.90
CA GLU A 27 -7.34 10.00 12.40
C GLU A 27 -7.86 9.09 11.30
N THR A 28 -8.57 9.67 10.35
CA THR A 28 -9.10 8.91 9.22
C THR A 28 -7.97 8.11 8.56
N LEU A 29 -6.81 8.76 8.40
CA LEU A 29 -5.66 8.08 7.83
C LEU A 29 -5.18 6.99 8.77
N GLU A 30 -5.10 7.30 10.05
CA GLU A 30 -4.66 6.30 11.01
C GLU A 30 -5.53 5.06 10.84
N GLU A 31 -6.75 5.28 10.36
CA GLU A 31 -7.69 4.19 10.12
C GLU A 31 -7.43 3.53 8.76
N MET A 32 -7.34 4.35 7.71
CA MET A 32 -7.11 3.84 6.36
C MET A 32 -5.62 3.73 6.05
N LEU A 33 -4.90 4.80 6.35
CA LEU A 33 -3.45 4.86 6.10
C LEU A 33 -2.73 3.69 6.75
N GLU A 34 -3.16 3.32 7.95
CA GLU A 34 -2.56 2.20 8.67
C GLU A 34 -2.76 0.89 7.92
N LYS A 35 -3.88 0.79 7.21
CA LYS A 35 -4.18 -0.41 6.44
C LYS A 35 -3.56 -0.32 5.07
N LEU A 36 -3.44 0.91 4.60
CA LEU A 36 -2.86 1.19 3.30
C LEU A 36 -1.38 0.84 3.32
N GLU A 37 -0.79 0.89 4.51
CA GLU A 37 0.61 0.54 4.65
C GLU A 37 0.76 -0.95 4.83
N VAL A 38 -0.15 -1.56 5.59
CA VAL A 38 -0.10 -3.00 5.81
C VAL A 38 -0.34 -3.74 4.50
N VAL A 39 -1.22 -3.19 3.66
CA VAL A 39 -1.49 -3.80 2.37
C VAL A 39 -0.18 -3.95 1.62
N VAL A 40 0.59 -2.86 1.57
CA VAL A 40 1.89 -2.91 0.90
C VAL A 40 2.92 -3.56 1.82
N ASN A 41 2.66 -3.58 3.10
CA ASN A 41 3.58 -4.21 4.03
C ASN A 41 3.83 -5.63 3.59
N GLU A 42 2.75 -6.26 3.14
CA GLU A 42 2.78 -7.61 2.64
C GLU A 42 3.31 -7.65 1.22
N ARG A 43 2.86 -6.70 0.40
CA ARG A 43 3.29 -6.62 -1.00
C ARG A 43 4.71 -6.12 -1.11
N ARG A 44 5.01 -4.97 -0.51
CA ARG A 44 6.36 -4.42 -0.58
C ARG A 44 7.39 -5.51 -0.34
N GLU A 45 7.07 -6.39 0.62
CA GLU A 45 7.97 -7.50 0.96
C GLU A 45 7.78 -8.72 0.05
N GLU A 46 6.54 -9.06 -0.27
CA GLU A 46 6.25 -10.23 -1.11
C GLU A 46 6.30 -9.90 -2.60
N GLU A 47 5.69 -8.80 -2.98
CA GLU A 47 5.67 -8.38 -4.38
C GLU A 47 7.09 -8.29 -4.90
N SER A 48 7.96 -7.60 -4.15
CA SER A 48 9.35 -7.47 -4.54
C SER A 48 9.96 -8.84 -4.68
N ALA A 49 9.52 -9.74 -3.80
CA ALA A 49 9.98 -11.12 -3.80
C ALA A 49 9.59 -11.80 -5.11
N ALA A 50 8.36 -11.57 -5.54
CA ALA A 50 7.85 -12.14 -6.78
C ALA A 50 8.62 -11.59 -7.98
N ALA A 51 8.89 -10.29 -7.95
CA ALA A 51 9.62 -9.64 -9.03
C ALA A 51 10.99 -10.27 -9.21
N ALA A 52 11.68 -10.47 -8.09
CA ALA A 52 13.01 -11.09 -8.11
C ALA A 52 12.90 -12.56 -8.51
N GLU A 53 11.85 -13.21 -8.01
CA GLU A 53 11.61 -14.62 -8.30
C GLU A 53 11.46 -14.86 -9.80
N VAL A 54 10.74 -13.97 -10.46
CA VAL A 54 10.51 -14.08 -11.91
C VAL A 54 11.74 -13.62 -12.69
N GLU A 55 12.86 -14.30 -12.47
CA GLU A 55 14.10 -13.97 -13.16
C GLU A 55 13.99 -14.19 -14.67
N GLU A 56 15.12 -14.41 -15.33
CA GLU A 56 15.14 -14.63 -16.77
C GLU A 56 16.32 -15.53 -17.18
N ARG A 57 17.48 -15.26 -16.59
CA ARG A 57 18.68 -16.03 -16.88
C ARG A 57 18.47 -17.52 -16.59
N THR A 58 17.93 -17.81 -15.41
CA THR A 58 17.67 -19.19 -15.01
C THR A 58 16.67 -19.85 -15.96
N ARG A 59 16.97 -21.08 -16.36
CA ARG A 59 16.09 -21.82 -17.27
C ARG A 59 16.58 -23.26 -17.44
N LYS A 60 15.65 -24.19 -17.52
CA LYS A 60 15.97 -25.61 -17.69
C LYS A 60 16.34 -25.91 -19.15
N LEU A 61 17.24 -25.09 -19.70
CA LEU A 61 17.69 -25.26 -21.08
C LEU A 61 19.10 -24.73 -21.26
N SER B 5 9.60 -1.00 6.99
CA SER B 5 10.12 -1.08 5.59
C SER B 5 9.74 0.18 4.79
N GLU B 6 9.27 -0.01 3.56
CA GLU B 6 8.88 1.10 2.71
C GLU B 6 7.43 1.52 2.95
N ALA B 7 6.56 0.56 3.24
CA ALA B 7 5.16 0.85 3.49
C ALA B 7 4.97 1.42 4.88
N LEU B 8 5.94 1.12 5.73
CA LEU B 8 5.94 1.58 7.10
C LEU B 8 6.54 2.97 7.19
N LYS B 9 7.58 3.18 6.40
CA LYS B 9 8.29 4.45 6.36
C LYS B 9 7.63 5.43 5.39
N ILE B 10 6.90 4.91 4.41
CA ILE B 10 6.22 5.73 3.43
C ILE B 10 5.31 6.71 4.14
N LEU B 11 4.54 6.18 5.07
CA LEU B 11 3.62 6.97 5.85
C LEU B 11 4.24 7.27 7.20
N ASN B 12 5.33 6.56 7.50
CA ASN B 12 6.04 6.72 8.77
C ASN B 12 5.18 6.23 9.93
N ASN B 13 4.32 5.25 9.65
CA ASN B 13 3.44 4.68 10.66
C ASN B 13 2.48 5.73 11.23
N ILE B 14 1.19 5.40 11.26
CA ILE B 14 0.17 6.31 11.77
C ILE B 14 0.49 6.78 13.19
N ARG B 15 1.23 5.96 13.94
CA ARG B 15 1.60 6.31 15.30
C ARG B 15 2.45 7.58 15.35
N THR B 16 3.51 7.61 14.55
CA THR B 16 4.39 8.77 14.49
C THR B 16 3.69 9.95 13.82
N LEU B 17 2.89 9.63 12.80
CA LEU B 17 2.16 10.66 12.06
C LEU B 17 1.14 11.37 12.93
N ARG B 18 0.25 10.60 13.55
CA ARG B 18 -0.80 11.15 14.40
C ARG B 18 -0.24 12.23 15.33
N ALA B 19 1.05 12.09 15.65
CA ALA B 19 1.71 13.04 16.54
C ALA B 19 2.28 14.23 15.79
N GLN B 20 3.04 13.96 14.74
CA GLN B 20 3.64 15.04 13.95
C GLN B 20 2.56 15.88 13.31
N ALA B 21 1.50 15.20 12.92
CA ALA B 21 0.36 15.82 12.28
C ALA B 21 -0.62 16.36 13.31
N ARG B 22 -0.51 15.85 14.52
CA ARG B 22 -1.37 16.28 15.62
C ARG B 22 -1.54 17.79 15.60
N GLU B 23 -0.53 18.47 15.07
CA GLU B 23 -0.55 19.92 14.97
C GLU B 23 -0.63 20.39 13.51
N SER B 24 -1.50 19.76 12.73
CA SER B 24 -1.67 20.12 11.33
C SER B 24 -2.92 19.51 10.72
N THR B 25 -3.04 19.62 9.40
CA THR B 25 -4.19 19.09 8.67
C THR B 25 -3.93 17.66 8.18
N LEU B 26 -5.01 16.93 7.89
CA LEU B 26 -4.89 15.56 7.42
C LEU B 26 -4.16 15.52 6.09
N GLU B 27 -4.00 16.68 5.45
CA GLU B 27 -3.33 16.77 4.15
C GLU B 27 -2.11 15.84 4.12
N THR B 28 -1.56 15.55 5.29
CA THR B 28 -0.43 14.65 5.40
C THR B 28 -0.75 13.33 4.70
N LEU B 29 -1.98 12.83 4.89
CA LEU B 29 -2.39 11.60 4.25
C LEU B 29 -2.47 11.79 2.75
N GLU B 30 -3.07 12.88 2.31
CA GLU B 30 -3.16 13.14 0.89
C GLU B 30 -1.77 13.12 0.30
N GLU B 31 -0.78 13.40 1.16
CA GLU B 31 0.61 13.40 0.74
C GLU B 31 1.18 11.99 0.77
N MET B 32 1.13 11.35 1.93
CA MET B 32 1.67 10.00 2.11
C MET B 32 0.62 8.92 1.83
N LEU B 33 -0.60 9.10 2.34
CA LEU B 33 -1.67 8.13 2.14
C LEU B 33 -1.96 7.95 0.65
N GLU B 34 -1.73 9.01 -0.12
CA GLU B 34 -1.93 8.95 -1.56
C GLU B 34 -0.87 8.08 -2.21
N LYS B 35 0.34 8.09 -1.64
CA LYS B 35 1.43 7.28 -2.16
C LYS B 35 1.38 5.88 -1.59
N LEU B 36 0.82 5.79 -0.40
CA LEU B 36 0.66 4.53 0.27
C LEU B 36 -0.35 3.69 -0.50
N GLU B 37 -1.23 4.37 -1.21
CA GLU B 37 -2.23 3.68 -2.01
C GLU B 37 -1.65 3.34 -3.37
N VAL B 38 -0.79 4.22 -3.88
CA VAL B 38 -0.15 3.99 -5.18
C VAL B 38 0.83 2.83 -5.08
N VAL B 39 1.52 2.73 -3.94
CA VAL B 39 2.47 1.64 -3.73
C VAL B 39 1.74 0.33 -3.92
N VAL B 40 0.56 0.22 -3.32
CA VAL B 40 -0.24 -0.99 -3.47
C VAL B 40 -0.99 -0.94 -4.80
N ASN B 41 -1.28 0.25 -5.29
CA ASN B 41 -1.97 0.38 -6.56
C ASN B 41 -1.30 -0.54 -7.56
N GLU B 42 0.02 -0.56 -7.49
CA GLU B 42 0.83 -1.41 -8.36
C GLU B 42 0.96 -2.80 -7.74
N ARG B 43 1.26 -2.84 -6.45
CA ARG B 43 1.41 -4.11 -5.74
C ARG B 43 0.07 -4.80 -5.54
N ARG B 44 -0.83 -4.12 -4.86
CA ARG B 44 -2.16 -4.68 -4.59
C ARG B 44 -2.75 -5.35 -5.84
N GLU B 45 -2.51 -4.75 -7.01
CA GLU B 45 -3.02 -5.29 -8.26
C GLU B 45 -2.10 -6.34 -8.90
N GLU B 46 -0.80 -6.04 -8.97
CA GLU B 46 0.17 -6.94 -9.59
C GLU B 46 0.57 -8.09 -8.67
N GLU B 47 0.72 -7.79 -7.39
CA GLU B 47 1.10 -8.80 -6.41
C GLU B 47 0.13 -9.96 -6.45
N SER B 48 -1.17 -9.64 -6.44
CA SER B 48 -2.19 -10.67 -6.50
C SER B 48 -1.97 -11.49 -7.77
N ALA B 49 -1.56 -10.78 -8.81
CA ALA B 49 -1.27 -11.40 -10.10
C ALA B 49 -0.09 -12.35 -9.97
N ALA B 50 0.92 -11.93 -9.22
CA ALA B 50 2.11 -12.74 -9.01
C ALA B 50 1.76 -14.04 -8.28
N ALA B 51 0.90 -13.92 -7.28
CA ALA B 51 0.45 -15.07 -6.51
C ALA B 51 -0.26 -16.08 -7.40
N ALA B 52 -1.14 -15.57 -8.26
CA ALA B 52 -1.89 -16.42 -9.18
C ALA B 52 -0.96 -17.08 -10.19
N GLU B 53 0.02 -16.33 -10.66
CA GLU B 53 0.99 -16.82 -11.63
C GLU B 53 1.74 -18.04 -11.08
N VAL B 54 2.06 -17.99 -9.80
CA VAL B 54 2.78 -19.10 -9.16
C VAL B 54 2.04 -20.41 -9.34
N GLU B 55 0.73 -20.39 -9.12
CA GLU B 55 -0.10 -21.58 -9.26
C GLU B 55 0.44 -22.71 -8.38
N GLU B 56 0.47 -23.94 -8.91
CA GLU B 56 0.96 -25.09 -8.14
C GLU B 56 0.88 -26.36 -8.97
N ARG B 57 -0.23 -26.54 -9.67
CA ARG B 57 -0.44 -27.73 -10.49
C ARG B 57 0.63 -27.84 -11.58
N THR B 58 0.83 -26.76 -12.34
CA THR B 58 1.82 -26.75 -13.41
C THR B 58 3.23 -26.89 -12.86
N ARG B 59 4.04 -27.67 -13.56
CA ARG B 59 5.43 -27.91 -13.15
C ARG B 59 6.18 -28.71 -14.21
N LYS B 60 5.86 -28.45 -15.48
CA LYS B 60 6.50 -29.11 -16.62
C LYS B 60 6.03 -30.57 -16.73
N LEU B 61 6.17 -31.33 -15.65
CA LEU B 61 5.77 -32.74 -15.65
C LEU B 61 4.26 -32.86 -15.76
N SER A 5 -7.04 -1.07 -7.34
CA SER A 5 -8.46 -0.82 -7.02
C SER A 5 -8.72 -0.89 -5.52
N GLU A 6 -8.07 -1.85 -4.87
CA GLU A 6 -8.21 -2.05 -3.43
C GLU A 6 -7.48 -0.97 -2.65
N ALA A 7 -6.42 -0.43 -3.25
CA ALA A 7 -5.62 0.61 -2.61
C ALA A 7 -6.26 1.97 -2.81
N LEU A 8 -7.04 2.07 -3.86
CA LEU A 8 -7.74 3.29 -4.20
C LEU A 8 -9.04 3.37 -3.42
N LYS A 9 -9.63 2.20 -3.22
CA LYS A 9 -10.87 2.06 -2.49
C LYS A 9 -10.64 1.97 -0.99
N ILE A 10 -9.48 1.44 -0.61
CA ILE A 10 -9.13 1.29 0.79
C ILE A 10 -9.23 2.63 1.51
N LEU A 11 -8.68 3.65 0.86
CA LEU A 11 -8.69 4.99 1.40
C LEU A 11 -9.70 5.83 0.67
N ASN A 12 -10.24 5.27 -0.42
CA ASN A 12 -11.25 5.97 -1.22
C ASN A 12 -10.65 7.23 -1.85
N ASN A 13 -9.38 7.14 -2.23
CA ASN A 13 -8.69 8.27 -2.85
C ASN A 13 -8.63 9.46 -1.91
N ILE A 14 -7.42 9.98 -1.72
CA ILE A 14 -7.19 11.13 -0.85
C ILE A 14 -8.13 12.29 -1.18
N ARG A 15 -8.50 12.41 -2.45
CA ARG A 15 -9.38 13.48 -2.89
C ARG A 15 -10.73 13.45 -2.16
N THR A 16 -11.39 12.29 -2.19
CA THR A 16 -12.68 12.13 -1.53
C THR A 16 -12.53 12.19 -0.01
N LEU A 17 -11.39 11.69 0.47
CA LEU A 17 -11.11 11.65 1.89
C LEU A 17 -11.04 13.05 2.50
N ARG A 18 -10.12 13.88 2.00
CA ARG A 18 -9.95 15.24 2.51
C ARG A 18 -11.28 15.91 2.74
N ALA A 19 -12.27 15.53 1.96
CA ALA A 19 -13.61 16.10 2.05
C ALA A 19 -14.41 15.48 3.18
N GLN A 20 -14.45 14.15 3.20
CA GLN A 20 -15.20 13.44 4.23
C GLN A 20 -14.57 13.65 5.59
N ALA A 21 -13.25 13.78 5.58
CA ALA A 21 -12.48 14.00 6.79
C ALA A 21 -12.41 15.48 7.11
N ARG A 22 -12.66 16.30 6.09
CA ARG A 22 -12.63 17.75 6.26
C ARG A 22 -13.33 18.15 7.56
N GLU A 23 -14.29 17.34 7.98
CA GLU A 23 -15.04 17.62 9.20
C GLU A 23 -14.67 16.65 10.31
N SER A 24 -13.38 16.35 10.44
CA SER A 24 -12.91 15.44 11.49
C SER A 24 -11.39 15.53 11.68
N THR A 25 -10.85 14.57 12.44
CA THR A 25 -9.42 14.53 12.71
C THR A 25 -8.70 13.65 11.68
N LEU A 26 -7.40 13.85 11.54
CA LEU A 26 -6.63 13.06 10.59
C LEU A 26 -6.74 11.58 10.91
N GLU A 27 -7.24 11.26 12.10
CA GLU A 27 -7.40 9.87 12.52
C GLU A 27 -7.91 9.01 11.37
N THR A 28 -8.58 9.64 10.41
CA THR A 28 -9.08 8.94 9.24
C THR A 28 -7.94 8.17 8.59
N LEU A 29 -6.75 8.79 8.57
CA LEU A 29 -5.58 8.14 8.01
C LEU A 29 -5.11 6.99 8.89
N GLU A 30 -4.96 7.22 10.18
CA GLU A 30 -4.53 6.15 11.05
C GLU A 30 -5.49 4.98 10.89
N GLU A 31 -6.68 5.29 10.38
CA GLU A 31 -7.70 4.28 10.12
C GLU A 31 -7.46 3.60 8.77
N MET A 32 -7.38 4.40 7.71
CA MET A 32 -7.16 3.88 6.36
C MET A 32 -5.67 3.76 6.04
N LEU A 33 -4.93 4.81 6.37
CA LEU A 33 -3.49 4.87 6.13
C LEU A 33 -2.79 3.65 6.75
N GLU A 34 -3.25 3.24 7.93
CA GLU A 34 -2.69 2.09 8.63
C GLU A 34 -2.92 0.81 7.85
N LYS A 35 -4.04 0.74 7.16
CA LYS A 35 -4.39 -0.45 6.38
C LYS A 35 -3.76 -0.36 5.00
N LEU A 36 -3.61 0.87 4.55
CA LEU A 36 -3.02 1.13 3.27
C LEU A 36 -1.53 0.79 3.30
N GLU A 37 -0.97 0.82 4.49
CA GLU A 37 0.44 0.48 4.65
C GLU A 37 0.58 -1.03 4.82
N VAL A 38 -0.33 -1.62 5.61
CA VAL A 38 -0.30 -3.06 5.83
C VAL A 38 -0.55 -3.79 4.52
N VAL A 39 -1.41 -3.24 3.67
CA VAL A 39 -1.68 -3.86 2.38
C VAL A 39 -0.36 -4.05 1.66
N VAL A 40 0.42 -2.97 1.57
CA VAL A 40 1.73 -3.06 0.94
C VAL A 40 2.72 -3.74 1.86
N ASN A 41 2.43 -3.77 3.14
CA ASN A 41 3.32 -4.43 4.08
C ASN A 41 3.53 -5.85 3.61
N GLU A 42 2.43 -6.44 3.16
CA GLU A 42 2.45 -7.81 2.65
C GLU A 42 2.94 -7.82 1.21
N ARG A 43 2.40 -6.92 0.39
CA ARG A 43 2.78 -6.81 -1.01
C ARG A 43 4.25 -6.42 -1.16
N ARG A 44 4.64 -5.36 -0.50
CA ARG A 44 6.02 -4.87 -0.56
C ARG A 44 7.02 -5.99 -0.29
N GLU A 45 6.76 -6.77 0.76
CA GLU A 45 7.63 -7.87 1.14
C GLU A 45 7.57 -9.04 0.14
N GLU A 46 6.39 -9.31 -0.40
CA GLU A 46 6.21 -10.42 -1.33
C GLU A 46 6.60 -10.02 -2.75
N GLU A 47 6.40 -8.76 -3.07
CA GLU A 47 6.72 -8.24 -4.40
C GLU A 47 8.22 -8.24 -4.63
N SER A 48 8.96 -7.71 -3.66
CA SER A 48 10.41 -7.69 -3.77
C SER A 48 10.89 -9.13 -3.95
N ALA A 49 10.15 -10.04 -3.35
CA ALA A 49 10.43 -11.46 -3.43
C ALA A 49 10.12 -11.99 -4.83
N ALA A 50 8.96 -11.61 -5.36
CA ALA A 50 8.53 -12.05 -6.68
C ALA A 50 9.51 -11.59 -7.75
N ALA A 51 9.97 -10.35 -7.64
CA ALA A 51 10.91 -9.77 -8.60
C ALA A 51 12.29 -10.40 -8.47
N ALA A 52 12.68 -10.72 -7.24
CA ALA A 52 13.99 -11.32 -6.98
C ALA A 52 14.07 -12.76 -7.48
N GLU A 53 13.05 -13.56 -7.16
CA GLU A 53 13.04 -14.96 -7.57
C GLU A 53 12.59 -15.14 -9.02
N VAL A 54 11.50 -14.47 -9.39
CA VAL A 54 10.94 -14.57 -10.74
C VAL A 54 11.00 -16.00 -11.27
N GLU A 55 10.82 -16.96 -10.37
CA GLU A 55 10.85 -18.38 -10.72
C GLU A 55 10.68 -19.25 -9.47
N GLU A 56 9.82 -20.25 -9.57
CA GLU A 56 9.57 -21.15 -8.45
C GLU A 56 10.54 -22.32 -8.49
N ARG A 57 10.98 -22.75 -7.30
CA ARG A 57 11.91 -23.88 -7.20
C ARG A 57 11.18 -25.19 -7.45
N THR A 58 10.16 -25.16 -8.29
CA THR A 58 9.39 -26.35 -8.61
C THR A 58 10.13 -27.24 -9.59
N ARG A 59 10.59 -26.65 -10.69
CA ARG A 59 11.33 -27.37 -11.73
C ARG A 59 10.46 -28.43 -12.39
N LYS A 60 10.55 -28.53 -13.70
CA LYS A 60 9.78 -29.50 -14.47
C LYS A 60 10.14 -30.93 -14.04
N LEU A 61 11.44 -31.16 -13.87
CA LEU A 61 11.93 -32.48 -13.47
C LEU A 61 11.34 -32.90 -12.14
N SER B 5 8.33 -2.96 4.27
CA SER B 5 9.21 -1.98 4.98
C SER B 5 8.94 -0.56 4.50
N GLU B 6 8.82 -0.39 3.18
CA GLU B 6 8.56 0.92 2.59
C GLU B 6 7.13 1.36 2.87
N ALA B 7 6.25 0.39 3.04
CA ALA B 7 4.84 0.68 3.30
C ALA B 7 4.68 1.23 4.70
N LEU B 8 5.63 0.87 5.54
CA LEU B 8 5.65 1.28 6.92
C LEU B 8 6.28 2.66 7.07
N LYS B 9 7.41 2.85 6.39
CA LYS B 9 8.13 4.12 6.42
C LYS B 9 7.55 5.13 5.44
N ILE B 10 6.82 4.65 4.43
CA ILE B 10 6.22 5.53 3.44
C ILE B 10 5.38 6.54 4.18
N LEU B 11 4.38 6.02 4.87
CA LEU B 11 3.51 6.85 5.67
C LEU B 11 4.23 7.11 6.97
N ASN B 12 5.34 6.37 7.16
CA ASN B 12 6.15 6.50 8.35
C ASN B 12 5.35 6.15 9.61
N ASN B 13 4.46 5.17 9.46
CA ASN B 13 3.61 4.72 10.56
C ASN B 13 2.69 5.84 11.06
N ILE B 14 1.41 5.53 11.13
CA ILE B 14 0.39 6.50 11.58
C ILE B 14 0.69 6.99 13.00
N ARG B 15 1.27 6.12 13.82
CA ARG B 15 1.59 6.47 15.20
C ARG B 15 2.38 7.78 15.28
N THR B 16 3.44 7.86 14.49
CA THR B 16 4.29 9.04 14.47
C THR B 16 3.66 10.15 13.62
N LEU B 17 3.00 9.76 12.55
CA LEU B 17 2.38 10.72 11.64
C LEU B 17 1.28 11.52 12.32
N ARG B 18 0.26 10.84 12.83
CA ARG B 18 -0.87 11.51 13.46
C ARG B 18 -0.38 12.57 14.44
N ALA B 19 0.79 12.34 15.02
CA ALA B 19 1.37 13.27 15.97
C ALA B 19 2.06 14.44 15.27
N GLN B 20 2.92 14.14 14.30
CA GLN B 20 3.64 15.17 13.57
C GLN B 20 2.65 16.03 12.80
N ALA B 21 1.62 15.38 12.33
CA ALA B 21 0.56 16.02 11.56
C ALA B 21 -0.50 16.58 12.49
N ARG B 22 -0.54 16.07 13.71
CA ARG B 22 -1.50 16.54 14.70
C ARG B 22 -1.58 18.06 14.69
N GLU B 23 -0.46 18.68 14.36
CA GLU B 23 -0.39 20.14 14.30
C GLU B 23 -0.65 20.66 12.89
N SER B 24 -1.51 19.97 12.15
CA SER B 24 -1.83 20.39 10.78
C SER B 24 -3.14 19.74 10.29
N THR B 25 -3.33 19.75 8.98
CA THR B 25 -4.53 19.18 8.36
C THR B 25 -4.26 17.75 7.87
N LEU B 26 -5.32 17.01 7.58
CA LEU B 26 -5.19 15.64 7.11
C LEU B 26 -4.30 15.58 5.86
N GLU B 27 -4.07 16.73 5.25
CA GLU B 27 -3.25 16.80 4.04
C GLU B 27 -2.05 15.86 4.15
N THR B 28 -1.60 15.63 5.38
CA THR B 28 -0.49 14.72 5.64
C THR B 28 -0.75 13.37 4.99
N LEU B 29 -1.98 12.87 5.12
CA LEU B 29 -2.34 11.59 4.53
C LEU B 29 -2.38 11.72 3.00
N GLU B 30 -2.97 12.78 2.48
CA GLU B 30 -2.99 12.95 1.04
C GLU B 30 -1.57 12.91 0.53
N GLU B 31 -0.63 13.21 1.42
CA GLU B 31 0.79 13.18 1.08
C GLU B 31 1.32 11.76 1.17
N MET B 32 1.09 11.11 2.30
CA MET B 32 1.57 9.74 2.51
C MET B 32 0.54 8.70 2.04
N LEU B 33 -0.71 8.91 2.44
CA LEU B 33 -1.82 8.01 2.09
C LEU B 33 -1.95 7.85 0.58
N GLU B 34 -1.81 8.96 -0.15
CA GLU B 34 -1.90 8.94 -1.61
C GLU B 34 -0.80 8.08 -2.23
N LYS B 35 0.36 8.06 -1.59
CA LYS B 35 1.49 7.27 -2.08
C LYS B 35 1.39 5.86 -1.56
N LEU B 36 0.82 5.76 -0.37
CA LEU B 36 0.62 4.49 0.28
C LEU B 36 -0.41 3.67 -0.48
N GLU B 37 -1.29 4.36 -1.20
CA GLU B 37 -2.31 3.67 -1.98
C GLU B 37 -1.76 3.31 -3.35
N VAL B 38 -1.09 4.26 -3.99
CA VAL B 38 -0.52 4.03 -5.30
C VAL B 38 0.54 2.94 -5.22
N VAL B 39 1.25 2.88 -4.10
CA VAL B 39 2.27 1.85 -3.91
C VAL B 39 1.60 0.49 -4.03
N VAL B 40 0.47 0.33 -3.37
CA VAL B 40 -0.29 -0.92 -3.46
C VAL B 40 -1.08 -0.95 -4.74
N ASN B 41 -1.32 0.22 -5.32
CA ASN B 41 -2.06 0.28 -6.58
C ASN B 41 -1.36 -0.60 -7.59
N GLU B 42 -0.03 -0.57 -7.53
CA GLU B 42 0.79 -1.39 -8.41
C GLU B 42 0.88 -2.81 -7.87
N ARG B 43 1.02 -2.94 -6.56
CA ARG B 43 1.12 -4.24 -5.90
C ARG B 43 -0.21 -4.97 -5.91
N ARG B 44 -1.24 -4.31 -5.39
CA ARG B 44 -2.57 -4.92 -5.34
C ARG B 44 -2.90 -5.58 -6.67
N GLU B 45 -2.53 -4.94 -7.77
CA GLU B 45 -2.78 -5.47 -9.10
C GLU B 45 -1.69 -6.44 -9.58
N GLU B 46 -0.43 -6.13 -9.30
CA GLU B 46 0.69 -6.97 -9.73
C GLU B 46 0.96 -8.11 -8.75
N GLU B 47 1.00 -7.78 -7.47
CA GLU B 47 1.25 -8.79 -6.44
C GLU B 47 0.24 -9.92 -6.58
N SER B 48 -1.03 -9.56 -6.67
CA SER B 48 -2.08 -10.55 -6.82
C SER B 48 -1.83 -11.35 -8.09
N ALA B 49 -1.30 -10.65 -9.10
CA ALA B 49 -0.97 -11.25 -10.38
C ALA B 49 0.10 -12.31 -10.19
N ALA B 50 1.09 -12.00 -9.35
CA ALA B 50 2.18 -12.93 -9.06
C ALA B 50 1.65 -14.20 -8.43
N ALA B 51 0.71 -14.05 -7.51
CA ALA B 51 0.11 -15.18 -6.82
C ALA B 51 -0.75 -16.01 -7.77
N ALA B 52 -1.50 -15.32 -8.63
CA ALA B 52 -2.38 -15.99 -9.58
C ALA B 52 -1.60 -16.78 -10.62
N GLU B 53 -0.57 -16.17 -11.17
CA GLU B 53 0.25 -16.82 -12.19
C GLU B 53 1.02 -18.02 -11.62
N VAL B 54 1.55 -17.85 -10.41
CA VAL B 54 2.31 -18.90 -9.75
C VAL B 54 3.58 -19.25 -10.52
N GLU B 55 3.43 -20.07 -11.55
CA GLU B 55 4.55 -20.47 -12.39
C GLU B 55 4.94 -19.35 -13.36
N GLU B 56 5.25 -19.72 -14.61
CA GLU B 56 5.62 -18.73 -15.62
C GLU B 56 5.63 -19.40 -17.00
N ARG B 57 5.11 -18.68 -17.99
CA ARG B 57 5.05 -19.20 -19.36
C ARG B 57 6.42 -19.16 -20.03
N THR B 58 7.40 -19.82 -19.43
CA THR B 58 8.75 -19.87 -19.99
C THR B 58 9.58 -20.95 -19.31
N ARG B 59 8.98 -22.12 -19.11
CA ARG B 59 9.68 -23.24 -18.47
C ARG B 59 10.81 -23.76 -19.35
N LYS B 60 11.12 -25.04 -19.22
CA LYS B 60 12.19 -25.67 -20.00
C LYS B 60 11.76 -25.82 -21.46
N LEU B 61 12.12 -26.97 -22.06
CA LEU B 61 11.78 -27.25 -23.45
C LEU B 61 12.37 -26.19 -24.37
N SER A 5 -8.46 -3.08 -7.28
CA SER A 5 -8.30 -1.63 -6.97
C SER A 5 -8.58 -1.35 -5.49
N GLU A 6 -8.04 -2.21 -4.62
CA GLU A 6 -8.22 -2.05 -3.18
C GLU A 6 -7.40 -0.90 -2.65
N ALA A 7 -6.31 -0.58 -3.33
CA ALA A 7 -5.43 0.50 -2.91
C ALA A 7 -6.11 1.84 -3.13
N LEU A 8 -6.98 1.86 -4.10
CA LEU A 8 -7.73 3.03 -4.48
C LEU A 8 -8.96 3.20 -3.61
N LYS A 9 -9.65 2.08 -3.40
CA LYS A 9 -10.87 2.05 -2.61
C LYS A 9 -10.58 2.00 -1.11
N ILE A 10 -9.41 1.48 -0.74
CA ILE A 10 -9.02 1.38 0.65
C ILE A 10 -9.09 2.74 1.31
N LEU A 11 -8.54 3.72 0.62
CA LEU A 11 -8.52 5.09 1.10
C LEU A 11 -9.54 5.92 0.33
N ASN A 12 -10.01 5.38 -0.79
CA ASN A 12 -10.98 6.07 -1.63
C ASN A 12 -10.37 7.34 -2.21
N ASN A 13 -9.07 7.29 -2.50
CA ASN A 13 -8.35 8.42 -3.07
C ASN A 13 -8.36 9.61 -2.11
N ILE A 14 -7.17 10.15 -1.84
CA ILE A 14 -7.03 11.31 -0.96
C ILE A 14 -7.94 12.45 -1.38
N ARG A 15 -8.25 12.52 -2.67
CA ARG A 15 -9.11 13.58 -3.19
C ARG A 15 -10.50 13.52 -2.54
N THR A 16 -11.10 12.34 -2.53
CA THR A 16 -12.42 12.16 -1.93
C THR A 16 -12.32 12.01 -0.41
N LEU A 17 -11.29 11.29 0.04
CA LEU A 17 -11.08 11.06 1.46
C LEU A 17 -10.83 12.37 2.21
N ARG A 18 -9.92 13.17 1.69
CA ARG A 18 -9.59 14.45 2.32
C ARG A 18 -10.85 15.25 2.63
N ALA A 19 -11.82 15.16 1.73
CA ALA A 19 -13.08 15.88 1.89
C ALA A 19 -14.04 15.20 2.86
N GLN A 20 -14.25 13.89 2.67
CA GLN A 20 -15.15 13.15 3.54
C GLN A 20 -14.61 13.16 4.96
N ALA A 21 -13.31 13.32 5.07
CA ALA A 21 -12.63 13.36 6.35
C ALA A 21 -12.67 14.76 6.92
N ARG A 22 -12.79 15.75 6.04
CA ARG A 22 -12.86 17.15 6.47
C ARG A 22 -13.74 17.29 7.69
N GLU A 23 -14.77 16.46 7.76
CA GLU A 23 -15.71 16.50 8.89
C GLU A 23 -15.16 15.77 10.11
N SER A 24 -13.83 15.69 10.19
CA SER A 24 -13.17 15.03 11.32
C SER A 24 -11.68 15.37 11.37
N THR A 25 -10.90 14.49 11.98
CA THR A 25 -9.46 14.70 12.10
C THR A 25 -8.70 13.85 11.10
N LEU A 26 -7.37 13.85 11.21
CA LEU A 26 -6.54 13.06 10.33
C LEU A 26 -6.68 11.59 10.69
N GLU A 27 -7.24 11.32 11.87
CA GLU A 27 -7.42 9.96 12.34
C GLU A 27 -7.87 9.04 11.21
N THR A 28 -8.55 9.62 10.22
CA THR A 28 -9.02 8.87 9.06
C THR A 28 -7.86 8.12 8.43
N LEU A 29 -6.69 8.76 8.34
CA LEU A 29 -5.52 8.10 7.78
C LEU A 29 -5.10 6.96 8.69
N GLU A 30 -5.10 7.18 9.99
CA GLU A 30 -4.73 6.14 10.91
C GLU A 30 -5.65 4.94 10.67
N GLU A 31 -6.82 5.24 10.11
CA GLU A 31 -7.79 4.19 9.79
C GLU A 31 -7.46 3.53 8.46
N MET A 32 -7.35 4.34 7.41
CA MET A 32 -7.05 3.85 6.07
C MET A 32 -5.56 3.75 5.79
N LEU A 33 -4.83 4.80 6.15
CA LEU A 33 -3.38 4.86 5.93
C LEU A 33 -2.67 3.70 6.63
N GLU A 34 -3.07 3.41 7.86
CA GLU A 34 -2.47 2.32 8.63
C GLU A 34 -2.64 0.99 7.91
N LYS A 35 -3.77 0.82 7.22
CA LYS A 35 -4.05 -0.41 6.50
C LYS A 35 -3.44 -0.34 5.11
N LEU A 36 -3.32 0.87 4.63
CA LEU A 36 -2.74 1.12 3.32
C LEU A 36 -1.27 0.77 3.34
N GLU A 37 -0.67 0.84 4.52
CA GLU A 37 0.73 0.49 4.67
C GLU A 37 0.89 -1.01 4.88
N VAL A 38 -0.03 -1.59 5.66
CA VAL A 38 0.01 -3.02 5.91
C VAL A 38 -0.28 -3.79 4.63
N VAL A 39 -1.16 -3.23 3.80
CA VAL A 39 -1.49 -3.87 2.53
C VAL A 39 -0.21 -4.07 1.74
N VAL A 40 0.69 -3.08 1.83
CA VAL A 40 1.97 -3.17 1.18
C VAL A 40 2.96 -3.91 2.08
N ASN A 41 2.80 -3.75 3.39
CA ASN A 41 3.68 -4.44 4.32
C ASN A 41 3.84 -5.86 3.85
N GLU A 42 2.74 -6.43 3.38
CA GLU A 42 2.73 -7.77 2.85
C GLU A 42 3.13 -7.75 1.38
N ARG A 43 2.56 -6.82 0.63
CA ARG A 43 2.84 -6.68 -0.80
C ARG A 43 4.23 -6.10 -1.03
N ARG A 44 4.45 -4.92 -0.50
CA ARG A 44 5.72 -4.21 -0.63
C ARG A 44 6.90 -5.17 -0.44
N GLU A 45 6.77 -6.11 0.51
CA GLU A 45 7.84 -7.06 0.79
C GLU A 45 7.82 -8.28 -0.14
N GLU A 46 6.65 -8.88 -0.36
CA GLU A 46 6.54 -10.08 -1.20
C GLU A 46 6.55 -9.72 -2.68
N GLU A 47 5.87 -8.65 -3.02
CA GLU A 47 5.79 -8.18 -4.40
C GLU A 47 7.18 -7.98 -4.98
N SER A 48 8.02 -7.27 -4.23
CA SER A 48 9.40 -7.04 -4.67
C SER A 48 10.07 -8.38 -4.89
N ALA A 49 9.74 -9.32 -4.02
CA ALA A 49 10.26 -10.67 -4.11
C ALA A 49 9.82 -11.33 -5.41
N ALA A 50 8.56 -11.07 -5.78
CA ALA A 50 8.00 -11.60 -7.01
C ALA A 50 8.76 -11.08 -8.22
N ALA A 51 9.09 -9.80 -8.19
CA ALA A 51 9.81 -9.16 -9.29
C ALA A 51 11.24 -9.72 -9.39
N ALA A 52 11.86 -9.93 -8.23
CA ALA A 52 13.23 -10.45 -8.18
C ALA A 52 13.31 -11.88 -8.72
N GLU A 53 12.36 -12.72 -8.32
CA GLU A 53 12.33 -14.12 -8.76
C GLU A 53 12.12 -14.22 -10.28
N VAL A 54 11.47 -13.22 -10.85
CA VAL A 54 11.20 -13.21 -12.29
C VAL A 54 12.45 -13.54 -13.09
N GLU A 55 13.57 -12.93 -12.72
CA GLU A 55 14.84 -13.17 -13.41
C GLU A 55 15.99 -12.47 -12.68
N GLU A 56 17.14 -13.13 -12.63
CA GLU A 56 18.31 -12.58 -11.97
C GLU A 56 19.57 -13.38 -12.31
N ARG A 57 19.48 -14.70 -12.17
CA ARG A 57 20.62 -15.58 -12.47
C ARG A 57 20.22 -17.04 -12.30
N THR A 58 19.15 -17.43 -12.97
CA THR A 58 18.67 -18.81 -12.88
C THR A 58 17.60 -19.10 -13.93
N ARG A 59 17.73 -20.24 -14.60
CA ARG A 59 16.79 -20.65 -15.63
C ARG A 59 17.07 -22.08 -16.08
N LYS A 60 17.32 -22.95 -15.11
CA LYS A 60 17.63 -24.35 -15.40
C LYS A 60 18.87 -24.47 -16.28
N LEU A 61 18.81 -25.36 -17.27
CA LEU A 61 19.94 -25.57 -18.17
C LEU A 61 19.54 -26.48 -19.33
N SER B 5 10.60 -2.22 4.47
CA SER B 5 9.74 -1.35 5.30
C SER B 5 9.44 -0.03 4.59
N GLU B 6 9.10 -0.13 3.30
CA GLU B 6 8.78 1.05 2.50
C GLU B 6 7.38 1.55 2.82
N ALA B 7 6.47 0.62 3.08
CA ALA B 7 5.10 0.96 3.42
C ALA B 7 5.00 1.45 4.85
N LEU B 8 5.92 0.98 5.63
CA LEU B 8 6.02 1.31 7.03
C LEU B 8 6.63 2.70 7.22
N LYS B 9 7.69 2.96 6.46
CA LYS B 9 8.37 4.24 6.51
C LYS B 9 7.62 5.29 5.70
N ILE B 10 7.00 4.86 4.60
CA ILE B 10 6.23 5.79 3.76
C ILE B 10 5.22 6.51 4.62
N LEU B 11 4.65 5.72 5.50
CA LEU B 11 3.65 6.19 6.43
C LEU B 11 4.32 6.71 7.68
N ASN B 12 5.49 6.15 7.97
CA ASN B 12 6.20 6.52 9.19
C ASN B 12 5.31 6.12 10.35
N ASN B 13 4.33 5.26 10.01
CA ASN B 13 3.34 4.74 10.94
C ASN B 13 2.45 5.84 11.51
N ILE B 14 1.14 5.59 11.44
CA ILE B 14 0.13 6.53 11.93
C ILE B 14 0.41 6.95 13.36
N ARG B 15 1.02 6.06 14.14
CA ARG B 15 1.34 6.36 15.53
C ARG B 15 2.17 7.64 15.63
N THR B 16 3.19 7.74 14.77
CA THR B 16 4.07 8.90 14.74
C THR B 16 3.48 10.01 13.87
N LEU B 17 2.85 9.62 12.76
CA LEU B 17 2.28 10.58 11.83
C LEU B 17 1.17 11.38 12.48
N ARG B 18 0.17 10.70 13.04
CA ARG B 18 -0.96 11.34 13.68
C ARG B 18 -0.49 12.44 14.63
N ALA B 19 0.68 12.26 15.20
CA ALA B 19 1.24 13.22 16.14
C ALA B 19 2.01 14.34 15.44
N GLN B 20 2.91 13.97 14.54
CA GLN B 20 3.70 14.95 13.82
C GLN B 20 2.79 15.82 12.96
N ALA B 21 1.74 15.19 12.47
CA ALA B 21 0.76 15.86 11.64
C ALA B 21 -0.29 16.53 12.50
N ARG B 22 -0.44 16.03 13.72
CA ARG B 22 -1.42 16.57 14.65
C ARG B 22 -1.36 18.10 14.64
N GLU B 23 -0.17 18.63 14.38
CA GLU B 23 0.02 20.07 14.32
C GLU B 23 -0.32 20.62 12.94
N SER B 24 -1.26 19.98 12.25
CA SER B 24 -1.65 20.43 10.91
C SER B 24 -2.97 19.78 10.48
N THR B 25 -3.19 19.72 9.16
CA THR B 25 -4.41 19.13 8.61
C THR B 25 -4.14 17.71 8.10
N LEU B 26 -5.21 16.96 7.83
CA LEU B 26 -5.08 15.60 7.35
C LEU B 26 -4.29 15.58 6.05
N GLU B 27 -4.11 16.73 5.43
CA GLU B 27 -3.37 16.83 4.17
C GLU B 27 -2.14 15.90 4.20
N THR B 28 -1.64 15.64 5.41
CA THR B 28 -0.50 14.75 5.59
C THR B 28 -0.78 13.42 4.89
N LEU B 29 -2.00 12.91 5.05
CA LEU B 29 -2.38 11.66 4.40
C LEU B 29 -2.47 11.87 2.91
N GLU B 30 -3.05 12.97 2.47
CA GLU B 30 -3.12 13.23 1.05
C GLU B 30 -1.72 13.14 0.47
N GLU B 31 -0.75 13.41 1.34
CA GLU B 31 0.65 13.35 0.96
C GLU B 31 1.18 11.91 1.04
N MET B 32 0.97 11.27 2.19
CA MET B 32 1.44 9.90 2.41
C MET B 32 0.40 8.86 1.97
N LEU B 33 -0.84 9.08 2.38
CA LEU B 33 -1.96 8.16 2.05
C LEU B 33 -2.08 7.98 0.54
N GLU B 34 -1.85 9.05 -0.21
CA GLU B 34 -1.93 9.01 -1.67
C GLU B 34 -0.79 8.18 -2.26
N LYS B 35 0.35 8.19 -1.59
CA LYS B 35 1.52 7.46 -2.07
C LYS B 35 1.50 6.03 -1.55
N LEU B 36 0.94 5.89 -0.35
CA LEU B 36 0.83 4.60 0.28
C LEU B 36 -0.17 3.74 -0.48
N GLU B 37 -1.08 4.40 -1.18
CA GLU B 37 -2.08 3.69 -1.97
C GLU B 37 -1.51 3.36 -3.34
N VAL B 38 -0.73 4.28 -3.91
CA VAL B 38 -0.12 4.05 -5.22
C VAL B 38 1.00 3.01 -5.09
N VAL B 39 1.75 3.09 -3.99
CA VAL B 39 2.83 2.15 -3.75
C VAL B 39 2.27 0.74 -3.79
N VAL B 40 1.18 0.54 -3.06
CA VAL B 40 0.51 -0.74 -3.05
C VAL B 40 -0.34 -0.90 -4.28
N ASN B 41 -0.69 0.21 -4.93
CA ASN B 41 -1.49 0.15 -6.14
C ASN B 41 -0.80 -0.75 -7.16
N GLU B 42 0.51 -0.59 -7.27
CA GLU B 42 1.30 -1.40 -8.19
C GLU B 42 1.46 -2.81 -7.61
N ARG B 43 1.76 -2.88 -6.32
CA ARG B 43 1.92 -4.16 -5.64
C ARG B 43 0.59 -4.89 -5.53
N ARG B 44 -0.50 -4.11 -5.51
CA ARG B 44 -1.85 -4.66 -5.40
C ARG B 44 -2.25 -5.42 -6.66
N GLU B 45 -2.09 -4.77 -7.81
CA GLU B 45 -2.44 -5.40 -9.09
C GLU B 45 -1.55 -6.63 -9.31
N GLU B 46 -0.28 -6.50 -8.95
CA GLU B 46 0.67 -7.59 -9.09
C GLU B 46 0.50 -8.60 -7.96
N GLU B 47 -0.11 -8.16 -6.87
CA GLU B 47 -0.36 -9.00 -5.70
C GLU B 47 -1.30 -10.13 -6.08
N SER B 48 -2.39 -9.77 -6.72
CA SER B 48 -3.37 -10.76 -7.16
C SER B 48 -2.78 -11.59 -8.29
N ALA B 49 -1.95 -10.94 -9.10
CA ALA B 49 -1.30 -11.59 -10.22
C ALA B 49 -0.34 -12.68 -9.76
N ALA B 50 0.49 -12.35 -8.77
CA ALA B 50 1.45 -13.31 -8.23
C ALA B 50 0.75 -14.47 -7.55
N ALA B 51 -0.24 -14.16 -6.71
CA ALA B 51 -0.98 -15.20 -6.00
C ALA B 51 -1.59 -16.20 -6.99
N ALA B 52 -2.23 -15.67 -8.03
CA ALA B 52 -2.83 -16.52 -9.05
C ALA B 52 -1.75 -17.37 -9.71
N GLU B 53 -0.62 -16.73 -9.99
CA GLU B 53 0.52 -17.40 -10.60
C GLU B 53 1.05 -18.49 -9.68
N VAL B 54 0.98 -18.22 -8.38
CA VAL B 54 1.42 -19.15 -7.36
C VAL B 54 0.51 -20.37 -7.32
N GLU B 55 1.03 -21.48 -7.81
CA GLU B 55 0.29 -22.74 -7.84
C GLU B 55 -0.92 -22.65 -8.78
N GLU B 56 -1.05 -23.64 -9.66
CA GLU B 56 -2.14 -23.69 -10.61
C GLU B 56 -2.07 -24.97 -11.43
N ARG B 57 -3.24 -25.48 -11.84
CA ARG B 57 -3.31 -26.70 -12.63
C ARG B 57 -2.57 -26.56 -13.96
N THR B 58 -1.25 -26.62 -13.91
CA THR B 58 -0.42 -26.50 -15.10
C THR B 58 1.06 -26.73 -14.77
N ARG B 59 1.33 -27.79 -14.00
CA ARG B 59 2.68 -28.13 -13.60
C ARG B 59 3.46 -28.80 -14.73
N LYS B 60 3.28 -28.30 -15.96
CA LYS B 60 3.96 -28.85 -17.12
C LYS B 60 3.74 -30.36 -17.22
N LEU B 61 2.50 -30.78 -17.01
CA LEU B 61 2.16 -32.20 -17.08
C LEU B 61 3.07 -33.04 -16.20
N SER A 5 -6.18 -2.16 -7.39
CA SER A 5 -7.56 -1.60 -7.47
C SER A 5 -8.10 -1.28 -6.08
N GLU A 6 -7.94 -2.22 -5.15
CA GLU A 6 -8.40 -2.04 -3.79
C GLU A 6 -7.56 -1.01 -3.05
N ALA A 7 -6.40 -0.69 -3.62
CA ALA A 7 -5.49 0.29 -3.05
C ALA A 7 -6.05 1.68 -3.21
N LEU A 8 -6.88 1.82 -4.21
CA LEU A 8 -7.52 3.07 -4.56
C LEU A 8 -8.76 3.30 -3.68
N LYS A 9 -9.52 2.23 -3.52
CA LYS A 9 -10.75 2.25 -2.72
C LYS A 9 -10.45 2.04 -1.23
N ILE A 10 -9.32 1.41 -0.93
CA ILE A 10 -8.93 1.16 0.45
C ILE A 10 -8.96 2.47 1.22
N LEU A 11 -8.26 3.43 0.66
CA LEU A 11 -8.20 4.76 1.24
C LEU A 11 -9.31 5.61 0.62
N ASN A 12 -9.91 5.07 -0.45
CA ASN A 12 -10.99 5.74 -1.15
C ASN A 12 -10.51 7.07 -1.72
N ASN A 13 -9.25 7.10 -2.18
CA ASN A 13 -8.65 8.29 -2.77
C ASN A 13 -8.63 9.45 -1.78
N ILE A 14 -7.45 10.03 -1.58
CA ILE A 14 -7.28 11.16 -0.67
C ILE A 14 -8.22 12.31 -1.03
N ARG A 15 -8.56 12.42 -2.30
CA ARG A 15 -9.47 13.48 -2.75
C ARG A 15 -10.82 13.36 -2.07
N THR A 16 -11.39 12.16 -2.09
CA THR A 16 -12.69 11.91 -1.47
C THR A 16 -12.57 11.84 0.05
N LEU A 17 -11.48 11.24 0.52
CA LEU A 17 -11.25 11.11 1.96
C LEU A 17 -11.12 12.47 2.63
N ARG A 18 -10.21 13.29 2.11
CA ARG A 18 -9.96 14.62 2.66
C ARG A 18 -11.28 15.36 2.91
N ALA A 19 -12.27 15.08 2.09
CA ALA A 19 -13.57 15.72 2.22
C ALA A 19 -14.47 15.04 3.24
N GLN A 20 -14.59 13.72 3.13
CA GLN A 20 -15.42 12.97 4.07
C GLN A 20 -14.85 13.05 5.48
N ALA A 21 -13.53 13.15 5.53
CA ALA A 21 -12.81 13.26 6.78
C ALA A 21 -12.74 14.70 7.22
N ARG A 22 -12.85 15.61 6.24
CA ARG A 22 -12.80 17.04 6.51
C ARG A 22 -13.61 17.37 7.75
N GLU A 23 -14.67 16.60 7.98
CA GLU A 23 -15.54 16.80 9.13
C GLU A 23 -14.97 16.12 10.37
N SER A 24 -13.64 15.99 10.44
CA SER A 24 -12.99 15.36 11.60
C SER A 24 -11.49 15.62 11.58
N THR A 25 -10.74 14.76 12.26
CA THR A 25 -9.28 14.91 12.33
C THR A 25 -8.58 13.99 11.33
N LEU A 26 -7.26 14.00 11.34
CA LEU A 26 -6.48 13.17 10.45
C LEU A 26 -6.63 11.71 10.83
N GLU A 27 -7.16 11.46 12.02
CA GLU A 27 -7.33 10.09 12.50
C GLU A 27 -7.83 9.19 11.37
N THR A 28 -8.52 9.79 10.41
CA THR A 28 -9.02 9.05 9.25
C THR A 28 -7.88 8.27 8.60
N LEU A 29 -6.72 8.90 8.47
CA LEU A 29 -5.56 8.23 7.90
C LEU A 29 -5.11 7.12 8.84
N GLU A 30 -5.03 7.42 10.12
CA GLU A 30 -4.62 6.40 11.07
C GLU A 30 -5.51 5.18 10.87
N GLU A 31 -6.72 5.42 10.36
CA GLU A 31 -7.67 4.36 10.09
C GLU A 31 -7.40 3.69 8.74
N MET A 32 -7.34 4.51 7.68
CA MET A 32 -7.11 4.00 6.33
C MET A 32 -5.62 3.91 6.00
N LEU A 33 -4.87 4.94 6.35
CA LEU A 33 -3.43 5.00 6.11
C LEU A 33 -2.75 3.77 6.71
N GLU A 34 -3.26 3.34 7.85
CA GLU A 34 -2.73 2.16 8.55
C GLU A 34 -3.01 0.88 7.76
N LYS A 35 -4.13 0.85 7.05
CA LYS A 35 -4.52 -0.32 6.28
C LYS A 35 -3.87 -0.28 4.91
N LEU A 36 -3.77 0.92 4.38
CA LEU A 36 -3.17 1.15 3.09
C LEU A 36 -1.67 0.87 3.18
N GLU A 37 -1.13 0.93 4.39
CA GLU A 37 0.29 0.66 4.59
C GLU A 37 0.51 -0.84 4.77
N VAL A 38 -0.31 -1.45 5.63
CA VAL A 38 -0.20 -2.88 5.88
C VAL A 38 -0.45 -3.66 4.59
N VAL A 39 -1.35 -3.13 3.75
CA VAL A 39 -1.64 -3.78 2.48
C VAL A 39 -0.34 -3.91 1.70
N VAL A 40 0.47 -2.85 1.72
CA VAL A 40 1.76 -2.92 1.05
C VAL A 40 2.72 -3.73 1.89
N ASN A 41 2.62 -3.59 3.20
CA ASN A 41 3.50 -4.35 4.10
C ASN A 41 3.60 -5.78 3.61
N GLU A 42 2.48 -6.30 3.12
CA GLU A 42 2.44 -7.66 2.59
C GLU A 42 3.11 -7.69 1.21
N ARG A 43 2.82 -6.67 0.41
CA ARG A 43 3.38 -6.55 -0.93
C ARG A 43 4.85 -6.15 -0.88
N ARG A 44 5.17 -5.10 -0.15
CA ARG A 44 6.54 -4.64 -0.02
C ARG A 44 7.47 -5.82 0.30
N GLU A 45 6.99 -6.75 1.11
CA GLU A 45 7.78 -7.91 1.50
C GLU A 45 7.65 -9.07 0.50
N GLU A 46 6.43 -9.38 0.08
CA GLU A 46 6.19 -10.50 -0.85
C GLU A 46 6.31 -10.07 -2.31
N GLU A 47 5.72 -8.93 -2.63
CA GLU A 47 5.76 -8.43 -4.00
C GLU A 47 7.18 -8.17 -4.45
N SER A 48 7.96 -7.50 -3.59
CA SER A 48 9.35 -7.23 -3.91
C SER A 48 10.05 -8.56 -4.17
N ALA A 49 9.60 -9.57 -3.44
CA ALA A 49 10.13 -10.92 -3.58
C ALA A 49 9.80 -11.47 -4.96
N ALA A 50 8.57 -11.24 -5.40
CA ALA A 50 8.13 -11.70 -6.72
C ALA A 50 8.99 -11.07 -7.81
N ALA A 51 9.31 -9.79 -7.61
CA ALA A 51 10.13 -9.06 -8.58
C ALA A 51 11.54 -9.64 -8.65
N ALA A 52 12.10 -9.94 -7.47
CA ALA A 52 13.45 -10.51 -7.41
C ALA A 52 13.48 -11.91 -8.00
N GLU A 53 12.42 -12.68 -7.74
CA GLU A 53 12.31 -14.04 -8.25
C GLU A 53 12.30 -14.08 -9.78
N VAL A 54 11.45 -13.24 -10.37
CA VAL A 54 11.35 -13.18 -11.83
C VAL A 54 12.63 -12.66 -12.46
N GLU A 55 13.25 -11.67 -11.81
CA GLU A 55 14.49 -11.08 -12.31
C GLU A 55 14.29 -10.49 -13.70
N GLU A 56 15.19 -10.80 -14.64
CA GLU A 56 15.09 -10.29 -16.00
C GLU A 56 16.22 -10.82 -16.87
N ARG A 57 17.40 -10.98 -16.27
CA ARG A 57 18.58 -11.47 -16.98
C ARG A 57 18.28 -12.75 -17.75
N THR A 58 17.42 -13.60 -17.18
CA THR A 58 17.06 -14.86 -17.82
C THR A 58 15.73 -15.40 -17.31
N ARG A 59 15.46 -15.18 -16.03
CA ARG A 59 14.21 -15.64 -15.42
C ARG A 59 14.16 -17.16 -15.32
N LYS A 60 13.57 -17.66 -14.23
CA LYS A 60 13.44 -19.10 -13.99
C LYS A 60 14.76 -19.72 -13.57
N LEU A 61 15.85 -19.32 -14.23
CA LEU A 61 17.17 -19.86 -13.90
C LEU A 61 18.26 -19.09 -14.64
N SER B 5 8.97 -1.99 6.87
CA SER B 5 9.51 -1.90 5.49
C SER B 5 9.25 -0.53 4.87
N GLU B 6 8.89 -0.51 3.59
CA GLU B 6 8.63 0.74 2.89
C GLU B 6 7.21 1.22 3.14
N ALA B 7 6.30 0.30 3.40
CA ALA B 7 4.90 0.64 3.65
C ALA B 7 4.72 1.22 5.05
N LEU B 8 5.65 0.87 5.91
CA LEU B 8 5.65 1.33 7.27
C LEU B 8 6.33 2.69 7.38
N LYS B 9 7.46 2.80 6.69
CA LYS B 9 8.25 4.03 6.66
C LYS B 9 7.67 5.05 5.69
N ILE B 10 6.93 4.56 4.69
CA ILE B 10 6.33 5.46 3.71
C ILE B 10 5.53 6.53 4.41
N LEU B 11 4.61 6.06 5.22
CA LEU B 11 3.76 6.92 5.99
C LEU B 11 4.40 7.12 7.36
N ASN B 12 5.50 6.38 7.59
CA ASN B 12 6.23 6.46 8.85
C ASN B 12 5.31 6.09 10.02
N ASN B 13 4.42 5.13 9.78
CA ASN B 13 3.49 4.67 10.80
C ASN B 13 2.56 5.78 11.26
N ILE B 14 1.26 5.49 11.27
CA ILE B 14 0.24 6.44 11.69
C ILE B 14 0.49 6.97 13.10
N ARG B 15 1.12 6.15 13.93
CA ARG B 15 1.42 6.53 15.30
C ARG B 15 2.25 7.81 15.36
N THR B 16 3.34 7.84 14.59
CA THR B 16 4.22 8.99 14.56
C THR B 16 3.65 10.09 13.67
N LEU B 17 3.04 9.68 12.57
CA LEU B 17 2.46 10.63 11.62
C LEU B 17 1.33 11.44 12.26
N ARG B 18 0.34 10.76 12.81
CA ARG B 18 -0.81 11.42 13.43
C ARG B 18 -0.36 12.57 14.33
N ALA B 19 0.79 12.39 14.96
CA ALA B 19 1.34 13.40 15.87
C ALA B 19 2.07 14.51 15.12
N GLN B 20 3.00 14.12 14.25
CA GLN B 20 3.77 15.11 13.49
C GLN B 20 2.84 15.91 12.58
N ALA B 21 1.79 15.23 12.14
CA ALA B 21 0.79 15.83 11.28
C ALA B 21 -0.27 16.53 12.11
N ARG B 22 -0.41 16.10 13.36
CA ARG B 22 -1.38 16.69 14.27
C ARG B 22 -1.28 18.21 14.24
N GLU B 23 -0.06 18.69 14.07
CA GLU B 23 0.20 20.10 14.01
C GLU B 23 -0.54 20.76 12.84
N SER B 24 -0.62 20.03 11.72
CA SER B 24 -1.29 20.54 10.54
C SER B 24 -2.67 19.89 10.34
N THR B 25 -3.04 19.64 9.09
CA THR B 25 -4.33 19.02 8.77
C THR B 25 -4.13 17.60 8.25
N LEU B 26 -5.21 16.90 7.95
CA LEU B 26 -5.14 15.55 7.45
C LEU B 26 -4.40 15.53 6.12
N GLU B 27 -4.22 16.69 5.52
CA GLU B 27 -3.53 16.80 4.23
C GLU B 27 -2.33 15.87 4.19
N THR B 28 -1.76 15.59 5.37
CA THR B 28 -0.62 14.69 5.48
C THR B 28 -0.91 13.37 4.78
N LEU B 29 -2.12 12.84 4.98
CA LEU B 29 -2.49 11.60 4.35
C LEU B 29 -2.54 11.79 2.83
N GLU B 30 -3.12 12.88 2.38
CA GLU B 30 -3.17 13.13 0.95
C GLU B 30 -1.75 13.12 0.41
N GLU B 31 -0.80 13.39 1.30
CA GLU B 31 0.61 13.39 0.92
C GLU B 31 1.18 11.97 0.96
N MET B 32 1.02 11.31 2.11
CA MET B 32 1.53 9.95 2.30
C MET B 32 0.52 8.89 1.88
N LEU B 33 -0.73 9.06 2.29
CA LEU B 33 -1.81 8.12 1.99
C LEU B 33 -1.97 7.94 0.48
N GLU B 34 -1.91 9.05 -0.25
CA GLU B 34 -2.04 9.02 -1.71
C GLU B 34 -0.92 8.18 -2.34
N LYS B 35 0.24 8.20 -1.70
CA LYS B 35 1.39 7.46 -2.21
C LYS B 35 1.35 6.04 -1.66
N LEU B 36 0.76 5.91 -0.49
CA LEU B 36 0.62 4.63 0.16
C LEU B 36 -0.32 3.74 -0.64
N GLU B 37 -1.20 4.36 -1.41
CA GLU B 37 -2.12 3.61 -2.24
C GLU B 37 -1.45 3.25 -3.56
N VAL B 38 -0.71 4.20 -4.12
CA VAL B 38 -0.01 3.96 -5.38
C VAL B 38 1.12 2.96 -5.17
N VAL B 39 1.76 3.01 -4.00
CA VAL B 39 2.84 2.09 -3.69
C VAL B 39 2.31 0.67 -3.74
N VAL B 40 1.20 0.43 -3.05
CA VAL B 40 0.57 -0.88 -3.06
C VAL B 40 -0.21 -1.07 -4.34
N ASN B 41 -0.55 0.04 -5.00
CA ASN B 41 -1.30 -0.03 -6.25
C ASN B 41 -0.53 -0.86 -7.27
N GLU B 42 0.73 -0.50 -7.45
CA GLU B 42 1.60 -1.22 -8.37
C GLU B 42 1.71 -2.67 -7.92
N ARG B 43 1.85 -2.85 -6.61
CA ARG B 43 1.94 -4.18 -6.02
C ARG B 43 0.58 -4.87 -6.03
N ARG B 44 -0.46 -4.06 -5.97
CA ARG B 44 -1.83 -4.56 -5.95
C ARG B 44 -2.21 -5.24 -7.26
N GLU B 45 -1.78 -4.64 -8.36
CA GLU B 45 -2.06 -5.18 -9.68
C GLU B 45 -1.13 -6.32 -10.05
N GLU B 46 0.09 -6.29 -9.53
CA GLU B 46 1.09 -7.31 -9.82
C GLU B 46 0.99 -8.50 -8.86
N GLU B 47 0.74 -8.22 -7.59
CA GLU B 47 0.64 -9.26 -6.58
C GLU B 47 -0.58 -10.13 -6.83
N SER B 48 -1.71 -9.50 -7.07
CA SER B 48 -2.93 -10.23 -7.35
C SER B 48 -2.65 -11.18 -8.51
N ALA B 49 -1.73 -10.74 -9.37
CA ALA B 49 -1.30 -11.51 -10.52
C ALA B 49 -0.39 -12.66 -10.10
N ALA B 50 0.56 -12.35 -9.21
CA ALA B 50 1.50 -13.34 -8.71
C ALA B 50 0.76 -14.44 -7.97
N ALA B 51 -0.25 -14.06 -7.20
CA ALA B 51 -1.05 -15.02 -6.43
C ALA B 51 -1.87 -15.89 -7.36
N ALA B 52 -2.46 -15.27 -8.37
CA ALA B 52 -3.29 -15.99 -9.33
C ALA B 52 -2.49 -17.08 -10.04
N GLU B 53 -1.30 -16.73 -10.50
CA GLU B 53 -0.44 -17.69 -11.19
C GLU B 53 0.10 -18.74 -10.23
N VAL B 54 0.62 -18.27 -9.09
CA VAL B 54 1.16 -19.17 -8.07
C VAL B 54 0.03 -19.77 -7.22
N GLU B 55 -0.85 -20.53 -7.87
CA GLU B 55 -1.97 -21.15 -7.18
C GLU B 55 -1.50 -22.18 -6.15
N GLU B 56 -2.11 -23.36 -6.16
CA GLU B 56 -1.74 -24.42 -5.21
C GLU B 56 -2.22 -25.78 -5.71
N ARG B 57 -3.31 -25.77 -6.48
CA ARG B 57 -3.88 -26.99 -7.02
C ARG B 57 -2.80 -27.85 -7.68
N THR B 58 -1.86 -27.20 -8.35
CA THR B 58 -0.76 -27.88 -9.01
C THR B 58 0.57 -27.23 -8.68
N ARG B 59 1.42 -27.03 -9.69
CA ARG B 59 2.71 -26.42 -9.48
C ARG B 59 3.28 -25.86 -10.77
N LYS B 60 3.64 -24.57 -10.75
CA LYS B 60 4.21 -23.88 -11.91
C LYS B 60 3.14 -23.65 -12.98
N LEU B 61 2.54 -24.72 -13.48
CA LEU B 61 1.51 -24.63 -14.51
C LEU B 61 0.27 -23.94 -13.96
N SER A 5 -7.90 -1.19 -7.69
CA SER A 5 -9.23 -0.67 -7.28
C SER A 5 -9.38 -0.66 -5.76
N GLU A 6 -8.90 -1.72 -5.12
CA GLU A 6 -8.97 -1.85 -3.68
C GLU A 6 -7.99 -0.92 -2.98
N ALA A 7 -6.89 -0.62 -3.65
CA ALA A 7 -5.87 0.29 -3.09
C ALA A 7 -6.35 1.72 -3.19
N LEU A 8 -7.29 1.92 -4.09
CA LEU A 8 -7.87 3.22 -4.33
C LEU A 8 -9.02 3.45 -3.37
N LYS A 9 -9.84 2.42 -3.21
CA LYS A 9 -11.00 2.48 -2.32
C LYS A 9 -10.61 2.19 -0.87
N ILE A 10 -9.46 1.55 -0.67
CA ILE A 10 -9.00 1.23 0.67
C ILE A 10 -8.99 2.52 1.47
N LEU A 11 -8.21 3.45 0.97
CA LEU A 11 -8.10 4.74 1.57
C LEU A 11 -9.24 5.59 1.01
N ASN A 12 -9.88 5.03 -0.02
CA ASN A 12 -11.00 5.68 -0.68
C ASN A 12 -10.55 6.98 -1.34
N ASN A 13 -9.33 6.96 -1.90
CA ASN A 13 -8.75 8.10 -2.58
C ASN A 13 -8.61 9.30 -1.63
N ILE A 14 -7.40 9.83 -1.53
CA ILE A 14 -7.13 10.98 -0.66
C ILE A 14 -8.01 12.17 -1.04
N ARG A 15 -8.28 12.31 -2.33
CA ARG A 15 -9.11 13.41 -2.82
C ARG A 15 -10.49 13.41 -2.15
N THR A 16 -11.16 12.27 -2.19
CA THR A 16 -12.49 12.14 -1.59
C THR A 16 -12.38 12.08 -0.06
N LEU A 17 -11.34 11.40 0.43
CA LEU A 17 -11.14 11.25 1.87
C LEU A 17 -11.01 12.61 2.54
N ARG A 18 -10.05 13.42 2.08
CA ARG A 18 -9.82 14.73 2.66
C ARG A 18 -11.14 15.45 2.90
N ALA A 19 -12.10 15.18 2.02
CA ALA A 19 -13.42 15.79 2.12
C ALA A 19 -14.26 15.12 3.20
N GLN A 20 -14.26 13.79 3.20
CA GLN A 20 -15.00 13.03 4.20
C GLN A 20 -14.46 13.32 5.58
N ALA A 21 -13.14 13.45 5.62
CA ALA A 21 -12.41 13.73 6.84
C ALA A 21 -12.35 15.22 7.10
N ARG A 22 -12.59 16.00 6.06
CA ARG A 22 -12.56 17.46 6.17
C ARG A 22 -13.24 17.89 7.46
N GLU A 23 -14.24 17.11 7.87
CA GLU A 23 -14.98 17.39 9.10
C GLU A 23 -14.53 16.44 10.21
N SER A 24 -13.23 16.23 10.31
CA SER A 24 -12.67 15.33 11.33
C SER A 24 -11.15 15.39 11.34
N THR A 25 -10.55 14.74 12.32
CA THR A 25 -9.09 14.69 12.48
C THR A 25 -8.46 13.75 11.45
N LEU A 26 -7.15 13.90 11.23
CA LEU A 26 -6.44 13.06 10.29
C LEU A 26 -6.58 11.59 10.67
N GLU A 27 -7.04 11.33 11.89
CA GLU A 27 -7.21 9.97 12.38
C GLU A 27 -7.74 9.07 11.27
N THR A 28 -8.45 9.67 10.31
CA THR A 28 -8.98 8.94 9.17
C THR A 28 -7.87 8.12 8.53
N LEU A 29 -6.69 8.74 8.35
CA LEU A 29 -5.56 8.05 7.78
C LEU A 29 -5.10 6.95 8.73
N GLU A 30 -5.04 7.25 10.01
CA GLU A 30 -4.66 6.24 10.98
C GLU A 30 -5.56 5.03 10.80
N GLU A 31 -6.77 5.29 10.31
CA GLU A 31 -7.74 4.23 10.05
C GLU A 31 -7.50 3.57 8.69
N MET A 32 -7.45 4.39 7.64
CA MET A 32 -7.25 3.89 6.28
C MET A 32 -5.77 3.78 5.92
N LEU A 33 -5.01 4.82 6.24
CA LEU A 33 -3.58 4.86 5.95
C LEU A 33 -2.85 3.70 6.63
N GLU A 34 -3.42 3.21 7.72
CA GLU A 34 -2.83 2.08 8.45
C GLU A 34 -3.09 0.77 7.73
N LYS A 35 -4.22 0.70 7.05
CA LYS A 35 -4.60 -0.50 6.31
C LYS A 35 -3.98 -0.49 4.94
N LEU A 36 -3.83 0.72 4.42
CA LEU A 36 -3.24 0.92 3.12
C LEU A 36 -1.74 0.60 3.18
N GLU A 37 -1.17 0.69 4.37
CA GLU A 37 0.25 0.39 4.55
C GLU A 37 0.43 -1.10 4.76
N VAL A 38 -0.49 -1.72 5.50
CA VAL A 38 -0.43 -3.14 5.75
C VAL A 38 -0.76 -3.92 4.48
N VAL A 39 -1.69 -3.38 3.69
CA VAL A 39 -2.07 -4.03 2.44
C VAL A 39 -0.82 -4.20 1.58
N VAL A 40 -0.04 -3.13 1.44
CA VAL A 40 1.18 -3.22 0.68
C VAL A 40 2.26 -3.86 1.52
N ASN A 41 2.17 -3.70 2.84
CA ASN A 41 3.14 -4.30 3.74
C ASN A 41 3.43 -5.72 3.29
N GLU A 42 2.34 -6.42 2.96
CA GLU A 42 2.43 -7.79 2.47
C GLU A 42 3.12 -7.79 1.11
N ARG A 43 2.78 -6.80 0.30
CA ARG A 43 3.37 -6.66 -1.02
C ARG A 43 4.84 -6.23 -0.90
N ARG A 44 5.03 -5.12 -0.22
CA ARG A 44 6.36 -4.57 0.00
C ARG A 44 7.35 -5.65 0.43
N GLU A 45 6.87 -6.62 1.21
CA GLU A 45 7.72 -7.71 1.69
C GLU A 45 7.81 -8.88 0.70
N GLU A 46 6.66 -9.42 0.27
CA GLU A 46 6.64 -10.57 -0.64
C GLU A 46 6.71 -10.15 -2.10
N GLU A 47 6.01 -9.09 -2.45
CA GLU A 47 6.00 -8.60 -3.82
C GLU A 47 7.41 -8.23 -4.27
N SER A 48 8.12 -7.47 -3.44
CA SER A 48 9.49 -7.10 -3.76
C SER A 48 10.27 -8.36 -4.05
N ALA A 49 9.91 -9.42 -3.33
CA ALA A 49 10.53 -10.73 -3.48
C ALA A 49 10.16 -11.32 -4.84
N ALA A 50 8.89 -11.15 -5.22
CA ALA A 50 8.39 -11.65 -6.50
C ALA A 50 9.09 -10.96 -7.66
N ALA A 51 9.32 -9.66 -7.51
CA ALA A 51 9.98 -8.87 -8.54
C ALA A 51 11.41 -9.37 -8.76
N ALA A 52 12.11 -9.62 -7.67
CA ALA A 52 13.47 -10.12 -7.75
C ALA A 52 13.50 -11.58 -8.18
N GLU A 53 12.48 -12.31 -7.76
CA GLU A 53 12.36 -13.73 -8.09
C GLU A 53 12.22 -13.96 -9.59
N VAL A 54 11.35 -13.18 -10.24
CA VAL A 54 11.13 -13.31 -11.67
C VAL A 54 12.38 -12.94 -12.46
N GLU A 55 13.01 -11.83 -12.11
CA GLU A 55 14.22 -11.38 -12.79
C GLU A 55 15.42 -12.24 -12.40
N GLU A 56 16.22 -12.63 -13.39
CA GLU A 56 17.39 -13.46 -13.15
C GLU A 56 18.18 -13.64 -14.45
N ARG A 57 17.55 -14.29 -15.43
CA ARG A 57 18.18 -14.53 -16.72
C ARG A 57 17.22 -15.26 -17.66
N THR A 58 16.03 -14.68 -17.81
CA THR A 58 14.98 -15.25 -18.67
C THR A 58 14.58 -16.65 -18.22
N ARG A 59 13.27 -16.87 -18.13
CA ARG A 59 12.74 -18.16 -17.70
C ARG A 59 12.97 -19.23 -18.78
N LYS A 60 11.99 -20.10 -18.97
CA LYS A 60 12.10 -21.16 -19.97
C LYS A 60 12.17 -20.57 -21.38
N LEU A 61 13.10 -21.10 -22.18
CA LEU A 61 13.28 -20.63 -23.55
C LEU A 61 13.45 -19.12 -23.60
N SER B 5 10.86 -2.18 5.46
CA SER B 5 10.06 -1.16 6.17
C SER B 5 9.70 0.01 5.23
N GLU B 6 9.32 -0.33 4.00
CA GLU B 6 8.96 0.68 3.02
C GLU B 6 7.51 1.12 3.19
N ALA B 7 6.64 0.19 3.56
CA ALA B 7 5.23 0.47 3.76
C ALA B 7 5.01 1.11 5.13
N LEU B 8 5.97 0.89 5.99
CA LEU B 8 5.94 1.40 7.34
C LEU B 8 6.51 2.82 7.39
N LYS B 9 7.56 3.02 6.63
CA LYS B 9 8.24 4.31 6.54
C LYS B 9 7.53 5.25 5.56
N ILE B 10 6.88 4.67 4.56
CA ILE B 10 6.17 5.46 3.57
C ILE B 10 5.21 6.40 4.27
N LEU B 11 4.41 5.82 5.13
CA LEU B 11 3.45 6.57 5.90
C LEU B 11 4.12 7.04 7.19
N ASN B 12 5.29 6.46 7.47
CA ASN B 12 6.05 6.80 8.68
C ASN B 12 5.24 6.47 9.93
N ASN B 13 4.45 5.40 9.86
CA ASN B 13 3.62 4.95 10.97
C ASN B 13 2.60 6.02 11.39
N ILE B 14 1.34 5.61 11.45
CA ILE B 14 0.25 6.51 11.83
C ILE B 14 0.46 7.06 13.24
N ARG B 15 1.08 6.24 14.09
CA ARG B 15 1.33 6.66 15.47
C ARG B 15 2.15 7.95 15.52
N THR B 16 3.25 7.97 14.79
CA THR B 16 4.11 9.14 14.74
C THR B 16 3.45 10.26 13.92
N LEU B 17 2.69 9.85 12.92
CA LEU B 17 2.01 10.79 12.04
C LEU B 17 0.99 11.63 12.79
N ARG B 18 0.01 10.98 13.40
CA ARG B 18 -1.04 11.69 14.13
C ARG B 18 -0.45 12.76 15.03
N ALA B 19 0.80 12.57 15.42
CA ALA B 19 1.50 13.51 16.29
C ALA B 19 2.17 14.63 15.51
N GLN B 20 2.96 14.25 14.51
CA GLN B 20 3.67 15.24 13.69
C GLN B 20 2.67 16.09 12.93
N ALA B 21 1.59 15.44 12.54
CA ALA B 21 0.52 16.07 11.80
C ALA B 21 -0.47 16.73 12.76
N ARG B 22 -0.44 16.29 14.01
CA ARG B 22 -1.32 16.82 15.03
C ARG B 22 -1.38 18.35 14.93
N GLU B 23 -0.28 18.94 14.48
CA GLU B 23 -0.20 20.38 14.33
C GLU B 23 -0.39 20.81 12.87
N SER B 24 -1.27 20.12 12.15
CA SER B 24 -1.52 20.44 10.75
C SER B 24 -2.80 19.76 10.24
N THR B 25 -2.96 19.76 8.92
CA THR B 25 -4.13 19.15 8.29
C THR B 25 -3.85 17.70 7.90
N LEU B 26 -4.91 16.92 7.71
CA LEU B 26 -4.78 15.52 7.34
C LEU B 26 -4.08 15.41 5.99
N GLU B 27 -3.97 16.53 5.28
CA GLU B 27 -3.33 16.54 3.96
C GLU B 27 -2.11 15.63 3.93
N THR B 28 -1.52 15.40 5.11
CA THR B 28 -0.37 14.52 5.22
C THR B 28 -0.67 13.19 4.57
N LEU B 29 -1.89 12.69 4.77
CA LEU B 29 -2.30 11.44 4.16
C LEU B 29 -2.39 11.60 2.65
N GLU B 30 -2.95 12.71 2.19
CA GLU B 30 -3.02 12.95 0.77
C GLU B 30 -1.62 12.91 0.20
N GLU B 31 -0.65 13.18 1.08
CA GLU B 31 0.75 13.16 0.70
C GLU B 31 1.31 11.74 0.75
N MET B 32 1.22 11.12 1.93
CA MET B 32 1.74 9.77 2.14
C MET B 32 0.69 8.69 1.83
N LEU B 33 -0.53 8.91 2.30
CA LEU B 33 -1.61 7.94 2.09
C LEU B 33 -1.92 7.77 0.60
N GLU B 34 -1.65 8.82 -0.18
CA GLU B 34 -1.87 8.76 -1.62
C GLU B 34 -0.81 7.91 -2.31
N LYS B 35 0.39 7.88 -1.72
CA LYS B 35 1.49 7.10 -2.28
C LYS B 35 1.41 5.69 -1.76
N LEU B 36 0.92 5.57 -0.54
CA LEU B 36 0.75 4.29 0.10
C LEU B 36 -0.26 3.46 -0.68
N GLU B 37 -1.15 4.15 -1.40
CA GLU B 37 -2.15 3.47 -2.20
C GLU B 37 -1.57 3.12 -3.56
N VAL B 38 -0.76 4.03 -4.10
CA VAL B 38 -0.13 3.78 -5.40
C VAL B 38 0.85 2.64 -5.28
N VAL B 39 1.49 2.50 -4.12
CA VAL B 39 2.43 1.40 -3.93
C VAL B 39 1.69 0.09 -4.18
N VAL B 40 0.49 0.00 -3.61
CA VAL B 40 -0.33 -1.19 -3.80
C VAL B 40 -1.11 -1.09 -5.11
N ASN B 41 -1.28 0.11 -5.62
CA ASN B 41 -1.99 0.27 -6.88
C ASN B 41 -1.30 -0.56 -7.95
N GLU B 42 0.02 -0.61 -7.84
CA GLU B 42 0.84 -1.38 -8.77
C GLU B 42 0.85 -2.85 -8.38
N ARG B 43 0.94 -3.12 -7.08
CA ARG B 43 0.97 -4.49 -6.57
C ARG B 43 -0.42 -5.13 -6.58
N ARG B 44 -1.40 -4.44 -6.03
CA ARG B 44 -2.75 -4.97 -6.00
C ARG B 44 -3.10 -5.57 -7.36
N GLU B 45 -2.65 -4.89 -8.43
CA GLU B 45 -2.92 -5.37 -9.78
C GLU B 45 -1.87 -6.38 -10.26
N GLU B 46 -0.59 -6.08 -10.02
CA GLU B 46 0.50 -6.96 -10.46
C GLU B 46 0.84 -8.03 -9.42
N GLU B 47 0.96 -7.61 -8.17
CA GLU B 47 1.29 -8.52 -7.09
C GLU B 47 0.23 -9.60 -6.94
N SER B 48 -1.04 -9.19 -6.96
CA SER B 48 -2.12 -10.16 -6.86
C SER B 48 -1.94 -11.19 -7.96
N ALA B 49 -1.46 -10.70 -9.10
CA ALA B 49 -1.18 -11.53 -10.25
C ALA B 49 -0.05 -12.49 -9.92
N ALA B 50 0.97 -11.99 -9.23
CA ALA B 50 2.11 -12.79 -8.82
C ALA B 50 1.66 -13.95 -7.94
N ALA B 51 0.73 -13.65 -7.04
CA ALA B 51 0.20 -14.65 -6.13
C ALA B 51 -0.53 -15.74 -6.89
N ALA B 52 -1.36 -15.32 -7.85
CA ALA B 52 -2.13 -16.26 -8.66
C ALA B 52 -1.21 -17.13 -9.51
N GLU B 53 -0.15 -16.50 -10.04
CA GLU B 53 0.81 -17.21 -10.88
C GLU B 53 1.49 -18.34 -10.10
N VAL B 54 1.85 -18.05 -8.85
CA VAL B 54 2.50 -19.05 -8.01
C VAL B 54 1.63 -20.30 -7.83
N GLU B 55 0.39 -20.10 -7.42
CA GLU B 55 -0.54 -21.21 -7.23
C GLU B 55 -0.97 -21.80 -8.57
N GLU B 56 -0.82 -23.11 -8.69
CA GLU B 56 -1.20 -23.81 -9.92
C GLU B 56 -0.91 -25.31 -9.78
N ARG B 57 -1.36 -25.88 -8.66
CA ARG B 57 -1.16 -27.30 -8.36
C ARG B 57 0.29 -27.61 -7.99
N THR B 58 1.22 -27.24 -8.87
CA THR B 58 2.65 -27.46 -8.64
C THR B 58 3.49 -26.64 -9.61
N ARG B 59 4.56 -26.06 -9.10
CA ARG B 59 5.45 -25.25 -9.92
C ARG B 59 6.02 -26.06 -11.09
N LYS B 60 6.57 -27.23 -10.78
CA LYS B 60 7.15 -28.10 -11.79
C LYS B 60 7.63 -29.42 -11.18
N LEU B 61 8.25 -29.33 -10.00
CA LEU B 61 8.74 -30.51 -9.32
C LEU B 61 9.23 -30.15 -7.91
N SER A 5 -6.35 -2.00 -6.85
CA SER A 5 -7.80 -1.68 -6.75
C SER A 5 -8.20 -1.39 -5.31
N GLU A 6 -7.75 -2.24 -4.39
CA GLU A 6 -8.06 -2.06 -2.97
C GLU A 6 -7.32 -0.89 -2.40
N ALA A 7 -6.17 -0.57 -2.99
CA ALA A 7 -5.33 0.54 -2.52
C ALA A 7 -6.03 1.86 -2.76
N LEU A 8 -6.89 1.85 -3.76
CA LEU A 8 -7.64 3.00 -4.16
C LEU A 8 -8.91 3.14 -3.33
N LYS A 9 -9.61 2.03 -3.19
CA LYS A 9 -10.86 1.97 -2.44
C LYS A 9 -10.62 1.88 -0.94
N ILE A 10 -9.44 1.40 -0.55
CA ILE A 10 -9.10 1.26 0.85
C ILE A 10 -9.26 2.60 1.55
N LEU A 11 -8.63 3.58 0.96
CA LEU A 11 -8.66 4.93 1.47
C LEU A 11 -9.67 5.74 0.69
N ASN A 12 -10.15 5.15 -0.41
CA ASN A 12 -11.14 5.80 -1.27
C ASN A 12 -10.54 7.04 -1.92
N ASN A 13 -9.23 6.98 -2.17
CA ASN A 13 -8.51 8.08 -2.79
C ASN A 13 -8.57 9.35 -1.94
N ILE A 14 -7.39 9.94 -1.67
CA ILE A 14 -7.29 11.15 -0.86
C ILE A 14 -8.20 12.25 -1.39
N ARG A 15 -8.43 12.27 -2.70
CA ARG A 15 -9.27 13.27 -3.32
C ARG A 15 -10.64 13.32 -2.64
N THR A 16 -11.21 12.15 -2.39
CA THR A 16 -12.51 12.05 -1.75
C THR A 16 -12.38 12.03 -0.22
N LEU A 17 -11.36 11.33 0.27
CA LEU A 17 -11.14 11.20 1.71
C LEU A 17 -10.78 12.54 2.35
N ARG A 18 -9.72 13.17 1.85
CA ARG A 18 -9.27 14.43 2.39
C ARG A 18 -10.41 15.41 2.62
N ALA A 19 -11.45 15.30 1.79
CA ALA A 19 -12.61 16.19 1.90
C ALA A 19 -13.65 15.66 2.87
N GLN A 20 -14.06 14.41 2.67
CA GLN A 20 -15.07 13.79 3.53
C GLN A 20 -14.58 13.73 4.96
N ALA A 21 -13.29 13.51 5.09
CA ALA A 21 -12.64 13.40 6.38
C ALA A 21 -12.25 14.77 6.90
N ARG A 22 -12.13 15.74 6.00
CA ARG A 22 -11.75 17.09 6.37
C ARG A 22 -12.62 17.59 7.51
N GLU A 23 -13.88 17.16 7.51
CA GLU A 23 -14.82 17.56 8.55
C GLU A 23 -14.38 17.03 9.91
N SER A 24 -13.78 15.85 9.92
CA SER A 24 -13.32 15.23 11.16
C SER A 24 -11.84 15.47 11.40
N THR A 25 -11.16 14.49 12.01
CA THR A 25 -9.73 14.58 12.30
C THR A 25 -8.94 13.64 11.40
N LEU A 26 -7.62 13.82 11.34
CA LEU A 26 -6.78 12.98 10.51
C LEU A 26 -6.91 11.52 10.93
N GLU A 27 -7.48 11.28 12.12
CA GLU A 27 -7.64 9.91 12.61
C GLU A 27 -8.10 8.99 11.48
N THR A 28 -8.79 9.58 10.50
CA THR A 28 -9.25 8.83 9.34
C THR A 28 -8.10 8.07 8.70
N LEU A 29 -6.94 8.73 8.58
CA LEU A 29 -5.77 8.08 8.02
C LEU A 29 -5.30 6.97 8.93
N GLU A 30 -5.21 7.23 10.22
CA GLU A 30 -4.79 6.21 11.15
C GLU A 30 -5.67 5.00 10.98
N GLU A 31 -6.90 5.23 10.52
CA GLU A 31 -7.85 4.15 10.28
C GLU A 31 -7.58 3.48 8.94
N MET A 32 -7.53 4.28 7.87
CA MET A 32 -7.30 3.76 6.53
C MET A 32 -5.81 3.69 6.18
N LEU A 33 -5.10 4.79 6.46
CA LEU A 33 -3.66 4.89 6.17
C LEU A 33 -2.90 3.74 6.82
N GLU A 34 -3.27 3.39 8.04
CA GLU A 34 -2.64 2.29 8.76
C GLU A 34 -2.83 0.97 8.02
N LYS A 35 -3.95 0.87 7.31
CA LYS A 35 -4.27 -0.32 6.55
C LYS A 35 -3.63 -0.24 5.18
N LEU A 36 -3.52 0.99 4.72
CA LEU A 36 -2.94 1.26 3.43
C LEU A 36 -1.45 0.96 3.45
N GLU A 37 -0.86 1.01 4.64
CA GLU A 37 0.55 0.69 4.78
C GLU A 37 0.74 -0.80 4.95
N VAL A 38 -0.12 -1.40 5.79
CA VAL A 38 -0.05 -2.83 6.04
C VAL A 38 -0.35 -3.60 4.76
N VAL A 39 -1.23 -3.07 3.91
CA VAL A 39 -1.52 -3.74 2.64
C VAL A 39 -0.21 -3.92 1.91
N VAL A 40 0.54 -2.83 1.77
CA VAL A 40 1.83 -2.90 1.11
C VAL A 40 2.86 -3.53 2.02
N ASN A 41 2.59 -3.54 3.33
CA ASN A 41 3.53 -4.17 4.25
C ASN A 41 3.76 -5.59 3.80
N GLU A 42 2.70 -6.21 3.32
CA GLU A 42 2.77 -7.57 2.82
C GLU A 42 3.25 -7.58 1.38
N ARG A 43 2.74 -6.64 0.57
CA ARG A 43 3.12 -6.52 -0.83
C ARG A 43 4.55 -6.04 -0.97
N ARG A 44 4.85 -4.91 -0.35
CA ARG A 44 6.19 -4.33 -0.40
C ARG A 44 7.24 -5.41 -0.16
N GLU A 45 6.96 -6.29 0.80
CA GLU A 45 7.89 -7.36 1.14
C GLU A 45 7.74 -8.60 0.24
N GLU A 46 6.51 -8.91 -0.17
CA GLU A 46 6.26 -10.09 -1.01
C GLU A 46 6.56 -9.80 -2.48
N GLU A 47 6.12 -8.65 -2.93
CA GLU A 47 6.35 -8.24 -4.32
C GLU A 47 7.82 -8.24 -4.66
N SER A 48 8.63 -7.63 -3.78
CA SER A 48 10.06 -7.60 -3.99
C SER A 48 10.56 -9.04 -4.13
N ALA A 49 9.90 -9.92 -3.39
CA ALA A 49 10.21 -11.34 -3.41
C ALA A 49 9.81 -11.94 -4.75
N ALA A 50 8.64 -11.53 -5.25
CA ALA A 50 8.13 -12.02 -6.52
C ALA A 50 9.06 -11.65 -7.67
N ALA A 51 9.61 -10.44 -7.60
CA ALA A 51 10.52 -9.95 -8.63
C ALA A 51 11.86 -10.69 -8.58
N ALA A 52 12.36 -10.91 -7.37
CA ALA A 52 13.63 -11.59 -7.18
C ALA A 52 13.56 -13.06 -7.60
N GLU A 53 12.48 -13.73 -7.21
CA GLU A 53 12.29 -15.14 -7.54
C GLU A 53 12.19 -15.37 -9.05
N VAL A 54 11.48 -14.48 -9.74
CA VAL A 54 11.32 -14.60 -11.18
C VAL A 54 12.58 -14.17 -11.94
N GLU A 55 13.74 -14.54 -11.43
CA GLU A 55 15.01 -14.19 -12.06
C GLU A 55 16.18 -14.84 -11.33
N GLU A 56 17.06 -15.46 -12.10
CA GLU A 56 18.24 -16.14 -11.55
C GLU A 56 19.05 -16.80 -12.66
N ARG A 57 18.36 -17.51 -13.55
CA ARG A 57 18.99 -18.21 -14.65
C ARG A 57 17.95 -18.86 -15.55
N THR A 58 16.94 -18.08 -15.95
CA THR A 58 15.84 -18.52 -16.81
C THR A 58 15.18 -19.80 -16.28
N ARG A 59 13.85 -19.77 -16.18
CA ARG A 59 13.09 -20.90 -15.70
C ARG A 59 13.20 -22.10 -16.64
N LYS A 60 12.99 -21.85 -17.93
CA LYS A 60 13.06 -22.90 -18.94
C LYS A 60 12.91 -22.33 -20.33
N LEU A 61 11.92 -21.46 -20.50
CA LEU A 61 11.65 -20.83 -21.79
C LEU A 61 12.84 -20.01 -22.26
N SER B 5 8.68 -2.22 4.88
CA SER B 5 9.61 -1.14 5.29
C SER B 5 9.29 0.17 4.57
N GLU B 6 9.06 0.07 3.27
CA GLU B 6 8.75 1.25 2.46
C GLU B 6 7.30 1.67 2.64
N ALA B 7 6.47 0.72 3.07
CA ALA B 7 5.05 0.99 3.30
C ALA B 7 4.84 1.52 4.70
N LEU B 8 5.80 1.20 5.53
CA LEU B 8 5.80 1.60 6.92
C LEU B 8 6.36 3.01 7.07
N LYS B 9 7.43 3.27 6.33
CA LYS B 9 8.10 4.56 6.34
C LYS B 9 7.44 5.54 5.37
N ILE B 10 6.74 5.01 4.36
CA ILE B 10 6.07 5.86 3.39
C ILE B 10 5.17 6.83 4.12
N LEU B 11 4.33 6.29 4.97
CA LEU B 11 3.44 7.07 5.79
C LEU B 11 4.10 7.33 7.12
N ASN B 12 5.23 6.65 7.34
CA ASN B 12 5.96 6.78 8.60
C ASN B 12 5.11 6.26 9.74
N ASN B 13 4.19 5.35 9.40
CA ASN B 13 3.31 4.74 10.38
C ASN B 13 2.42 5.78 11.07
N ILE B 14 1.11 5.54 11.01
CA ILE B 14 0.12 6.44 11.61
C ILE B 14 0.50 6.85 13.03
N ARG B 15 1.19 5.97 13.75
CA ARG B 15 1.60 6.26 15.11
C ARG B 15 2.44 7.53 15.17
N THR B 16 3.46 7.60 14.31
CA THR B 16 4.34 8.76 14.26
C THR B 16 3.69 9.91 13.49
N LEU B 17 2.96 9.57 12.44
CA LEU B 17 2.32 10.58 11.60
C LEU B 17 1.30 11.40 12.38
N ARG B 18 0.35 10.72 13.03
CA ARG B 18 -0.68 11.41 13.80
C ARG B 18 -0.08 12.49 14.68
N ALA B 19 1.12 12.24 15.17
CA ALA B 19 1.82 13.20 16.03
C ALA B 19 2.44 14.33 15.24
N GLN B 20 3.21 13.98 14.21
CA GLN B 20 3.87 15.00 13.39
C GLN B 20 2.83 15.82 12.63
N ALA B 21 1.72 15.18 12.33
CA ALA B 21 0.62 15.81 11.64
C ALA B 21 -0.31 16.49 12.62
N ARG B 22 -0.27 16.00 13.87
CA ARG B 22 -1.11 16.55 14.93
C ARG B 22 -1.13 18.08 14.86
N GLU B 23 -0.01 18.65 14.42
CA GLU B 23 0.11 20.09 14.30
C GLU B 23 -0.27 20.58 12.90
N SER B 24 -1.22 19.91 12.27
CA SER B 24 -1.66 20.29 10.92
C SER B 24 -3.00 19.66 10.57
N THR B 25 -3.30 19.61 9.27
CA THR B 25 -4.54 19.05 8.76
C THR B 25 -4.32 17.63 8.25
N LEU B 26 -5.40 16.90 7.99
CA LEU B 26 -5.29 15.55 7.49
C LEU B 26 -4.54 15.52 6.17
N GLU B 27 -4.37 16.68 5.55
CA GLU B 27 -3.65 16.78 4.28
C GLU B 27 -2.43 15.87 4.29
N THR B 28 -1.89 15.63 5.49
CA THR B 28 -0.73 14.76 5.65
C THR B 28 -1.00 13.43 4.97
N LEU B 29 -2.21 12.90 5.14
CA LEU B 29 -2.57 11.65 4.50
C LEU B 29 -2.64 11.85 2.98
N GLU B 30 -3.27 12.91 2.54
CA GLU B 30 -3.35 13.18 1.13
C GLU B 30 -1.94 13.16 0.55
N GLU B 31 -0.96 13.45 1.41
CA GLU B 31 0.44 13.44 1.01
C GLU B 31 1.01 12.03 1.03
N MET B 32 0.88 11.35 2.18
CA MET B 32 1.39 10.00 2.35
C MET B 32 0.36 8.94 1.95
N LEU B 33 -0.87 9.12 2.42
CA LEU B 33 -1.97 8.19 2.12
C LEU B 33 -2.14 8.01 0.61
N GLU B 34 -1.84 9.08 -0.14
CA GLU B 34 -1.94 9.03 -1.60
C GLU B 34 -0.82 8.18 -2.20
N LYS B 35 0.33 8.19 -1.55
CA LYS B 35 1.49 7.42 -2.04
C LYS B 35 1.43 6.01 -1.49
N LEU B 36 0.91 5.90 -0.27
CA LEU B 36 0.76 4.64 0.39
C LEU B 36 -0.26 3.79 -0.33
N GLU B 37 -1.15 4.44 -1.06
CA GLU B 37 -2.16 3.74 -1.83
C GLU B 37 -1.58 3.35 -3.19
N VAL B 38 -0.88 4.29 -3.83
CA VAL B 38 -0.28 4.02 -5.13
C VAL B 38 0.72 2.88 -5.02
N VAL B 39 1.43 2.81 -3.89
CA VAL B 39 2.38 1.72 -3.70
C VAL B 39 1.64 0.41 -3.88
N VAL B 40 0.52 0.26 -3.18
CA VAL B 40 -0.27 -0.95 -3.31
C VAL B 40 -1.07 -0.92 -4.61
N ASN B 41 -1.27 0.25 -5.18
CA ASN B 41 -1.99 0.34 -6.44
C ASN B 41 -1.29 -0.53 -7.46
N GLU B 42 0.03 -0.54 -7.38
CA GLU B 42 0.84 -1.36 -8.27
C GLU B 42 0.93 -2.79 -7.74
N ARG B 43 1.17 -2.93 -6.44
CA ARG B 43 1.27 -4.25 -5.82
C ARG B 43 -0.08 -4.96 -5.80
N ARG B 44 -1.09 -4.27 -5.30
CA ARG B 44 -2.43 -4.86 -5.22
C ARG B 44 -2.81 -5.53 -6.55
N GLU B 45 -2.50 -4.86 -7.66
CA GLU B 45 -2.81 -5.39 -8.99
C GLU B 45 -1.76 -6.40 -9.49
N GLU B 46 -0.49 -6.16 -9.19
CA GLU B 46 0.58 -7.05 -9.63
C GLU B 46 0.65 -8.31 -8.79
N GLU B 47 0.44 -8.15 -7.49
CA GLU B 47 0.47 -9.27 -6.56
C GLU B 47 -0.56 -10.32 -6.94
N SER B 48 -1.78 -9.88 -7.21
CA SER B 48 -2.83 -10.79 -7.62
C SER B 48 -2.35 -11.56 -8.85
N ALA B 49 -1.57 -10.85 -9.66
CA ALA B 49 -0.98 -11.40 -10.87
C ALA B 49 0.09 -12.42 -10.52
N ALA B 50 0.91 -12.09 -9.52
CA ALA B 50 1.98 -12.97 -9.06
C ALA B 50 1.41 -14.29 -8.56
N ALA B 51 0.32 -14.21 -7.83
CA ALA B 51 -0.33 -15.39 -7.26
C ALA B 51 -0.96 -16.25 -8.36
N ALA B 52 -1.61 -15.60 -9.31
CA ALA B 52 -2.27 -16.30 -10.41
C ALA B 52 -1.27 -17.01 -11.31
N GLU B 53 -0.18 -16.34 -11.63
CA GLU B 53 0.85 -16.91 -12.50
C GLU B 53 1.51 -18.13 -11.86
N VAL B 54 1.79 -18.03 -10.56
CA VAL B 54 2.44 -19.12 -9.83
C VAL B 54 1.46 -20.25 -9.52
N GLU B 55 0.64 -20.62 -10.51
CA GLU B 55 -0.34 -21.69 -10.33
C GLU B 55 -1.01 -22.04 -11.65
N GLU B 56 -1.13 -23.34 -11.91
CA GLU B 56 -1.74 -23.84 -13.14
C GLU B 56 -1.81 -25.36 -13.12
N ARG B 57 -0.67 -25.99 -12.84
CA ARG B 57 -0.59 -27.45 -12.79
C ARG B 57 0.82 -27.89 -12.37
N THR B 58 1.39 -27.18 -11.39
CA THR B 58 2.72 -27.49 -10.90
C THR B 58 3.78 -27.25 -11.97
N ARG B 59 4.85 -26.56 -11.60
CA ARG B 59 5.94 -26.27 -12.54
C ARG B 59 6.71 -27.55 -12.88
N LYS B 60 8.04 -27.44 -12.98
CA LYS B 60 8.87 -28.60 -13.31
C LYS B 60 8.85 -29.63 -12.19
N LEU B 61 9.03 -29.16 -10.95
CA LEU B 61 9.03 -30.04 -9.80
C LEU B 61 7.65 -30.66 -9.58
N SER A 5 -7.20 -1.23 -7.15
CA SER A 5 -8.64 -1.14 -6.81
C SER A 5 -8.88 -1.18 -5.31
N GLU A 6 -8.19 -2.10 -4.64
CA GLU A 6 -8.30 -2.25 -3.21
C GLU A 6 -7.55 -1.14 -2.48
N ALA A 7 -6.42 -0.74 -3.04
CA ALA A 7 -5.60 0.32 -2.47
C ALA A 7 -6.20 1.68 -2.76
N LEU A 8 -7.03 1.70 -3.78
CA LEU A 8 -7.70 2.90 -4.23
C LEU A 8 -8.96 3.13 -3.40
N LYS A 9 -9.69 2.04 -3.17
CA LYS A 9 -10.92 2.09 -2.40
C LYS A 9 -10.64 1.97 -0.90
N ILE A 10 -9.49 1.42 -0.54
CA ILE A 10 -9.12 1.26 0.85
C ILE A 10 -9.19 2.61 1.54
N LEU A 11 -8.63 3.60 0.87
CA LEU A 11 -8.61 4.95 1.37
C LEU A 11 -9.63 5.79 0.59
N ASN A 12 -10.14 5.20 -0.49
CA ASN A 12 -11.12 5.87 -1.35
C ASN A 12 -10.49 7.10 -1.98
N ASN A 13 -9.19 7.02 -2.25
CA ASN A 13 -8.44 8.12 -2.85
C ASN A 13 -8.48 9.37 -1.96
N ILE A 14 -7.29 9.90 -1.67
CA ILE A 14 -7.15 11.09 -0.83
C ILE A 14 -8.00 12.25 -1.33
N ARG A 15 -8.21 12.31 -2.64
CA ARG A 15 -8.99 13.40 -3.24
C ARG A 15 -10.36 13.52 -2.57
N THR A 16 -11.06 12.39 -2.44
CA THR A 16 -12.38 12.37 -1.83
C THR A 16 -12.28 12.26 -0.31
N LEU A 17 -11.30 11.50 0.17
CA LEU A 17 -11.12 11.30 1.60
C LEU A 17 -10.76 12.59 2.32
N ARG A 18 -9.69 13.25 1.90
CA ARG A 18 -9.24 14.47 2.55
C ARG A 18 -10.41 15.40 2.86
N ALA A 19 -11.40 15.39 1.98
CA ALA A 19 -12.58 16.25 2.15
C ALA A 19 -13.61 15.62 3.07
N GLN A 20 -13.96 14.36 2.81
CA GLN A 20 -14.96 13.68 3.63
C GLN A 20 -14.47 13.62 5.07
N ALA A 21 -13.17 13.46 5.20
CA ALA A 21 -12.52 13.38 6.49
C ALA A 21 -12.18 14.76 7.01
N ARG A 22 -12.10 15.72 6.10
CA ARG A 22 -11.79 17.10 6.46
C ARG A 22 -12.70 17.56 7.58
N GLU A 23 -13.93 17.04 7.57
CA GLU A 23 -14.91 17.37 8.61
C GLU A 23 -14.42 16.94 9.98
N SER A 24 -13.74 15.80 10.03
CA SER A 24 -13.22 15.26 11.29
C SER A 24 -11.72 15.49 11.43
N THR A 25 -11.03 14.53 12.04
CA THR A 25 -9.58 14.62 12.24
C THR A 25 -8.84 13.67 11.29
N LEU A 26 -7.53 13.83 11.17
CA LEU A 26 -6.72 13.00 10.30
C LEU A 26 -6.85 11.53 10.69
N GLU A 27 -7.38 11.28 11.88
CA GLU A 27 -7.54 9.90 12.37
C GLU A 27 -8.01 8.99 11.23
N THR A 28 -8.70 9.58 10.25
CA THR A 28 -9.17 8.84 9.09
C THR A 28 -8.01 8.06 8.47
N LEU A 29 -6.85 8.71 8.35
CA LEU A 29 -5.68 8.06 7.81
C LEU A 29 -5.21 6.96 8.74
N GLU A 30 -5.21 7.23 10.04
CA GLU A 30 -4.81 6.20 10.98
C GLU A 30 -5.66 4.97 10.74
N GLU A 31 -6.86 5.21 10.19
CA GLU A 31 -7.78 4.13 9.88
C GLU A 31 -7.44 3.50 8.52
N MET A 32 -7.33 4.33 7.49
CA MET A 32 -7.03 3.87 6.15
C MET A 32 -5.53 3.80 5.88
N LEU A 33 -4.82 4.87 6.24
CA LEU A 33 -3.37 4.97 6.05
C LEU A 33 -2.64 3.81 6.73
N GLU A 34 -3.17 3.36 7.86
CA GLU A 34 -2.58 2.25 8.61
C GLU A 34 -2.78 0.92 7.87
N LYS A 35 -3.91 0.79 7.19
CA LYS A 35 -4.22 -0.44 6.46
C LYS A 35 -3.63 -0.39 5.07
N LEU A 36 -3.51 0.83 4.57
CA LEU A 36 -2.95 1.06 3.26
C LEU A 36 -1.47 0.76 3.28
N GLU A 37 -0.87 0.87 4.45
CA GLU A 37 0.55 0.58 4.60
C GLU A 37 0.74 -0.92 4.80
N VAL A 38 -0.24 -1.55 5.46
CA VAL A 38 -0.16 -2.99 5.69
C VAL A 38 -0.47 -3.74 4.40
N VAL A 39 -1.43 -3.23 3.61
CA VAL A 39 -1.77 -3.87 2.34
C VAL A 39 -0.50 -3.99 1.52
N VAL A 40 0.25 -2.90 1.47
CA VAL A 40 1.50 -2.88 0.75
C VAL A 40 2.63 -3.39 1.61
N ASN A 41 2.45 -3.40 2.92
CA ASN A 41 3.49 -3.90 3.80
C ASN A 41 3.84 -5.32 3.38
N GLU A 42 2.81 -6.06 3.00
CA GLU A 42 2.98 -7.43 2.54
C GLU A 42 3.55 -7.43 1.13
N ARG A 43 3.06 -6.50 0.31
CA ARG A 43 3.51 -6.38 -1.07
C ARG A 43 4.94 -5.83 -1.12
N ARG A 44 5.15 -4.70 -0.45
CA ARG A 44 6.46 -4.08 -0.40
C ARG A 44 7.54 -5.11 -0.13
N GLU A 45 7.27 -6.05 0.78
CA GLU A 45 8.23 -7.10 1.13
C GLU A 45 8.16 -8.33 0.22
N GLU A 46 6.95 -8.79 -0.06
CA GLU A 46 6.76 -10.00 -0.89
C GLU A 46 6.85 -9.70 -2.38
N GLU A 47 6.26 -8.59 -2.79
CA GLU A 47 6.26 -8.20 -4.18
C GLU A 47 7.69 -8.09 -4.69
N SER A 48 8.54 -7.42 -3.92
CA SER A 48 9.94 -7.28 -4.29
C SER A 48 10.51 -8.67 -4.53
N ALA A 49 10.01 -9.61 -3.72
CA ALA A 49 10.40 -11.00 -3.82
C ALA A 49 9.91 -11.58 -5.14
N ALA A 50 8.67 -11.24 -5.51
CA ALA A 50 8.07 -11.71 -6.75
C ALA A 50 8.85 -11.18 -7.95
N ALA A 51 9.27 -9.92 -7.87
CA ALA A 51 10.01 -9.28 -8.95
C ALA A 51 11.36 -9.97 -9.15
N ALA A 52 12.06 -10.21 -8.04
CA ALA A 52 13.35 -10.86 -8.10
C ALA A 52 13.19 -12.33 -8.49
N GLU A 53 12.09 -12.92 -8.03
CA GLU A 53 11.79 -14.32 -8.32
C GLU A 53 11.67 -14.56 -9.81
N VAL A 54 10.87 -13.73 -10.48
CA VAL A 54 10.67 -13.85 -11.92
C VAL A 54 11.92 -13.42 -12.70
N GLU A 55 12.51 -12.32 -12.28
CA GLU A 55 13.71 -11.80 -12.94
C GLU A 55 14.89 -12.75 -12.77
N GLU A 56 15.59 -12.99 -13.87
CA GLU A 56 16.76 -13.87 -13.87
C GLU A 56 17.40 -13.89 -15.26
N ARG A 57 17.87 -15.06 -15.69
CA ARG A 57 18.51 -15.19 -17.00
C ARG A 57 17.50 -14.91 -18.11
N THR A 58 16.28 -15.42 -17.93
CA THR A 58 15.22 -15.23 -18.91
C THR A 58 13.85 -15.29 -18.24
N ARG A 59 12.96 -14.39 -18.65
CA ARG A 59 11.61 -14.34 -18.10
C ARG A 59 10.89 -15.67 -18.26
N LYS A 60 10.14 -16.07 -17.25
CA LYS A 60 9.41 -17.34 -17.28
C LYS A 60 8.15 -17.22 -18.15
N LEU A 61 8.28 -16.61 -19.31
CA LEU A 61 7.16 -16.44 -20.23
C LEU A 61 6.01 -15.70 -19.56
N SER B 5 8.71 -2.40 4.44
CA SER B 5 9.56 -1.41 5.16
C SER B 5 9.28 0.01 4.70
N GLU B 6 9.21 0.19 3.39
CA GLU B 6 8.95 1.51 2.82
C GLU B 6 7.50 1.92 3.06
N ALA B 7 6.64 0.92 3.25
CA ALA B 7 5.22 1.15 3.51
C ALA B 7 5.02 1.67 4.92
N LEU B 8 5.98 1.34 5.75
CA LEU B 8 5.99 1.72 7.14
C LEU B 8 6.53 3.13 7.30
N LYS B 9 7.62 3.41 6.58
CA LYS B 9 8.28 4.70 6.61
C LYS B 9 7.60 5.70 5.69
N ILE B 10 6.91 5.20 4.67
CA ILE B 10 6.21 6.07 3.71
C ILE B 10 5.29 7.00 4.47
N LEU B 11 4.56 6.41 5.40
CA LEU B 11 3.65 7.15 6.23
C LEU B 11 4.24 7.32 7.62
N ASN B 12 5.29 6.55 7.88
CA ASN B 12 5.98 6.58 9.17
C ASN B 12 5.04 6.06 10.26
N ASN B 13 4.19 5.11 9.88
CA ASN B 13 3.23 4.50 10.80
C ASN B 13 2.28 5.55 11.38
N ILE B 14 0.98 5.28 11.28
CA ILE B 14 -0.05 6.19 11.80
C ILE B 14 0.21 6.57 13.25
N ARG B 15 0.84 5.67 14.00
CA ARG B 15 1.13 5.92 15.41
C ARG B 15 1.93 7.22 15.57
N THR B 16 3.00 7.36 14.79
CA THR B 16 3.83 8.54 14.84
C THR B 16 3.30 9.63 13.92
N LEU B 17 2.78 9.23 12.76
CA LEU B 17 2.25 10.17 11.79
C LEU B 17 1.07 10.96 12.34
N ARG B 18 0.09 10.26 12.88
CA ARG B 18 -1.09 10.88 13.44
C ARG B 18 -0.73 12.03 14.36
N ALA B 19 0.35 11.87 15.11
CA ALA B 19 0.80 12.89 16.05
C ALA B 19 1.62 13.98 15.39
N GLN B 20 2.61 13.58 14.60
CA GLN B 20 3.47 14.54 13.92
C GLN B 20 2.64 15.43 13.01
N ALA B 21 1.54 14.87 12.55
CA ALA B 21 0.62 15.58 11.66
C ALA B 21 -0.36 16.40 12.47
N ARG B 22 -0.58 16.00 13.72
CA ARG B 22 -1.49 16.74 14.60
C ARG B 22 -1.28 18.23 14.46
N GLU B 23 -0.03 18.61 14.19
CA GLU B 23 0.32 20.01 14.03
C GLU B 23 -0.01 20.52 12.63
N SER B 24 -1.02 19.92 12.00
CA SER B 24 -1.43 20.34 10.66
C SER B 24 -2.79 19.73 10.27
N THR B 25 -3.02 19.61 8.97
CA THR B 25 -4.26 19.07 8.44
C THR B 25 -4.06 17.63 7.98
N LEU B 26 -5.15 16.90 7.76
CA LEU B 26 -5.07 15.53 7.30
C LEU B 26 -4.32 15.46 5.98
N GLU B 27 -4.14 16.61 5.33
CA GLU B 27 -3.44 16.66 4.04
C GLU B 27 -2.23 15.74 4.07
N THR B 28 -1.69 15.51 5.27
CA THR B 28 -0.55 14.62 5.43
C THR B 28 -0.84 13.26 4.78
N LEU B 29 -2.07 12.78 4.95
CA LEU B 29 -2.45 11.52 4.34
C LEU B 29 -2.51 11.68 2.82
N GLU B 30 -3.06 12.79 2.36
CA GLU B 30 -3.11 13.04 0.94
C GLU B 30 -1.69 12.99 0.38
N GLU B 31 -0.73 13.24 1.27
CA GLU B 31 0.67 13.21 0.91
C GLU B 31 1.22 11.79 0.97
N MET B 32 1.08 11.15 2.14
CA MET B 32 1.57 9.80 2.35
C MET B 32 0.53 8.73 2.01
N LEU B 33 -0.70 8.94 2.46
CA LEU B 33 -1.80 8.01 2.21
C LEU B 33 -2.10 7.88 0.71
N GLU B 34 -1.72 8.91 -0.05
CA GLU B 34 -1.93 8.91 -1.50
C GLU B 34 -0.88 8.06 -2.21
N LYS B 35 0.33 8.05 -1.66
CA LYS B 35 1.42 7.28 -2.24
C LYS B 35 1.37 5.86 -1.72
N LEU B 36 0.86 5.76 -0.51
CA LEU B 36 0.72 4.48 0.16
C LEU B 36 -0.30 3.64 -0.57
N GLU B 37 -1.21 4.31 -1.27
CA GLU B 37 -2.24 3.60 -2.04
C GLU B 37 -1.68 3.24 -3.41
N VAL B 38 -0.89 4.15 -3.98
CA VAL B 38 -0.29 3.90 -5.29
C VAL B 38 0.73 2.79 -5.20
N VAL B 39 1.45 2.72 -4.07
CA VAL B 39 2.42 1.65 -3.88
C VAL B 39 1.73 0.32 -4.07
N VAL B 40 0.53 0.21 -3.52
CA VAL B 40 -0.26 -1.01 -3.68
C VAL B 40 -1.04 -0.96 -4.98
N ASN B 41 -1.36 0.23 -5.45
CA ASN B 41 -2.08 0.35 -6.71
C ASN B 41 -1.41 -0.54 -7.73
N GLU B 42 -0.08 -0.55 -7.67
CA GLU B 42 0.72 -1.39 -8.55
C GLU B 42 0.91 -2.78 -7.94
N ARG B 43 1.25 -2.82 -6.65
CA ARG B 43 1.44 -4.09 -5.96
C ARG B 43 0.11 -4.80 -5.71
N ARG B 44 -0.80 -4.13 -5.03
CA ARG B 44 -2.11 -4.70 -4.74
C ARG B 44 -2.73 -5.30 -6.01
N GLU B 45 -2.44 -4.71 -7.16
CA GLU B 45 -2.97 -5.17 -8.42
C GLU B 45 -2.12 -6.28 -9.06
N GLU B 46 -0.80 -6.11 -9.07
CA GLU B 46 0.10 -7.09 -9.68
C GLU B 46 0.36 -8.28 -8.77
N GLU B 47 0.50 -7.99 -7.48
CA GLU B 47 0.75 -9.03 -6.49
C GLU B 47 -0.37 -10.05 -6.48
N SER B 48 -1.60 -9.58 -6.48
CA SER B 48 -2.75 -10.48 -6.52
C SER B 48 -2.58 -11.40 -7.72
N ALA B 49 -1.98 -10.83 -8.76
CA ALA B 49 -1.71 -11.55 -9.99
C ALA B 49 -0.59 -12.57 -9.78
N ALA B 50 0.46 -12.15 -9.08
CA ALA B 50 1.60 -13.03 -8.80
C ALA B 50 1.15 -14.22 -7.96
N ALA B 51 0.25 -13.96 -7.02
CA ALA B 51 -0.26 -15.01 -6.15
C ALA B 51 -0.96 -16.09 -6.97
N ALA B 52 -1.81 -15.65 -7.89
CA ALA B 52 -2.53 -16.58 -8.75
C ALA B 52 -1.56 -17.27 -9.70
N GLU B 53 -0.54 -16.53 -10.13
CA GLU B 53 0.48 -17.03 -11.03
C GLU B 53 1.22 -18.22 -10.41
N VAL B 54 1.55 -18.10 -9.13
CA VAL B 54 2.26 -19.16 -8.43
C VAL B 54 1.41 -20.42 -8.31
N GLU B 55 0.19 -20.27 -7.83
CA GLU B 55 -0.72 -21.40 -7.68
C GLU B 55 -1.12 -21.97 -9.03
N GLU B 56 -1.13 -23.30 -9.14
CA GLU B 56 -1.48 -23.98 -10.38
C GLU B 56 -1.58 -25.48 -10.18
N ARG B 57 -0.61 -26.03 -9.43
CA ARG B 57 -0.57 -27.46 -9.15
C ARG B 57 0.47 -27.77 -8.09
N THR B 58 1.64 -27.13 -8.20
CA THR B 58 2.72 -27.33 -7.26
C THR B 58 3.55 -26.06 -7.10
N ARG B 59 3.78 -25.66 -5.86
CA ARG B 59 4.55 -24.45 -5.58
C ARG B 59 6.00 -24.58 -6.04
N LYS B 60 6.49 -23.55 -6.72
CA LYS B 60 7.87 -23.54 -7.22
C LYS B 60 8.86 -23.43 -6.06
N LEU B 61 9.99 -24.11 -6.20
CA LEU B 61 11.02 -24.09 -5.17
C LEU B 61 11.44 -22.66 -4.85
N SER A 5 -9.00 0.31 -7.69
CA SER A 5 -9.08 -1.08 -7.19
C SER A 5 -9.28 -1.10 -5.67
N GLU A 6 -8.56 -1.98 -4.98
CA GLU A 6 -8.67 -2.10 -3.53
C GLU A 6 -7.83 -1.05 -2.81
N ALA A 7 -6.76 -0.59 -3.45
CA ALA A 7 -5.88 0.41 -2.86
C ALA A 7 -6.47 1.81 -3.03
N LEU A 8 -7.25 1.97 -4.08
CA LEU A 8 -7.90 3.22 -4.38
C LEU A 8 -9.17 3.34 -3.55
N LYS A 9 -9.80 2.20 -3.34
CA LYS A 9 -11.03 2.11 -2.57
C LYS A 9 -10.73 1.98 -1.07
N ILE A 10 -9.58 1.41 -0.75
CA ILE A 10 -9.18 1.22 0.64
C ILE A 10 -9.28 2.55 1.38
N LEU A 11 -8.74 3.57 0.74
CA LEU A 11 -8.76 4.90 1.29
C LEU A 11 -9.79 5.74 0.54
N ASN A 12 -10.35 5.15 -0.51
CA ASN A 12 -11.36 5.80 -1.34
C ASN A 12 -10.79 7.08 -1.95
N ASN A 13 -9.49 7.07 -2.23
CA ASN A 13 -8.81 8.21 -2.82
C ASN A 13 -8.85 9.44 -1.90
N ILE A 14 -7.68 10.03 -1.70
CA ILE A 14 -7.53 11.21 -0.85
C ILE A 14 -8.42 12.37 -1.29
N ARG A 15 -8.82 12.38 -2.56
CA ARG A 15 -9.67 13.45 -3.08
C ARG A 15 -10.96 13.59 -2.29
N THR A 16 -11.71 12.49 -2.15
CA THR A 16 -12.96 12.52 -1.41
C THR A 16 -12.69 12.59 0.08
N LEU A 17 -11.57 12.02 0.49
CA LEU A 17 -11.18 11.99 1.89
C LEU A 17 -10.98 13.39 2.46
N ARG A 18 -10.14 14.18 1.79
CA ARG A 18 -9.86 15.54 2.22
C ARG A 18 -11.15 16.29 2.53
N ALA A 19 -12.21 15.90 1.86
CA ALA A 19 -13.53 16.53 2.04
C ALA A 19 -14.33 15.89 3.17
N GLN A 20 -14.45 14.57 3.12
CA GLN A 20 -15.22 13.84 4.13
C GLN A 20 -14.57 14.00 5.49
N ALA A 21 -13.26 14.07 5.47
CA ALA A 21 -12.47 14.24 6.67
C ALA A 21 -12.34 15.71 7.02
N ARG A 22 -12.57 16.56 6.03
CA ARG A 22 -12.47 18.01 6.23
C ARG A 22 -13.19 18.39 7.53
N GLU A 23 -14.20 17.61 7.89
CA GLU A 23 -14.95 17.86 9.11
C GLU A 23 -14.59 16.86 10.21
N SER A 24 -13.30 16.55 10.33
CA SER A 24 -12.84 15.61 11.36
C SER A 24 -11.33 15.77 11.61
N THR A 25 -10.67 14.66 11.92
CA THR A 25 -9.23 14.67 12.21
C THR A 25 -8.50 13.65 11.33
N LEU A 26 -7.18 13.80 11.21
CA LEU A 26 -6.38 12.90 10.40
C LEU A 26 -6.58 11.45 10.83
N GLU A 27 -7.15 11.25 12.01
CA GLU A 27 -7.38 9.90 12.52
C GLU A 27 -7.85 8.97 11.40
N THR A 28 -8.50 9.54 10.38
CA THR A 28 -8.97 8.77 9.24
C THR A 28 -7.80 8.02 8.59
N LEU A 29 -6.66 8.69 8.45
CA LEU A 29 -5.48 8.06 7.87
C LEU A 29 -4.97 6.96 8.79
N GLU A 30 -4.94 7.24 10.08
CA GLU A 30 -4.49 6.23 11.03
C GLU A 30 -5.34 4.98 10.84
N GLU A 31 -6.56 5.19 10.36
CA GLU A 31 -7.48 4.09 10.11
C GLU A 31 -7.22 3.47 8.73
N MET A 32 -7.17 4.30 7.70
CA MET A 32 -6.95 3.84 6.33
C MET A 32 -5.47 3.80 5.96
N LEU A 33 -4.77 4.88 6.25
CA LEU A 33 -3.34 5.01 5.95
C LEU A 33 -2.51 3.95 6.67
N GLU A 34 -3.02 3.46 7.79
CA GLU A 34 -2.34 2.40 8.55
C GLU A 34 -2.52 1.04 7.88
N LYS A 35 -3.66 0.83 7.26
CA LYS A 35 -3.96 -0.43 6.59
C LYS A 35 -3.43 -0.39 5.17
N LEU A 36 -3.43 0.80 4.61
CA LEU A 36 -2.93 1.02 3.27
C LEU A 36 -1.43 0.79 3.24
N GLU A 37 -0.80 0.94 4.39
CA GLU A 37 0.65 0.72 4.49
C GLU A 37 0.93 -0.75 4.76
N VAL A 38 0.14 -1.36 5.65
CA VAL A 38 0.30 -2.77 5.96
C VAL A 38 -0.01 -3.61 4.73
N VAL A 39 -0.98 -3.16 3.93
CA VAL A 39 -1.34 -3.87 2.72
C VAL A 39 -0.11 -4.03 1.86
N VAL A 40 0.61 -2.92 1.63
CA VAL A 40 1.83 -2.98 0.85
C VAL A 40 2.94 -3.62 1.66
N ASN A 41 2.90 -3.44 2.99
CA ASN A 41 3.91 -4.02 3.86
C ASN A 41 4.11 -5.48 3.49
N GLU A 42 3.00 -6.16 3.23
CA GLU A 42 3.04 -7.56 2.83
C GLU A 42 3.67 -7.67 1.45
N ARG A 43 3.40 -6.66 0.63
CA ARG A 43 3.93 -6.59 -0.73
C ARG A 43 5.41 -6.19 -0.73
N ARG A 44 5.74 -5.16 0.03
CA ARG A 44 7.11 -4.69 0.10
C ARG A 44 8.03 -5.86 0.39
N GLU A 45 7.55 -6.77 1.24
CA GLU A 45 8.31 -7.95 1.60
C GLU A 45 8.07 -9.12 0.62
N GLU A 46 6.81 -9.38 0.28
CA GLU A 46 6.45 -10.48 -0.62
C GLU A 46 6.48 -10.09 -2.08
N GLU A 47 5.91 -8.94 -2.41
CA GLU A 47 5.87 -8.47 -3.79
C GLU A 47 7.27 -8.46 -4.37
N SER A 48 8.21 -7.88 -3.63
CA SER A 48 9.59 -7.83 -4.06
C SER A 48 10.10 -9.25 -4.25
N ALA A 49 9.64 -10.13 -3.36
CA ALA A 49 9.99 -11.54 -3.40
C ALA A 49 9.53 -12.15 -4.71
N ALA A 50 8.31 -11.79 -5.12
CA ALA A 50 7.74 -12.29 -6.38
C ALA A 50 8.62 -11.89 -7.55
N ALA A 51 9.02 -10.62 -7.56
CA ALA A 51 9.87 -10.10 -8.63
C ALA A 51 11.19 -10.86 -8.66
N ALA A 52 11.70 -11.18 -7.48
CA ALA A 52 12.96 -11.92 -7.38
C ALA A 52 12.85 -13.25 -8.11
N GLU A 53 11.72 -13.93 -7.93
CA GLU A 53 11.48 -15.21 -8.59
C GLU A 53 11.40 -15.00 -10.10
N VAL A 54 10.77 -13.90 -10.47
CA VAL A 54 10.58 -13.55 -11.87
C VAL A 54 11.85 -13.68 -12.68
N GLU A 55 12.98 -13.28 -12.08
CA GLU A 55 14.28 -13.34 -12.75
C GLU A 55 15.40 -13.64 -11.77
N GLU A 56 16.32 -14.52 -12.17
CA GLU A 56 17.45 -14.90 -11.33
C GLU A 56 18.69 -15.18 -12.17
N ARG A 57 18.96 -14.33 -13.14
CA ARG A 57 20.12 -14.47 -14.02
C ARG A 57 20.12 -15.85 -14.69
N THR A 58 18.94 -16.31 -15.10
CA THR A 58 18.81 -17.61 -15.75
C THR A 58 17.60 -17.63 -16.69
N ARG A 59 17.80 -18.13 -17.89
CA ARG A 59 16.73 -18.22 -18.88
C ARG A 59 15.69 -19.26 -18.45
N LYS A 60 14.42 -18.87 -18.51
CA LYS A 60 13.33 -19.76 -18.14
C LYS A 60 11.98 -19.10 -18.40
N LEU A 61 11.86 -18.50 -19.58
CA LEU A 61 10.61 -17.82 -19.96
C LEU A 61 10.44 -17.83 -21.47
N SER B 5 9.60 -1.14 7.02
CA SER B 5 10.19 -1.13 5.66
C SER B 5 9.77 0.11 4.87
N GLU B 6 9.43 -0.09 3.60
CA GLU B 6 9.02 1.01 2.74
C GLU B 6 7.56 1.41 2.99
N ALA B 7 6.76 0.45 3.42
CA ALA B 7 5.35 0.70 3.70
C ALA B 7 5.16 1.37 5.04
N LEU B 8 6.09 1.09 5.93
CA LEU B 8 6.09 1.65 7.27
C LEU B 8 6.72 3.02 7.27
N LYS B 9 7.74 3.16 6.42
CA LYS B 9 8.46 4.42 6.27
C LYS B 9 7.72 5.39 5.36
N ILE B 10 6.99 4.85 4.40
CA ILE B 10 6.23 5.67 3.47
C ILE B 10 5.32 6.60 4.24
N LEU B 11 4.73 6.05 5.28
CA LEU B 11 3.82 6.78 6.14
C LEU B 11 4.52 7.13 7.44
N ASN B 12 5.59 6.41 7.73
CA ASN B 12 6.34 6.62 8.97
C ASN B 12 5.44 6.23 10.14
N ASN B 13 4.54 5.27 9.88
CA ASN B 13 3.61 4.77 10.87
C ASN B 13 2.66 5.87 11.35
N ILE B 14 1.35 5.59 11.29
CA ILE B 14 0.32 6.54 11.72
C ILE B 14 0.54 6.98 13.17
N ARG B 15 1.14 6.11 13.97
CA ARG B 15 1.40 6.41 15.37
C ARG B 15 2.18 7.72 15.52
N THR B 16 3.30 7.81 14.80
CA THR B 16 4.13 9.00 14.84
C THR B 16 3.46 10.14 14.06
N LEU B 17 2.75 9.76 13.00
CA LEU B 17 2.07 10.73 12.16
C LEU B 17 1.00 11.51 12.91
N ARG B 18 0.03 10.80 13.48
CA ARG B 18 -1.07 11.43 14.19
C ARG B 18 -0.55 12.49 15.16
N ALA B 19 0.70 12.34 15.59
CA ALA B 19 1.32 13.27 16.51
C ALA B 19 1.96 14.45 15.79
N GLN B 20 2.79 14.14 14.79
CA GLN B 20 3.47 15.17 14.02
C GLN B 20 2.46 16.02 13.27
N ALA B 21 1.40 15.35 12.83
CA ALA B 21 0.33 16.00 12.11
C ALA B 21 -0.69 16.57 13.07
N ARG B 22 -0.68 16.06 14.29
CA ARG B 22 -1.61 16.51 15.32
C ARG B 22 -1.74 18.04 15.27
N GLU B 23 -0.66 18.69 14.86
CA GLU B 23 -0.65 20.14 14.76
C GLU B 23 -0.73 20.60 13.30
N SER B 24 -1.59 19.96 12.52
CA SER B 24 -1.76 20.31 11.11
C SER B 24 -2.98 19.61 10.49
N THR B 25 -3.11 19.73 9.18
CA THR B 25 -4.22 19.13 8.45
C THR B 25 -3.92 17.68 8.06
N LEU B 26 -4.98 16.89 7.86
CA LEU B 26 -4.83 15.50 7.48
C LEU B 26 -4.14 15.39 6.12
N GLU B 27 -4.05 16.51 5.40
CA GLU B 27 -3.43 16.52 4.08
C GLU B 27 -2.20 15.61 4.04
N THR B 28 -1.60 15.38 5.20
CA THR B 28 -0.44 14.51 5.30
C THR B 28 -0.77 13.17 4.63
N LEU B 29 -1.98 12.68 4.85
CA LEU B 29 -2.41 11.44 4.23
C LEU B 29 -2.55 11.63 2.73
N GLU B 30 -3.14 12.73 2.32
CA GLU B 30 -3.27 13.00 0.90
C GLU B 30 -1.90 12.95 0.28
N GLU B 31 -0.88 13.21 1.11
CA GLU B 31 0.50 13.17 0.66
C GLU B 31 1.04 11.73 0.69
N MET B 32 0.92 11.08 1.85
CA MET B 32 1.41 9.71 2.02
C MET B 32 0.36 8.66 1.66
N LEU B 33 -0.86 8.86 2.16
CA LEU B 33 -1.99 7.94 1.91
C LEU B 33 -2.25 7.78 0.41
N GLU B 34 -2.09 8.87 -0.33
CA GLU B 34 -2.30 8.86 -1.78
C GLU B 34 -1.25 8.01 -2.49
N LYS B 35 -0.03 8.04 -1.97
CA LYS B 35 1.07 7.28 -2.56
C LYS B 35 1.07 5.88 -2.01
N LEU B 36 0.60 5.77 -0.78
CA LEU B 36 0.52 4.51 -0.10
C LEU B 36 -0.53 3.63 -0.75
N GLU B 37 -1.48 4.25 -1.43
CA GLU B 37 -2.52 3.51 -2.12
C GLU B 37 -2.03 3.13 -3.50
N VAL B 38 -1.39 4.08 -4.19
CA VAL B 38 -0.87 3.82 -5.52
C VAL B 38 0.23 2.76 -5.45
N VAL B 39 0.99 2.79 -4.35
CA VAL B 39 2.06 1.82 -4.16
C VAL B 39 1.47 0.43 -4.25
N VAL B 40 0.39 0.18 -3.51
CA VAL B 40 -0.27 -1.11 -3.57
C VAL B 40 -1.04 -1.24 -4.86
N ASN B 41 -1.63 -0.14 -5.34
CA ASN B 41 -2.38 -0.17 -6.58
C ASN B 41 -1.63 -0.98 -7.62
N GLU B 42 -0.31 -0.79 -7.65
CA GLU B 42 0.55 -1.53 -8.56
C GLU B 42 0.60 -2.98 -8.15
N ARG B 43 0.67 -3.20 -6.83
CA ARG B 43 0.72 -4.54 -6.26
C ARG B 43 -0.65 -5.23 -6.33
N ARG B 44 -1.69 -4.53 -5.92
CA ARG B 44 -3.03 -5.10 -5.95
C ARG B 44 -3.29 -5.74 -7.30
N GLU B 45 -2.81 -5.09 -8.35
CA GLU B 45 -2.97 -5.58 -9.71
C GLU B 45 -1.84 -6.53 -10.12
N GLU B 46 -0.59 -6.17 -9.81
CA GLU B 46 0.57 -6.98 -10.19
C GLU B 46 0.88 -8.07 -9.16
N GLU B 47 0.87 -7.70 -7.88
CA GLU B 47 1.18 -8.66 -6.82
C GLU B 47 0.28 -9.88 -6.96
N SER B 48 -1.02 -9.64 -7.10
CA SER B 48 -1.97 -10.72 -7.27
C SER B 48 -1.60 -11.52 -8.52
N ALA B 49 -1.13 -10.79 -9.52
CA ALA B 49 -0.70 -11.40 -10.77
C ALA B 49 0.47 -12.34 -10.54
N ALA B 50 1.39 -11.92 -9.67
CA ALA B 50 2.56 -12.72 -9.34
C ALA B 50 2.13 -13.99 -8.62
N ALA B 51 1.27 -13.84 -7.62
CA ALA B 51 0.79 -14.98 -6.85
C ALA B 51 0.10 -15.99 -7.75
N ALA B 52 -0.66 -15.48 -8.71
CA ALA B 52 -1.38 -16.33 -9.65
C ALA B 52 -0.42 -17.22 -10.43
N GLU B 53 0.65 -16.62 -10.95
CA GLU B 53 1.64 -17.36 -11.72
C GLU B 53 2.48 -18.26 -10.82
N VAL B 54 2.61 -17.88 -9.55
CA VAL B 54 3.39 -18.65 -8.58
C VAL B 54 2.95 -20.12 -8.56
N GLU B 55 1.64 -20.36 -8.66
CA GLU B 55 1.12 -21.72 -8.64
C GLU B 55 -0.31 -21.77 -9.17
N GLU B 56 -0.64 -22.84 -9.89
CA GLU B 56 -1.96 -23.02 -10.45
C GLU B 56 -2.41 -24.48 -10.28
N ARG B 57 -3.24 -24.96 -11.19
CA ARG B 57 -3.72 -26.34 -11.13
C ARG B 57 -2.73 -27.28 -11.83
N THR B 58 -1.45 -27.07 -11.56
CA THR B 58 -0.39 -27.89 -12.15
C THR B 58 0.82 -27.96 -11.23
N ARG B 59 1.44 -29.13 -11.16
CA ARG B 59 2.61 -29.34 -10.32
C ARG B 59 3.80 -28.51 -10.83
N LYS B 60 4.97 -29.15 -10.93
CA LYS B 60 6.18 -28.46 -11.39
C LYS B 60 6.55 -27.32 -10.44
N LEU B 61 6.65 -27.65 -9.15
CA LEU B 61 7.00 -26.67 -8.13
C LEU B 61 7.23 -27.35 -6.79
N SER A 5 -6.80 -1.45 -7.11
CA SER A 5 -8.25 -1.22 -6.90
C SER A 5 -8.60 -1.15 -5.41
N GLU A 6 -8.04 -2.08 -4.65
CA GLU A 6 -8.28 -2.12 -3.21
C GLU A 6 -7.51 -1.02 -2.50
N ALA A 7 -6.38 -0.62 -3.08
CA ALA A 7 -5.56 0.45 -2.52
C ALA A 7 -6.20 1.80 -2.77
N LEU A 8 -7.06 1.80 -3.75
CA LEU A 8 -7.78 2.99 -4.16
C LEU A 8 -9.02 3.16 -3.30
N LYS A 9 -9.75 2.06 -3.13
CA LYS A 9 -10.96 2.06 -2.33
C LYS A 9 -10.67 1.95 -0.84
N ILE A 10 -9.50 1.40 -0.50
CA ILE A 10 -9.12 1.26 0.90
C ILE A 10 -9.20 2.60 1.58
N LEU A 11 -8.66 3.60 0.90
CA LEU A 11 -8.66 4.96 1.39
C LEU A 11 -9.69 5.77 0.63
N ASN A 12 -10.23 5.16 -0.43
CA ASN A 12 -11.24 5.78 -1.27
C ASN A 12 -10.68 7.05 -1.91
N ASN A 13 -9.39 7.00 -2.26
CA ASN A 13 -8.71 8.12 -2.88
C ASN A 13 -8.75 9.37 -1.98
N ILE A 14 -7.58 9.94 -1.72
CA ILE A 14 -7.45 11.12 -0.88
C ILE A 14 -8.38 12.25 -1.34
N ARG A 15 -8.76 12.22 -2.61
CA ARG A 15 -9.65 13.25 -3.15
C ARG A 15 -11.01 13.21 -2.47
N THR A 16 -11.61 12.02 -2.43
CA THR A 16 -12.91 11.84 -1.81
C THR A 16 -12.78 11.88 -0.29
N LEU A 17 -11.70 11.29 0.22
CA LEU A 17 -11.45 11.25 1.65
C LEU A 17 -11.25 12.66 2.20
N ARG A 18 -10.40 13.43 1.57
CA ARG A 18 -10.11 14.80 1.99
C ARG A 18 -11.39 15.54 2.33
N ALA A 19 -12.45 15.24 1.59
CA ALA A 19 -13.74 15.88 1.81
C ALA A 19 -14.55 15.21 2.90
N GLN A 20 -14.64 13.89 2.85
CA GLN A 20 -15.41 13.15 3.84
C GLN A 20 -14.80 13.32 5.21
N ALA A 21 -13.47 13.41 5.21
CA ALA A 21 -12.69 13.59 6.41
C ALA A 21 -12.58 15.05 6.77
N ARG A 22 -12.78 15.91 5.77
CA ARG A 22 -12.70 17.35 5.97
C ARG A 22 -13.47 17.73 7.23
N GLU A 23 -14.51 16.97 7.54
CA GLU A 23 -15.32 17.21 8.72
C GLU A 23 -14.79 16.46 9.93
N SER A 24 -13.47 16.28 10.01
CA SER A 24 -12.86 15.57 11.13
C SER A 24 -11.34 15.80 11.17
N THR A 25 -10.64 14.91 11.86
CA THR A 25 -9.19 15.00 11.98
C THR A 25 -8.48 14.05 11.03
N LEU A 26 -7.15 13.98 11.17
CA LEU A 26 -6.35 13.10 10.33
C LEU A 26 -6.60 11.65 10.74
N GLU A 27 -7.21 11.45 11.89
CA GLU A 27 -7.48 10.10 12.39
C GLU A 27 -7.94 9.19 11.26
N THR A 28 -8.56 9.78 10.24
CA THR A 28 -9.02 9.04 9.09
C THR A 28 -7.87 8.25 8.47
N LEU A 29 -6.70 8.87 8.36
CA LEU A 29 -5.54 8.19 7.81
C LEU A 29 -5.09 7.08 8.75
N GLU A 30 -5.09 7.34 10.05
CA GLU A 30 -4.71 6.30 10.98
C GLU A 30 -5.59 5.08 10.72
N GLU A 31 -6.77 5.35 10.19
CA GLU A 31 -7.72 4.29 9.85
C GLU A 31 -7.40 3.70 8.47
N MET A 32 -7.23 4.56 7.48
CA MET A 32 -6.95 4.12 6.11
C MET A 32 -5.45 3.99 5.85
N LEU A 33 -4.70 5.01 6.24
CA LEU A 33 -3.24 5.05 6.06
C LEU A 33 -2.59 3.83 6.71
N GLU A 34 -3.09 3.44 7.88
CA GLU A 34 -2.57 2.29 8.61
C GLU A 34 -2.80 0.99 7.85
N LYS A 35 -3.92 0.91 7.15
CA LYS A 35 -4.27 -0.29 6.39
C LYS A 35 -3.66 -0.22 5.01
N LEU A 36 -3.46 1.00 4.55
CA LEU A 36 -2.87 1.23 3.26
C LEU A 36 -1.41 0.84 3.28
N GLU A 37 -0.83 0.91 4.47
CA GLU A 37 0.57 0.55 4.64
C GLU A 37 0.68 -0.97 4.84
N VAL A 38 -0.32 -1.56 5.50
CA VAL A 38 -0.32 -3.00 5.72
C VAL A 38 -0.64 -3.74 4.42
N VAL A 39 -1.56 -3.18 3.63
CA VAL A 39 -1.90 -3.81 2.35
C VAL A 39 -0.63 -3.99 1.55
N VAL A 40 0.18 -2.93 1.53
CA VAL A 40 1.43 -2.96 0.82
C VAL A 40 2.54 -3.52 1.71
N ASN A 41 2.33 -3.52 3.01
CA ASN A 41 3.34 -4.07 3.92
C ASN A 41 3.66 -5.48 3.52
N GLU A 42 2.61 -6.22 3.20
CA GLU A 42 2.76 -7.61 2.77
C GLU A 42 3.31 -7.66 1.34
N ARG A 43 2.84 -6.74 0.50
CA ARG A 43 3.30 -6.66 -0.88
C ARG A 43 4.74 -6.17 -0.91
N ARG A 44 4.98 -5.04 -0.29
CA ARG A 44 6.30 -4.43 -0.21
C ARG A 44 7.35 -5.49 0.11
N GLU A 45 7.02 -6.41 1.01
CA GLU A 45 7.94 -7.46 1.42
C GLU A 45 7.94 -8.67 0.48
N GLU A 46 6.75 -9.17 0.11
CA GLU A 46 6.64 -10.34 -0.76
C GLU A 46 6.77 -9.97 -2.23
N GLU A 47 6.13 -8.88 -2.62
CA GLU A 47 6.16 -8.41 -3.99
C GLU A 47 7.59 -8.21 -4.48
N SER A 48 8.40 -7.53 -3.67
CA SER A 48 9.79 -7.31 -4.02
C SER A 48 10.43 -8.67 -4.27
N ALA A 49 9.99 -9.64 -3.48
CA ALA A 49 10.46 -11.00 -3.59
C ALA A 49 10.00 -11.62 -4.90
N ALA A 50 8.75 -11.34 -5.27
CA ALA A 50 8.17 -11.86 -6.51
C ALA A 50 8.95 -11.36 -7.72
N ALA A 51 9.32 -10.09 -7.68
CA ALA A 51 10.06 -9.47 -8.78
C ALA A 51 11.48 -10.00 -8.85
N ALA A 52 12.14 -10.10 -7.70
CA ALA A 52 13.52 -10.59 -7.64
C ALA A 52 13.63 -12.04 -8.07
N GLU A 53 12.73 -12.88 -7.58
CA GLU A 53 12.73 -14.31 -7.90
C GLU A 53 12.49 -14.53 -9.39
N VAL A 54 11.61 -13.74 -9.98
CA VAL A 54 11.30 -13.88 -11.40
C VAL A 54 11.11 -12.52 -12.07
N GLU A 55 12.21 -11.84 -12.34
CA GLU A 55 12.16 -10.53 -12.98
C GLU A 55 11.51 -10.63 -14.36
N GLU A 56 12.02 -11.54 -15.18
CA GLU A 56 11.50 -11.76 -16.53
C GLU A 56 12.31 -12.82 -17.26
N ARG A 57 13.63 -12.62 -17.30
CA ARG A 57 14.53 -13.55 -17.96
C ARG A 57 14.79 -14.78 -17.11
N THR A 58 15.06 -14.56 -15.82
CA THR A 58 15.34 -15.63 -14.89
C THR A 58 14.19 -16.64 -14.81
N ARG A 59 14.55 -17.92 -14.72
CA ARG A 59 13.57 -18.99 -14.65
C ARG A 59 14.13 -20.19 -13.88
N LYS A 60 13.91 -21.40 -14.39
CA LYS A 60 14.39 -22.61 -13.74
C LYS A 60 15.92 -22.62 -13.69
N LEU A 61 16.55 -22.36 -14.85
CA LEU A 61 18.00 -22.34 -14.95
C LEU A 61 18.60 -23.65 -14.44
N SER B 5 9.15 -2.25 5.07
CA SER B 5 9.99 -1.12 5.54
C SER B 5 9.59 0.19 4.84
N GLU B 6 9.28 0.09 3.55
CA GLU B 6 8.89 1.25 2.77
C GLU B 6 7.45 1.66 3.08
N ALA B 7 6.63 0.69 3.46
CA ALA B 7 5.23 0.94 3.80
C ALA B 7 5.12 1.54 5.18
N LEU B 8 6.10 1.21 6.00
CA LEU B 8 6.15 1.67 7.36
C LEU B 8 6.77 3.05 7.44
N LYS B 9 7.78 3.26 6.60
CA LYS B 9 8.49 4.53 6.54
C LYS B 9 7.76 5.53 5.66
N ILE B 10 7.03 5.03 4.68
CA ILE B 10 6.29 5.89 3.75
C ILE B 10 5.37 6.82 4.52
N LEU B 11 4.66 6.24 5.48
CA LEU B 11 3.74 6.99 6.29
C LEU B 11 4.31 7.20 7.69
N ASN B 12 5.38 6.45 7.99
CA ASN B 12 6.04 6.54 9.30
C ASN B 12 5.13 6.04 10.41
N ASN B 13 4.29 5.05 10.08
CA ASN B 13 3.37 4.46 11.05
C ASN B 13 2.41 5.51 11.62
N ILE B 14 1.12 5.22 11.54
CA ILE B 14 0.09 6.12 12.04
C ILE B 14 0.35 6.54 13.50
N ARG B 15 1.05 5.69 14.24
CA ARG B 15 1.36 5.99 15.64
C ARG B 15 2.15 7.31 15.76
N THR B 16 3.25 7.40 15.01
CA THR B 16 4.08 8.60 15.02
C THR B 16 3.56 9.62 14.02
N LEU B 17 3.02 9.12 12.92
CA LEU B 17 2.48 9.97 11.87
C LEU B 17 1.34 10.84 12.37
N ARG B 18 0.36 10.23 13.02
CA ARG B 18 -0.78 10.96 13.54
C ARG B 18 -0.34 12.12 14.41
N ALA B 19 0.77 11.94 15.12
CA ALA B 19 1.30 12.97 16.00
C ALA B 19 2.10 14.01 15.25
N GLN B 20 3.04 13.58 14.42
CA GLN B 20 3.87 14.50 13.66
C GLN B 20 3.00 15.32 12.73
N ALA B 21 1.95 14.70 12.26
CA ALA B 21 0.99 15.33 11.37
C ALA B 21 -0.06 16.08 12.17
N ARG B 22 -0.24 15.65 13.42
CA ARG B 22 -1.22 16.26 14.31
C ARG B 22 -1.05 17.77 14.33
N GLU B 23 0.19 18.23 14.20
CA GLU B 23 0.48 19.65 14.21
C GLU B 23 -0.21 20.35 13.03
N SER B 24 -0.31 19.65 11.91
CA SER B 24 -0.94 20.22 10.71
C SER B 24 -2.34 19.66 10.51
N THR B 25 -2.70 19.42 9.24
CA THR B 25 -4.01 18.88 8.89
C THR B 25 -3.86 17.49 8.29
N LEU B 26 -4.97 16.81 8.03
CA LEU B 26 -4.94 15.48 7.45
C LEU B 26 -4.21 15.51 6.11
N GLU B 27 -4.02 16.70 5.55
CA GLU B 27 -3.34 16.83 4.27
C GLU B 27 -2.12 15.90 4.21
N THR B 28 -1.61 15.55 5.39
CA THR B 28 -0.49 14.64 5.50
C THR B 28 -0.81 13.33 4.77
N LEU B 29 -2.04 12.85 4.92
CA LEU B 29 -2.45 11.62 4.27
C LEU B 29 -2.54 11.80 2.76
N GLU B 30 -3.16 12.87 2.29
CA GLU B 30 -3.24 13.07 0.86
C GLU B 30 -1.83 13.07 0.29
N GLU B 31 -0.87 13.38 1.16
CA GLU B 31 0.53 13.39 0.78
C GLU B 31 1.12 11.98 0.87
N MET B 32 0.94 11.33 2.02
CA MET B 32 1.46 9.99 2.24
C MET B 32 0.47 8.91 1.81
N LEU B 33 -0.77 9.05 2.25
CA LEU B 33 -1.85 8.11 1.93
C LEU B 33 -1.93 7.88 0.42
N GLU B 34 -1.79 8.95 -0.34
CA GLU B 34 -1.83 8.88 -1.80
C GLU B 34 -0.69 8.03 -2.36
N LYS B 35 0.46 8.09 -1.69
CA LYS B 35 1.63 7.35 -2.14
C LYS B 35 1.56 5.92 -1.61
N LEU B 36 0.95 5.82 -0.44
CA LEU B 36 0.76 4.55 0.22
C LEU B 36 -0.28 3.72 -0.53
N GLU B 37 -1.17 4.40 -1.25
CA GLU B 37 -2.19 3.71 -2.02
C GLU B 37 -1.64 3.33 -3.38
N VAL B 38 -0.91 4.26 -4.01
CA VAL B 38 -0.32 4.01 -5.31
C VAL B 38 0.69 2.88 -5.22
N VAL B 39 1.41 2.82 -4.09
CA VAL B 39 2.38 1.77 -3.88
C VAL B 39 1.69 0.43 -4.05
N VAL B 40 0.48 0.32 -3.48
CA VAL B 40 -0.29 -0.89 -3.62
C VAL B 40 -1.11 -0.86 -4.91
N ASN B 41 -1.32 0.31 -5.45
CA ASN B 41 -2.07 0.42 -6.69
C ASN B 41 -1.42 -0.49 -7.71
N GLU B 42 -0.10 -0.51 -7.66
CA GLU B 42 0.67 -1.37 -8.56
C GLU B 42 0.80 -2.78 -8.00
N ARG B 43 1.00 -2.89 -6.68
CA ARG B 43 1.10 -4.20 -6.04
C ARG B 43 -0.26 -4.89 -5.99
N ARG B 44 -1.25 -4.21 -5.44
CA ARG B 44 -2.60 -4.76 -5.35
C ARG B 44 -3.00 -5.39 -6.69
N GLU B 45 -2.62 -4.72 -7.78
CA GLU B 45 -2.95 -5.20 -9.13
C GLU B 45 -1.97 -6.26 -9.65
N GLU B 46 -0.67 -6.00 -9.51
CA GLU B 46 0.36 -6.92 -10.00
C GLU B 46 0.69 -8.01 -9.00
N GLU B 47 0.82 -7.64 -7.73
CA GLU B 47 1.14 -8.61 -6.69
C GLU B 47 0.11 -9.73 -6.68
N SER B 48 -1.17 -9.34 -6.70
CA SER B 48 -2.25 -10.31 -6.72
C SER B 48 -2.08 -11.20 -7.94
N ALA B 49 -1.57 -10.59 -9.01
CA ALA B 49 -1.31 -11.29 -10.25
C ALA B 49 -0.23 -12.35 -10.03
N ALA B 50 0.79 -11.99 -9.26
CA ALA B 50 1.89 -12.90 -8.96
C ALA B 50 1.38 -14.07 -8.13
N ALA B 51 0.52 -13.76 -7.16
CA ALA B 51 -0.05 -14.80 -6.30
C ALA B 51 -0.87 -15.77 -7.11
N ALA B 52 -1.74 -15.24 -7.97
CA ALA B 52 -2.58 -16.05 -8.82
C ALA B 52 -1.71 -16.80 -9.84
N GLU B 53 -0.65 -16.15 -10.27
CA GLU B 53 0.29 -16.73 -11.22
C GLU B 53 0.82 -18.07 -10.72
N VAL B 54 1.24 -18.08 -9.46
CA VAL B 54 1.76 -19.29 -8.84
C VAL B 54 1.56 -19.27 -7.32
N GLU B 55 0.83 -20.26 -6.82
CA GLU B 55 0.56 -20.37 -5.40
C GLU B 55 1.68 -21.14 -4.69
N GLU B 56 2.04 -22.27 -5.26
CA GLU B 56 3.10 -23.12 -4.71
C GLU B 56 3.37 -24.30 -5.63
N ARG B 57 2.30 -24.99 -6.04
CA ARG B 57 2.42 -26.14 -6.93
C ARG B 57 2.66 -25.68 -8.36
N THR B 58 1.90 -24.66 -8.78
CA THR B 58 2.03 -24.13 -10.13
C THR B 58 3.45 -23.66 -10.42
N ARG B 59 3.95 -23.98 -11.60
CA ARG B 59 5.31 -23.60 -11.99
C ARG B 59 5.54 -23.90 -13.47
N LYS B 60 5.06 -25.04 -13.93
CA LYS B 60 5.23 -25.45 -15.32
C LYS B 60 4.41 -26.72 -15.61
N LEU B 61 3.75 -26.73 -16.76
CA LEU B 61 2.94 -27.87 -17.16
C LEU B 61 2.49 -27.73 -18.61
N SER A 5 -9.10 -1.94 -7.95
CA SER A 5 -9.22 -0.62 -7.26
C SER A 5 -9.28 -0.81 -5.75
N GLU A 6 -8.40 -1.67 -5.22
CA GLU A 6 -8.37 -1.94 -3.79
C GLU A 6 -7.55 -0.88 -3.04
N ALA A 7 -6.50 -0.39 -3.69
CA ALA A 7 -5.63 0.62 -3.10
C ALA A 7 -6.26 2.00 -3.21
N LEU A 8 -7.14 2.11 -4.18
CA LEU A 8 -7.84 3.35 -4.47
C LEU A 8 -9.07 3.46 -3.59
N LYS A 9 -9.74 2.33 -3.40
CA LYS A 9 -10.95 2.27 -2.60
C LYS A 9 -10.63 2.10 -1.12
N ILE A 10 -9.48 1.49 -0.83
CA ILE A 10 -9.06 1.27 0.55
C ILE A 10 -9.09 2.58 1.30
N LEU A 11 -8.42 3.56 0.72
CA LEU A 11 -8.37 4.88 1.30
C LEU A 11 -9.45 5.75 0.65
N ASN A 12 -10.08 5.19 -0.38
CA ASN A 12 -11.14 5.89 -1.11
C ASN A 12 -10.61 7.17 -1.75
N ASN A 13 -9.35 7.12 -2.19
CA ASN A 13 -8.70 8.27 -2.83
C ASN A 13 -8.64 9.46 -1.87
N ILE A 14 -7.44 10.00 -1.68
CA ILE A 14 -7.24 11.14 -0.79
C ILE A 14 -8.20 12.29 -1.12
N ARG A 15 -8.54 12.42 -2.39
CA ARG A 15 -9.46 13.47 -2.83
C ARG A 15 -10.82 13.34 -2.14
N THR A 16 -11.39 12.14 -2.18
CA THR A 16 -12.68 11.89 -1.56
C THR A 16 -12.57 11.82 -0.04
N LEU A 17 -11.47 11.24 0.44
CA LEU A 17 -11.25 11.11 1.87
C LEU A 17 -11.21 12.46 2.56
N ARG A 18 -10.30 13.33 2.13
CA ARG A 18 -10.17 14.66 2.72
C ARG A 18 -11.52 15.33 2.88
N ALA A 19 -12.42 15.02 1.97
CA ALA A 19 -13.77 15.58 1.98
C ALA A 19 -14.65 14.93 3.05
N GLN A 20 -14.63 13.61 3.09
CA GLN A 20 -15.44 12.89 4.06
C GLN A 20 -14.86 13.06 5.46
N ALA A 21 -13.55 13.19 5.51
CA ALA A 21 -12.82 13.38 6.74
C ALA A 21 -12.75 14.85 7.12
N ARG A 22 -12.94 15.73 6.14
CA ARG A 22 -12.87 17.17 6.40
C ARG A 22 -13.61 17.48 7.69
N GLU A 23 -14.69 16.73 7.93
CA GLU A 23 -15.49 16.89 9.10
C GLU A 23 -14.96 16.04 10.26
N SER A 24 -13.63 15.93 10.34
CA SER A 24 -13.01 15.13 11.39
C SER A 24 -11.50 15.34 11.42
N THR A 25 -10.82 14.61 12.31
CA THR A 25 -9.38 14.71 12.47
C THR A 25 -8.67 13.77 11.49
N LEU A 26 -7.35 13.91 11.38
CA LEU A 26 -6.56 13.07 10.50
C LEU A 26 -6.73 11.60 10.88
N GLU A 27 -7.27 11.35 12.07
CA GLU A 27 -7.48 9.98 12.54
C GLU A 27 -7.97 9.09 11.40
N THR A 28 -8.63 9.72 10.43
CA THR A 28 -9.13 9.00 9.27
C THR A 28 -8.00 8.20 8.61
N LEU A 29 -6.83 8.82 8.50
CA LEU A 29 -5.69 8.15 7.91
C LEU A 29 -5.25 6.98 8.80
N GLU A 30 -5.12 7.20 10.09
CA GLU A 30 -4.74 6.11 10.96
C GLU A 30 -5.70 4.95 10.76
N GLU A 31 -6.91 5.27 10.31
CA GLU A 31 -7.92 4.26 10.05
C GLU A 31 -7.68 3.60 8.69
N MET A 32 -7.57 4.42 7.64
CA MET A 32 -7.36 3.91 6.29
C MET A 32 -5.88 3.79 5.95
N LEU A 33 -5.12 4.82 6.27
CA LEU A 33 -3.67 4.87 6.01
C LEU A 33 -2.97 3.66 6.63
N GLU A 34 -3.34 3.33 7.85
CA GLU A 34 -2.75 2.18 8.54
C GLU A 34 -3.01 0.89 7.78
N LYS A 35 -4.13 0.83 7.08
CA LYS A 35 -4.49 -0.35 6.30
C LYS A 35 -3.86 -0.27 4.93
N LEU A 36 -3.67 0.95 4.47
CA LEU A 36 -3.07 1.21 3.19
C LEU A 36 -1.60 0.82 3.23
N GLU A 37 -1.02 0.86 4.42
CA GLU A 37 0.37 0.49 4.59
C GLU A 37 0.47 -1.03 4.75
N VAL A 38 -0.50 -1.62 5.45
CA VAL A 38 -0.50 -3.06 5.64
C VAL A 38 -0.76 -3.77 4.32
N VAL A 39 -1.64 -3.19 3.49
CA VAL A 39 -1.93 -3.79 2.19
C VAL A 39 -0.62 -3.96 1.44
N VAL A 40 0.12 -2.87 1.33
CA VAL A 40 1.40 -2.90 0.65
C VAL A 40 2.46 -3.52 1.55
N ASN A 41 2.21 -3.56 2.84
CA ASN A 41 3.16 -4.17 3.77
C ASN A 41 3.40 -5.61 3.37
N GLU A 42 2.32 -6.28 3.04
CA GLU A 42 2.37 -7.67 2.63
C GLU A 42 3.02 -7.79 1.25
N ARG A 43 2.66 -6.87 0.36
CA ARG A 43 3.22 -6.87 -0.99
C ARG A 43 4.66 -6.36 -0.99
N ARG A 44 4.88 -5.25 -0.32
CA ARG A 44 6.21 -4.67 -0.23
C ARG A 44 7.24 -5.76 0.06
N GLU A 45 6.88 -6.67 0.95
CA GLU A 45 7.76 -7.78 1.34
C GLU A 45 7.64 -9.00 0.40
N GLU A 46 6.41 -9.38 0.05
CA GLU A 46 6.18 -10.55 -0.81
C GLU A 46 6.26 -10.21 -2.29
N GLU A 47 5.64 -9.10 -2.67
CA GLU A 47 5.65 -8.68 -4.06
C GLU A 47 7.07 -8.50 -4.55
N SER A 48 7.87 -7.78 -3.78
CA SER A 48 9.27 -7.56 -4.12
C SER A 48 9.94 -8.91 -4.33
N ALA A 49 9.48 -9.88 -3.55
CA ALA A 49 10.00 -11.25 -3.63
C ALA A 49 9.63 -11.88 -4.97
N ALA A 50 8.38 -11.68 -5.38
CA ALA A 50 7.89 -12.21 -6.65
C ALA A 50 8.62 -11.57 -7.83
N ALA A 51 8.82 -10.27 -7.74
CA ALA A 51 9.50 -9.51 -8.80
C ALA A 51 10.99 -9.84 -8.83
N ALA A 52 11.59 -9.95 -7.66
CA ALA A 52 13.02 -10.24 -7.55
C ALA A 52 13.36 -11.55 -8.25
N GLU A 53 12.59 -12.59 -7.98
CA GLU A 53 12.82 -13.89 -8.59
C GLU A 53 12.51 -13.86 -10.09
N VAL A 54 11.30 -13.38 -10.42
CA VAL A 54 10.85 -13.28 -11.81
C VAL A 54 11.39 -14.42 -12.67
N GLU A 55 11.38 -15.64 -12.11
CA GLU A 55 11.86 -16.82 -12.81
C GLU A 55 13.35 -16.70 -13.13
N GLU A 56 14.03 -17.84 -13.12
CA GLU A 56 15.46 -17.87 -13.41
C GLU A 56 15.93 -19.27 -13.80
N ARG A 57 15.48 -20.27 -13.04
CA ARG A 57 15.84 -21.66 -13.31
C ARG A 57 15.07 -22.60 -12.40
N THR A 58 15.07 -22.32 -11.10
CA THR A 58 14.37 -23.14 -10.14
C THR A 58 12.85 -22.97 -10.27
N ARG A 59 12.16 -22.75 -9.15
CA ARG A 59 10.71 -22.57 -9.18
C ARG A 59 10.03 -23.71 -9.92
N LYS A 60 10.46 -24.94 -9.65
CA LYS A 60 9.89 -26.12 -10.28
C LYS A 60 10.45 -27.39 -9.67
N LEU A 61 11.75 -27.41 -9.44
CA LEU A 61 12.42 -28.57 -8.86
C LEU A 61 13.80 -28.20 -8.34
N SER B 5 10.76 -2.16 5.39
CA SER B 5 9.93 -1.17 6.12
C SER B 5 9.59 0.02 5.24
N GLU B 6 9.18 -0.25 4.00
CA GLU B 6 8.83 0.79 3.05
C GLU B 6 7.39 1.26 3.26
N ALA B 7 6.51 0.33 3.64
CA ALA B 7 5.11 0.65 3.87
C ALA B 7 4.92 1.30 5.24
N LEU B 8 5.86 1.00 6.09
CA LEU B 8 5.87 1.50 7.45
C LEU B 8 6.49 2.89 7.52
N LYS B 9 7.55 3.06 6.73
CA LYS B 9 8.28 4.32 6.67
C LYS B 9 7.63 5.28 5.68
N ILE B 10 6.95 4.73 4.67
CA ILE B 10 6.30 5.56 3.67
C ILE B 10 5.38 6.55 4.36
N LEU B 11 4.53 6.03 5.21
CA LEU B 11 3.61 6.85 5.96
C LEU B 11 4.21 7.14 7.32
N ASN B 12 5.34 6.48 7.62
CA ASN B 12 6.04 6.66 8.88
C ASN B 12 5.16 6.23 10.05
N ASN B 13 4.34 5.21 9.83
CA ASN B 13 3.44 4.70 10.85
C ASN B 13 2.46 5.77 11.31
N ILE B 14 1.16 5.45 11.26
CA ILE B 14 0.12 6.40 11.67
C ILE B 14 0.38 6.97 13.06
N ARG B 15 1.00 6.16 13.92
CA ARG B 15 1.31 6.60 15.28
C ARG B 15 2.22 7.83 15.27
N THR B 16 3.31 7.74 14.51
CA THR B 16 4.26 8.84 14.42
C THR B 16 3.71 9.98 13.56
N LEU B 17 3.00 9.63 12.50
CA LEU B 17 2.43 10.62 11.60
C LEU B 17 1.47 11.54 12.33
N ARG B 18 0.44 10.97 12.95
CA ARG B 18 -0.56 11.76 13.66
C ARG B 18 0.11 12.79 14.56
N ALA B 19 1.28 12.44 15.06
CA ALA B 19 2.04 13.33 15.94
C ALA B 19 2.72 14.44 15.17
N GLN B 20 3.40 14.09 14.09
CA GLN B 20 4.09 15.08 13.28
C GLN B 20 3.09 15.95 12.53
N ALA B 21 1.97 15.33 12.19
CA ALA B 21 0.90 16.00 11.48
C ALA B 21 -0.05 16.70 12.44
N ARG B 22 -0.05 16.26 13.71
CA ARG B 22 -0.93 16.85 14.71
C ARG B 22 -0.94 18.37 14.56
N GLU B 23 0.23 18.90 14.18
CA GLU B 23 0.39 20.31 13.99
C GLU B 23 0.05 20.70 12.55
N SER B 24 -0.97 20.05 11.98
CA SER B 24 -1.38 20.33 10.61
C SER B 24 -2.70 19.63 10.27
N THR B 25 -3.14 19.78 9.03
CA THR B 25 -4.38 19.17 8.56
C THR B 25 -4.13 17.74 8.06
N LEU B 26 -5.20 17.00 7.80
CA LEU B 26 -5.09 15.65 7.31
C LEU B 26 -4.32 15.61 6.00
N GLU B 27 -4.15 16.77 5.38
CA GLU B 27 -3.43 16.87 4.11
C GLU B 27 -2.20 15.95 4.13
N THR B 28 -1.68 15.70 5.33
CA THR B 28 -0.54 14.82 5.50
C THR B 28 -0.80 13.48 4.84
N LEU B 29 -2.01 12.95 5.00
CA LEU B 29 -2.37 11.68 4.39
C LEU B 29 -2.38 11.83 2.87
N GLU B 30 -3.02 12.86 2.35
CA GLU B 30 -3.04 13.03 0.91
C GLU B 30 -1.61 13.04 0.40
N GLU B 31 -0.68 13.41 1.27
CA GLU B 31 0.73 13.44 0.92
C GLU B 31 1.33 12.03 1.00
N MET B 32 1.16 11.38 2.14
CA MET B 32 1.70 10.03 2.35
C MET B 32 0.71 8.95 1.93
N LEU B 33 -0.54 9.11 2.37
CA LEU B 33 -1.62 8.16 2.06
C LEU B 33 -1.74 7.93 0.55
N GLU B 34 -1.66 9.01 -0.21
CA GLU B 34 -1.76 8.92 -1.66
C GLU B 34 -0.63 8.07 -2.23
N LYS B 35 0.51 8.07 -1.56
CA LYS B 35 1.66 7.31 -2.00
C LYS B 35 1.57 5.90 -1.45
N LEU B 36 0.93 5.79 -0.31
CA LEU B 36 0.73 4.52 0.35
C LEU B 36 -0.23 3.67 -0.47
N GLU B 37 -1.09 4.33 -1.21
CA GLU B 37 -2.05 3.63 -2.05
C GLU B 37 -1.39 3.26 -3.38
N VAL B 38 -0.53 4.16 -3.89
CA VAL B 38 0.16 3.89 -5.14
C VAL B 38 1.17 2.77 -4.96
N VAL B 39 1.82 2.74 -3.79
CA VAL B 39 2.79 1.67 -3.53
C VAL B 39 2.08 0.33 -3.71
N VAL B 40 0.97 0.17 -3.02
CA VAL B 40 0.19 -1.05 -3.13
C VAL B 40 -0.61 -1.07 -4.42
N ASN B 41 -0.80 0.09 -5.02
CA ASN B 41 -1.54 0.16 -6.28
C ASN B 41 -0.85 -0.70 -7.31
N GLU B 42 0.46 -0.59 -7.34
CA GLU B 42 1.28 -1.35 -8.25
C GLU B 42 1.29 -2.83 -7.86
N ARG B 43 1.37 -3.10 -6.56
CA ARG B 43 1.38 -4.47 -6.06
C ARG B 43 -0.02 -5.08 -6.12
N ARG B 44 -1.01 -4.33 -5.65
CA ARG B 44 -2.39 -4.78 -5.66
C ARG B 44 -2.72 -5.40 -7.01
N GLU B 45 -2.24 -4.76 -8.07
CA GLU B 45 -2.48 -5.24 -9.44
C GLU B 45 -1.44 -6.28 -9.91
N GLU B 46 -0.17 -6.03 -9.64
CA GLU B 46 0.90 -6.93 -10.07
C GLU B 46 1.14 -8.07 -9.09
N GLU B 47 1.18 -7.73 -7.81
CA GLU B 47 1.41 -8.72 -6.76
C GLU B 47 0.35 -9.81 -6.83
N SER B 48 -0.91 -9.39 -6.92
CA SER B 48 -2.01 -10.34 -7.02
C SER B 48 -1.77 -11.24 -8.21
N ALA B 49 -1.15 -10.67 -9.23
CA ALA B 49 -0.81 -11.39 -10.45
C ALA B 49 0.24 -12.46 -10.17
N ALA B 50 1.25 -12.07 -9.39
CA ALA B 50 2.33 -12.99 -9.02
C ALA B 50 1.81 -14.13 -8.16
N ALA B 51 0.93 -13.78 -7.22
CA ALA B 51 0.35 -14.77 -6.31
C ALA B 51 -0.63 -15.68 -7.03
N ALA B 52 -1.45 -15.08 -7.91
CA ALA B 52 -2.44 -15.83 -8.66
C ALA B 52 -1.81 -16.95 -9.46
N GLU B 53 -0.74 -16.63 -10.19
CA GLU B 53 -0.05 -17.63 -11.00
C GLU B 53 0.66 -18.64 -10.12
N VAL B 54 1.48 -18.14 -9.19
CA VAL B 54 2.23 -18.99 -8.24
C VAL B 54 2.69 -20.28 -8.91
N GLU B 55 3.14 -20.18 -10.16
CA GLU B 55 3.62 -21.35 -10.91
C GLU B 55 2.49 -22.35 -11.13
N GLU B 56 2.54 -23.02 -12.28
CA GLU B 56 1.52 -24.01 -12.62
C GLU B 56 2.02 -24.97 -13.70
N ARG B 57 2.65 -24.42 -14.73
CA ARG B 57 3.17 -25.23 -15.83
C ARG B 57 3.99 -24.38 -16.80
N THR B 58 3.41 -23.25 -17.21
CA THR B 58 4.08 -22.35 -18.14
C THR B 58 5.23 -21.62 -17.44
N ARG B 59 5.30 -20.29 -17.59
CA ARG B 59 6.34 -19.50 -16.97
C ARG B 59 7.73 -20.07 -17.28
N LYS B 60 7.94 -20.42 -18.54
CA LYS B 60 9.21 -20.99 -18.98
C LYS B 60 9.25 -21.16 -20.49
N LEU B 61 8.14 -21.66 -21.05
CA LEU B 61 8.04 -21.88 -22.49
C LEU B 61 6.59 -22.08 -22.91
N SER A 5 -6.19 -2.07 -6.76
CA SER A 5 -7.62 -1.68 -6.74
C SER A 5 -8.10 -1.46 -5.30
N GLU A 6 -7.74 -2.37 -4.42
CA GLU A 6 -8.13 -2.28 -3.01
C GLU A 6 -7.38 -1.14 -2.33
N ALA A 7 -6.27 -0.74 -2.92
CA ALA A 7 -5.45 0.35 -2.38
C ALA A 7 -6.13 1.68 -2.63
N LEU A 8 -7.00 1.68 -3.61
CA LEU A 8 -7.75 2.85 -4.01
C LEU A 8 -8.99 3.00 -3.13
N LYS A 9 -9.69 1.88 -2.95
CA LYS A 9 -10.90 1.83 -2.14
C LYS A 9 -10.58 1.75 -0.65
N ILE A 10 -9.38 1.28 -0.31
CA ILE A 10 -8.97 1.16 1.08
C ILE A 10 -9.10 2.48 1.77
N LEU A 11 -8.57 3.49 1.12
CA LEU A 11 -8.61 4.85 1.63
C LEU A 11 -9.66 5.64 0.88
N ASN A 12 -10.17 5.04 -0.19
CA ASN A 12 -11.20 5.68 -1.01
C ASN A 12 -10.62 6.90 -1.73
N ASN A 13 -9.31 6.90 -1.94
CA ASN A 13 -8.63 8.00 -2.62
C ASN A 13 -8.71 9.29 -1.81
N ILE A 14 -7.55 9.96 -1.67
CA ILE A 14 -7.46 11.22 -0.93
C ILE A 14 -8.39 12.29 -1.51
N ARG A 15 -8.83 12.10 -2.75
CA ARG A 15 -9.71 13.07 -3.40
C ARG A 15 -11.01 13.25 -2.61
N THR A 16 -11.74 12.16 -2.39
CA THR A 16 -12.98 12.23 -1.63
C THR A 16 -12.70 12.14 -0.15
N LEU A 17 -11.63 11.45 0.20
CA LEU A 17 -11.22 11.28 1.58
C LEU A 17 -10.93 12.64 2.22
N ARG A 18 -10.17 13.45 1.51
CA ARG A 18 -9.80 14.78 1.98
C ARG A 18 -11.03 15.58 2.40
N ALA A 19 -12.14 15.37 1.69
CA ALA A 19 -13.37 16.09 1.97
C ALA A 19 -14.22 15.40 3.03
N GLN A 20 -14.39 14.09 2.90
CA GLN A 20 -15.20 13.34 3.85
C GLN A 20 -14.57 13.41 5.23
N ALA A 21 -13.25 13.44 5.24
CA ALA A 21 -12.49 13.53 6.47
C ALA A 21 -12.33 14.97 6.88
N ARG A 22 -12.44 15.88 5.90
CA ARG A 22 -12.32 17.29 6.16
C ARG A 22 -13.17 17.69 7.36
N GLU A 23 -14.29 16.98 7.52
CA GLU A 23 -15.20 17.24 8.62
C GLU A 23 -14.77 16.53 9.89
N SER A 24 -13.46 16.27 10.02
CA SER A 24 -12.93 15.60 11.20
C SER A 24 -11.42 15.79 11.34
N THR A 25 -10.76 14.85 11.99
CA THR A 25 -9.32 14.92 12.20
C THR A 25 -8.59 13.99 11.24
N LEU A 26 -7.25 14.05 11.26
CA LEU A 26 -6.45 13.21 10.40
C LEU A 26 -6.56 11.76 10.85
N GLU A 27 -7.06 11.54 12.05
CA GLU A 27 -7.21 10.20 12.58
C GLU A 27 -7.72 9.24 11.50
N THR A 28 -8.44 9.81 10.53
CA THR A 28 -8.97 9.03 9.42
C THR A 28 -7.83 8.24 8.76
N LEU A 29 -6.68 8.89 8.58
CA LEU A 29 -5.54 8.22 7.99
C LEU A 29 -5.05 7.12 8.93
N GLU A 30 -4.95 7.42 10.20
CA GLU A 30 -4.52 6.43 11.16
C GLU A 30 -5.40 5.20 11.01
N GLU A 31 -6.63 5.43 10.53
CA GLU A 31 -7.57 4.35 10.31
C GLU A 31 -7.31 3.66 8.97
N MET A 32 -7.29 4.46 7.90
CA MET A 32 -7.07 3.92 6.55
C MET A 32 -5.59 3.87 6.17
N LEU A 33 -4.88 4.95 6.44
CA LEU A 33 -3.43 5.04 6.13
C LEU A 33 -2.69 3.85 6.75
N GLU A 34 -3.06 3.51 7.98
CA GLU A 34 -2.44 2.39 8.68
C GLU A 34 -2.69 1.06 7.96
N LYS A 35 -3.86 0.94 7.34
CA LYS A 35 -4.21 -0.28 6.62
C LYS A 35 -3.67 -0.21 5.21
N LEU A 36 -3.57 1.01 4.72
CA LEU A 36 -3.06 1.27 3.40
C LEU A 36 -1.58 0.93 3.35
N GLU A 37 -0.94 0.97 4.52
CA GLU A 37 0.47 0.63 4.60
C GLU A 37 0.61 -0.88 4.77
N VAL A 38 -0.23 -1.46 5.62
CA VAL A 38 -0.19 -2.90 5.85
C VAL A 38 -0.44 -3.64 4.55
N VAL A 39 -1.33 -3.10 3.71
CA VAL A 39 -1.59 -3.74 2.42
C VAL A 39 -0.27 -3.87 1.68
N VAL A 40 0.48 -2.77 1.62
CA VAL A 40 1.77 -2.80 0.98
C VAL A 40 2.80 -3.48 1.87
N ASN A 41 2.52 -3.54 3.16
CA ASN A 41 3.44 -4.20 4.08
C ASN A 41 3.64 -5.63 3.61
N GLU A 42 2.55 -6.23 3.13
CA GLU A 42 2.59 -7.58 2.60
C GLU A 42 3.06 -7.58 1.16
N ARG A 43 2.53 -6.63 0.37
CA ARG A 43 2.90 -6.52 -1.04
C ARG A 43 4.34 -6.08 -1.22
N ARG A 44 4.75 -5.05 -0.50
CA ARG A 44 6.11 -4.54 -0.60
C ARG A 44 7.12 -5.67 -0.35
N GLU A 45 6.84 -6.48 0.67
CA GLU A 45 7.72 -7.59 1.02
C GLU A 45 7.56 -8.79 0.07
N GLU A 46 6.33 -9.03 -0.37
CA GLU A 46 6.04 -10.16 -1.26
C GLU A 46 6.42 -9.85 -2.70
N GLU A 47 6.21 -8.61 -3.10
CA GLU A 47 6.53 -8.17 -4.45
C GLU A 47 8.01 -8.37 -4.73
N SER A 48 8.84 -7.89 -3.82
CA SER A 48 10.28 -8.05 -3.96
C SER A 48 10.60 -9.53 -4.05
N ALA A 49 9.78 -10.32 -3.37
CA ALA A 49 9.90 -11.77 -3.36
C ALA A 49 9.50 -12.34 -4.72
N ALA A 50 8.45 -11.78 -5.31
CA ALA A 50 7.96 -12.21 -6.61
C ALA A 50 8.99 -11.94 -7.70
N ALA A 51 9.66 -10.79 -7.59
CA ALA A 51 10.68 -10.40 -8.56
C ALA A 51 11.84 -11.38 -8.53
N ALA A 52 12.20 -11.83 -7.34
CA ALA A 52 13.30 -12.77 -7.18
C ALA A 52 12.86 -14.20 -7.48
N GLU A 53 11.64 -14.54 -7.07
CA GLU A 53 11.09 -15.87 -7.26
C GLU A 53 10.93 -16.20 -8.75
N VAL A 54 10.44 -15.24 -9.52
CA VAL A 54 10.24 -15.45 -10.95
C VAL A 54 11.51 -15.96 -11.61
N GLU A 55 11.54 -17.26 -11.85
CA GLU A 55 12.69 -17.91 -12.47
C GLU A 55 12.89 -17.44 -13.91
N GLU A 56 13.18 -18.37 -14.82
CA GLU A 56 13.40 -18.06 -16.22
C GLU A 56 14.66 -17.20 -16.39
N ARG A 57 15.55 -17.66 -17.28
CA ARG A 57 16.80 -16.96 -17.57
C ARG A 57 17.80 -17.09 -16.42
N THR A 58 17.36 -16.77 -15.20
CA THR A 58 18.23 -16.85 -14.04
C THR A 58 18.57 -18.30 -13.69
N ARG A 59 17.55 -19.14 -13.57
CA ARG A 59 17.75 -20.55 -13.24
C ARG A 59 16.57 -21.40 -13.74
N LYS A 60 16.25 -22.45 -12.98
CA LYS A 60 15.15 -23.34 -13.34
C LYS A 60 14.98 -24.43 -12.29
N LEU A 61 16.09 -25.02 -11.88
CA LEU A 61 16.07 -26.09 -10.88
C LEU A 61 15.53 -25.58 -9.55
N SER B 5 7.92 -3.11 3.56
CA SER B 5 8.90 -2.31 4.32
C SER B 5 8.76 -0.82 4.00
N GLU B 6 8.62 -0.50 2.72
CA GLU B 6 8.48 0.88 2.29
C GLU B 6 7.11 1.43 2.69
N ALA B 7 6.17 0.52 2.97
CA ALA B 7 4.82 0.89 3.37
C ALA B 7 4.84 1.42 4.80
N LEU B 8 5.79 0.92 5.55
CA LEU B 8 5.98 1.26 6.94
C LEU B 8 6.64 2.63 7.06
N LYS B 9 7.68 2.84 6.25
CA LYS B 9 8.41 4.09 6.24
C LYS B 9 7.64 5.17 5.47
N ILE B 10 6.96 4.77 4.40
CA ILE B 10 6.19 5.71 3.59
C ILE B 10 5.24 6.45 4.49
N LEU B 11 4.67 5.68 5.39
CA LEU B 11 3.72 6.17 6.35
C LEU B 11 4.44 6.66 7.59
N ASN B 12 5.60 6.05 7.83
CA ASN B 12 6.36 6.38 9.03
C ASN B 12 5.51 5.99 10.24
N ASN B 13 4.45 5.24 9.92
CA ASN B 13 3.49 4.73 10.90
C ASN B 13 2.63 5.86 11.47
N ILE B 14 1.31 5.64 11.40
CA ILE B 14 0.31 6.59 11.89
C ILE B 14 0.58 7.01 13.32
N ARG B 15 1.07 6.08 14.13
CA ARG B 15 1.37 6.35 15.52
C ARG B 15 2.21 7.63 15.64
N THR B 16 3.20 7.75 14.78
CA THR B 16 4.07 8.91 14.77
C THR B 16 3.50 10.03 13.88
N LEU B 17 2.91 9.62 12.77
CA LEU B 17 2.35 10.57 11.82
C LEU B 17 1.19 11.37 12.41
N ARG B 18 0.15 10.68 12.85
CA ARG B 18 -1.03 11.35 13.42
C ARG B 18 -0.62 12.45 14.40
N ALA B 19 0.52 12.26 15.04
CA ALA B 19 1.03 13.22 16.02
C ALA B 19 1.82 14.35 15.36
N GLN B 20 2.81 13.97 14.55
CA GLN B 20 3.64 14.97 13.86
C GLN B 20 2.78 15.81 12.94
N ALA B 21 1.77 15.18 12.39
CA ALA B 21 0.83 15.81 11.49
C ALA B 21 -0.28 16.49 12.29
N ARG B 22 -0.48 16.02 13.51
CA ARG B 22 -1.51 16.56 14.39
C ARG B 22 -1.41 18.09 14.42
N GLU B 23 -0.20 18.59 14.32
CA GLU B 23 0.05 20.02 14.32
C GLU B 23 -0.65 20.70 13.14
N SER B 24 -0.68 20.01 12.01
CA SER B 24 -1.31 20.56 10.80
C SER B 24 -2.68 19.91 10.56
N THR B 25 -3.01 19.70 9.28
CA THR B 25 -4.29 19.10 8.90
C THR B 25 -4.07 17.70 8.33
N LEU B 26 -5.15 16.97 8.06
CA LEU B 26 -5.05 15.64 7.50
C LEU B 26 -4.31 15.65 6.18
N GLU B 27 -4.13 16.84 5.60
CA GLU B 27 -3.44 16.99 4.33
C GLU B 27 -2.24 16.05 4.27
N THR B 28 -1.69 15.73 5.44
CA THR B 28 -0.56 14.82 5.54
C THR B 28 -0.88 13.52 4.82
N LEU B 29 -2.08 13.00 5.04
CA LEU B 29 -2.50 11.76 4.40
C LEU B 29 -2.62 11.96 2.89
N GLU B 30 -3.25 13.04 2.46
CA GLU B 30 -3.37 13.29 1.04
C GLU B 30 -1.97 13.28 0.43
N GLU B 31 -0.98 13.59 1.25
CA GLU B 31 0.41 13.59 0.82
C GLU B 31 1.00 12.18 0.87
N MET B 32 0.90 11.54 2.04
CA MET B 32 1.42 10.20 2.25
C MET B 32 0.41 9.12 1.90
N LEU B 33 -0.81 9.29 2.42
CA LEU B 33 -1.90 8.34 2.19
C LEU B 33 -2.19 8.18 0.70
N GLU B 34 -1.94 9.23 -0.07
CA GLU B 34 -2.15 9.19 -1.51
C GLU B 34 -1.09 8.33 -2.20
N LYS B 35 0.10 8.32 -1.62
CA LYS B 35 1.21 7.54 -2.15
C LYS B 35 1.17 6.14 -1.61
N LEU B 36 0.68 6.04 -0.39
CA LEU B 36 0.55 4.77 0.30
C LEU B 36 -0.50 3.92 -0.40
N GLU B 37 -1.42 4.57 -1.12
CA GLU B 37 -2.44 3.85 -1.86
C GLU B 37 -1.92 3.48 -3.24
N VAL B 38 -1.29 4.44 -3.90
CA VAL B 38 -0.74 4.20 -5.24
C VAL B 38 0.35 3.14 -5.18
N VAL B 39 1.09 3.12 -4.07
CA VAL B 39 2.14 2.13 -3.90
C VAL B 39 1.52 0.74 -4.00
N VAL B 40 0.40 0.54 -3.31
CA VAL B 40 -0.29 -0.73 -3.38
C VAL B 40 -1.11 -0.80 -4.66
N ASN B 41 -1.41 0.36 -5.25
CA ASN B 41 -2.16 0.37 -6.49
C ASN B 41 -1.42 -0.47 -7.50
N GLU B 42 -0.09 -0.38 -7.46
CA GLU B 42 0.76 -1.15 -8.33
C GLU B 42 0.93 -2.57 -7.79
N ARG B 43 1.12 -2.67 -6.47
CA ARG B 43 1.29 -3.96 -5.81
C ARG B 43 0.00 -4.76 -5.83
N ARG B 44 -1.06 -4.16 -5.32
CA ARG B 44 -2.36 -4.84 -5.26
C ARG B 44 -2.69 -5.48 -6.60
N GLU B 45 -2.36 -4.78 -7.69
CA GLU B 45 -2.63 -5.29 -9.03
C GLU B 45 -1.55 -6.26 -9.53
N GLU B 46 -0.28 -5.98 -9.23
CA GLU B 46 0.81 -6.83 -9.67
C GLU B 46 0.93 -8.08 -8.80
N GLU B 47 0.74 -7.92 -7.52
CA GLU B 47 0.83 -9.02 -6.57
C GLU B 47 -0.17 -10.12 -6.93
N SER B 48 -1.41 -9.73 -7.21
CA SER B 48 -2.42 -10.70 -7.60
C SER B 48 -1.93 -11.43 -8.84
N ALA B 49 -1.22 -10.68 -9.67
CA ALA B 49 -0.65 -11.22 -10.90
C ALA B 49 0.44 -12.23 -10.59
N ALA B 50 1.31 -11.89 -9.64
CA ALA B 50 2.41 -12.76 -9.24
C ALA B 50 1.88 -14.06 -8.64
N ALA B 51 0.80 -13.94 -7.86
CA ALA B 51 0.19 -15.10 -7.23
C ALA B 51 -0.24 -16.12 -8.28
N ALA B 52 -0.80 -15.63 -9.37
CA ALA B 52 -1.26 -16.49 -10.46
C ALA B 52 -0.08 -16.99 -11.30
N GLU B 53 0.82 -16.08 -11.61
CA GLU B 53 2.00 -16.40 -12.41
C GLU B 53 3.01 -17.22 -11.62
N VAL B 54 2.69 -17.52 -10.37
CA VAL B 54 3.59 -18.30 -9.50
C VAL B 54 4.12 -19.54 -10.21
N GLU B 55 3.24 -20.26 -10.90
CA GLU B 55 3.63 -21.47 -11.63
C GLU B 55 4.17 -22.54 -10.68
N GLU B 56 3.81 -23.79 -10.95
CA GLU B 56 4.26 -24.92 -10.12
C GLU B 56 3.85 -26.24 -10.74
N ARG B 57 2.65 -26.28 -11.33
CA ARG B 57 2.15 -27.50 -11.96
C ARG B 57 0.95 -27.18 -12.84
N THR B 58 0.12 -26.24 -12.41
CA THR B 58 -1.06 -25.85 -13.16
C THR B 58 -0.69 -25.45 -14.59
N ARG B 59 0.44 -24.77 -14.73
CA ARG B 59 0.92 -24.32 -16.03
C ARG B 59 2.44 -24.39 -16.11
N LYS B 60 2.97 -24.70 -17.29
CA LYS B 60 4.40 -24.81 -17.49
C LYS B 60 4.78 -24.53 -18.94
N LEU B 61 4.03 -25.13 -19.87
CA LEU B 61 4.28 -24.95 -21.28
C LEU B 61 4.04 -23.50 -21.70
N SER A 5 -7.22 -1.25 -7.26
CA SER A 5 -8.66 -0.98 -6.97
C SER A 5 -8.91 -1.02 -5.46
N GLU A 6 -8.34 -2.01 -4.78
CA GLU A 6 -8.51 -2.16 -3.35
C GLU A 6 -7.67 -1.14 -2.59
N ALA A 7 -6.59 -0.68 -3.23
CA ALA A 7 -5.71 0.31 -2.64
C ALA A 7 -6.28 1.69 -2.85
N LEU A 8 -7.13 1.78 -3.84
CA LEU A 8 -7.79 3.02 -4.19
C LEU A 8 -8.99 3.23 -3.29
N LYS A 9 -9.77 2.17 -3.13
CA LYS A 9 -10.96 2.17 -2.30
C LYS A 9 -10.61 2.02 -0.81
N ILE A 10 -9.44 1.44 -0.53
CA ILE A 10 -9.01 1.25 0.85
C ILE A 10 -9.07 2.58 1.57
N LEU A 11 -8.55 3.59 0.89
CA LEU A 11 -8.53 4.93 1.41
C LEU A 11 -9.59 5.76 0.71
N ASN A 12 -10.19 5.16 -0.32
CA ASN A 12 -11.23 5.82 -1.10
C ASN A 12 -10.64 7.06 -1.79
N ASN A 13 -9.35 6.97 -2.12
CA ASN A 13 -8.65 8.06 -2.79
C ASN A 13 -8.63 9.31 -1.90
N ILE A 14 -7.45 9.88 -1.72
CA ILE A 14 -7.29 11.09 -0.90
C ILE A 14 -8.23 12.20 -1.36
N ARG A 15 -8.67 12.14 -2.62
CA ARG A 15 -9.57 13.16 -3.14
C ARG A 15 -10.93 13.11 -2.44
N THR A 16 -11.52 11.92 -2.38
CA THR A 16 -12.80 11.73 -1.73
C THR A 16 -12.65 11.82 -0.21
N LEU A 17 -11.54 11.28 0.29
CA LEU A 17 -11.26 11.30 1.72
C LEU A 17 -11.10 12.73 2.21
N ARG A 18 -10.24 13.48 1.52
CA ARG A 18 -9.97 14.88 1.88
C ARG A 18 -11.27 15.63 2.14
N ALA A 19 -12.31 15.24 1.42
CA ALA A 19 -13.61 15.88 1.55
C ALA A 19 -14.40 15.34 2.74
N GLN A 20 -14.49 14.03 2.85
CA GLN A 20 -15.22 13.42 3.95
C GLN A 20 -14.55 13.73 5.27
N ALA A 21 -13.23 13.81 5.20
CA ALA A 21 -12.40 14.11 6.35
C ALA A 21 -12.28 15.61 6.54
N ARG A 22 -12.55 16.36 5.46
CA ARG A 22 -12.47 17.81 5.50
C ARG A 22 -13.14 18.33 6.78
N GLU A 23 -14.14 17.57 7.23
CA GLU A 23 -14.87 17.91 8.45
C GLU A 23 -14.62 16.83 9.52
N SER A 24 -13.36 16.44 9.67
CA SER A 24 -12.99 15.41 10.64
C SER A 24 -11.48 15.35 10.81
N THR A 25 -11.04 14.70 11.89
CA THR A 25 -9.63 14.55 12.20
C THR A 25 -8.93 13.64 11.20
N LEU A 26 -7.62 13.81 11.06
CA LEU A 26 -6.85 13.00 10.13
C LEU A 26 -6.93 11.53 10.51
N GLU A 27 -7.45 11.24 11.70
CA GLU A 27 -7.57 9.85 12.16
C GLU A 27 -8.01 8.94 11.02
N THR A 28 -8.67 9.51 10.03
CA THR A 28 -9.11 8.77 8.86
C THR A 28 -7.93 8.02 8.25
N LEU A 29 -6.78 8.69 8.20
CA LEU A 29 -5.58 8.06 7.68
C LEU A 29 -5.11 6.96 8.62
N GLU A 30 -5.13 7.23 9.91
CA GLU A 30 -4.74 6.23 10.87
C GLU A 30 -5.61 5.01 10.68
N GLU A 31 -6.79 5.23 10.10
CA GLU A 31 -7.71 4.15 9.82
C GLU A 31 -7.38 3.47 8.50
N MET A 32 -7.31 4.27 7.42
CA MET A 32 -7.02 3.74 6.09
C MET A 32 -5.52 3.73 5.79
N LEU A 33 -4.84 4.83 6.10
CA LEU A 33 -3.41 4.96 5.86
C LEU A 33 -2.61 3.92 6.65
N GLU A 34 -3.17 3.45 7.76
CA GLU A 34 -2.51 2.44 8.58
C GLU A 34 -2.60 1.06 7.94
N LYS A 35 -3.72 0.80 7.25
CA LYS A 35 -3.92 -0.48 6.59
C LYS A 35 -3.31 -0.45 5.21
N LEU A 36 -3.27 0.75 4.66
CA LEU A 36 -2.71 0.98 3.34
C LEU A 36 -1.22 0.71 3.37
N GLU A 37 -0.62 0.86 4.54
CA GLU A 37 0.82 0.61 4.68
C GLU A 37 1.07 -0.87 4.92
N VAL A 38 0.21 -1.48 5.75
CA VAL A 38 0.34 -2.89 6.04
C VAL A 38 0.02 -3.72 4.81
N VAL A 39 -0.91 -3.21 3.99
CA VAL A 39 -1.27 -3.90 2.76
C VAL A 39 -0.03 -4.07 1.90
N VAL A 40 0.73 -2.99 1.73
CA VAL A 40 1.97 -3.09 0.97
C VAL A 40 3.05 -3.71 1.81
N ASN A 41 3.02 -3.47 3.11
CA ASN A 41 4.01 -4.04 4.01
C ASN A 41 4.26 -5.49 3.63
N GLU A 42 3.17 -6.18 3.34
CA GLU A 42 3.24 -7.57 2.93
C GLU A 42 3.83 -7.66 1.52
N ARG A 43 3.41 -6.73 0.67
CA ARG A 43 3.89 -6.68 -0.72
C ARG A 43 5.32 -6.15 -0.80
N ARG A 44 5.57 -5.00 -0.21
CA ARG A 44 6.90 -4.40 -0.24
C ARG A 44 7.94 -5.47 0.06
N GLU A 45 7.60 -6.37 0.98
CA GLU A 45 8.49 -7.45 1.35
C GLU A 45 8.34 -8.68 0.45
N GLU A 46 7.11 -9.12 0.21
CA GLU A 46 6.84 -10.30 -0.62
C GLU A 46 6.73 -9.95 -2.10
N GLU A 47 6.01 -8.90 -2.42
CA GLU A 47 5.83 -8.48 -3.80
C GLU A 47 7.20 -8.25 -4.44
N SER A 48 8.04 -7.49 -3.74
CA SER A 48 9.38 -7.21 -4.23
C SER A 48 10.09 -8.52 -4.49
N ALA A 49 9.80 -9.50 -3.63
CA ALA A 49 10.36 -10.83 -3.76
C ALA A 49 9.91 -11.46 -5.07
N ALA A 50 8.64 -11.25 -5.41
CA ALA A 50 8.08 -11.78 -6.65
C ALA A 50 8.74 -11.13 -7.86
N ALA A 51 8.95 -9.82 -7.76
CA ALA A 51 9.58 -9.06 -8.83
C ALA A 51 11.03 -9.50 -9.03
N ALA A 52 11.75 -9.67 -7.94
CA ALA A 52 13.15 -10.08 -7.99
C ALA A 52 13.29 -11.51 -8.50
N GLU A 53 12.36 -12.36 -8.07
CA GLU A 53 12.36 -13.76 -8.47
C GLU A 53 12.32 -13.90 -9.99
N VAL A 54 11.60 -12.98 -10.64
CA VAL A 54 11.47 -12.98 -12.10
C VAL A 54 11.26 -14.38 -12.68
N GLU A 55 10.30 -15.11 -12.12
CA GLU A 55 10.00 -16.46 -12.61
C GLU A 55 9.68 -16.44 -14.10
N GLU A 56 10.36 -17.28 -14.86
CA GLU A 56 10.16 -17.36 -16.31
C GLU A 56 10.53 -18.74 -16.83
N ARG A 57 11.67 -19.25 -16.40
CA ARG A 57 12.14 -20.57 -16.84
C ARG A 57 13.37 -21.00 -16.05
N THR A 58 13.31 -20.84 -14.73
CA THR A 58 14.43 -21.21 -13.86
C THR A 58 14.76 -22.69 -13.99
N ARG A 59 16.05 -23.02 -13.97
CA ARG A 59 16.51 -24.40 -14.07
C ARG A 59 15.96 -25.25 -12.93
N LYS A 60 15.54 -26.47 -13.26
CA LYS A 60 15.00 -27.39 -12.27
C LYS A 60 14.79 -28.77 -12.86
N LEU A 61 15.73 -29.21 -13.69
CA LEU A 61 15.65 -30.52 -14.32
C LEU A 61 15.65 -31.63 -13.27
N SER B 5 9.44 -2.17 5.05
CA SER B 5 10.12 -1.02 5.73
C SER B 5 9.69 0.31 5.13
N GLU B 6 9.64 0.37 3.80
CA GLU B 6 9.25 1.58 3.10
C GLU B 6 7.75 1.83 3.22
N ALA B 7 6.99 0.79 3.52
CA ALA B 7 5.53 0.92 3.67
C ALA B 7 5.21 1.46 5.04
N LEU B 8 6.13 1.21 5.95
CA LEU B 8 6.02 1.66 7.32
C LEU B 8 6.57 3.08 7.42
N LYS B 9 7.63 3.31 6.66
CA LYS B 9 8.30 4.59 6.61
C LYS B 9 7.65 5.54 5.61
N ILE B 10 6.92 4.98 4.64
CA ILE B 10 6.25 5.79 3.64
C ILE B 10 5.37 6.81 4.33
N LEU B 11 4.57 6.29 5.22
CA LEU B 11 3.65 7.09 6.00
C LEU B 11 4.25 7.33 7.37
N ASN B 12 5.36 6.64 7.63
CA ASN B 12 6.05 6.75 8.91
C ASN B 12 5.16 6.26 10.05
N ASN B 13 4.25 5.34 9.73
CA ASN B 13 3.33 4.78 10.70
C ASN B 13 2.43 5.86 11.29
N ILE B 14 1.12 5.60 11.25
CA ILE B 14 0.12 6.53 11.76
C ILE B 14 0.35 6.85 13.24
N ARG B 15 1.12 6.00 13.93
CA ARG B 15 1.39 6.21 15.35
C ARG B 15 2.15 7.52 15.60
N THR B 16 3.31 7.67 14.99
CA THR B 16 4.10 8.89 15.16
C THR B 16 3.52 10.01 14.32
N LEU B 17 2.92 9.65 13.20
CA LEU B 17 2.31 10.62 12.30
C LEU B 17 1.19 11.36 13.01
N ARG B 18 0.26 10.61 13.60
CA ARG B 18 -0.86 11.18 14.32
C ARG B 18 -0.39 12.31 15.23
N ALA B 19 0.82 12.16 15.75
CA ALA B 19 1.41 13.15 16.63
C ALA B 19 2.04 14.31 15.88
N GLN B 20 2.83 13.98 14.86
CA GLN B 20 3.50 15.01 14.07
C GLN B 20 2.46 15.85 13.35
N ALA B 21 1.40 15.17 12.94
CA ALA B 21 0.30 15.79 12.24
C ALA B 21 -0.71 16.34 13.22
N ARG B 22 -0.66 15.86 14.45
CA ARG B 22 -1.56 16.32 15.49
C ARG B 22 -1.68 17.84 15.43
N GLU B 23 -0.60 18.48 15.01
CA GLU B 23 -0.55 19.92 14.86
C GLU B 23 -0.44 20.30 13.40
N SER B 24 -1.25 19.66 12.56
CA SER B 24 -1.24 19.90 11.12
C SER B 24 -2.44 19.25 10.44
N THR B 25 -2.73 19.69 9.22
CA THR B 25 -3.85 19.17 8.44
C THR B 25 -3.60 17.72 8.04
N LEU B 26 -4.69 16.98 7.79
CA LEU B 26 -4.60 15.59 7.38
C LEU B 26 -3.84 15.47 6.07
N GLU B 27 -3.61 16.60 5.39
CA GLU B 27 -2.91 16.62 4.12
C GLU B 27 -1.74 15.63 4.13
N THR B 28 -1.22 15.32 5.31
CA THR B 28 -0.14 14.37 5.45
C THR B 28 -0.51 13.06 4.77
N LEU B 29 -1.79 12.68 4.86
CA LEU B 29 -2.27 11.46 4.24
C LEU B 29 -2.36 11.62 2.72
N GLU B 30 -2.90 12.73 2.24
CA GLU B 30 -2.98 12.91 0.81
C GLU B 30 -1.56 12.89 0.25
N GLU B 31 -0.61 13.13 1.15
CA GLU B 31 0.80 13.11 0.78
C GLU B 31 1.34 11.67 0.81
N MET B 32 1.22 11.03 1.98
CA MET B 32 1.72 9.67 2.17
C MET B 32 0.64 8.62 1.86
N LEU B 33 -0.57 8.84 2.36
CA LEU B 33 -1.69 7.91 2.15
C LEU B 33 -2.02 7.77 0.66
N GLU B 34 -1.72 8.81 -0.12
CA GLU B 34 -1.97 8.79 -1.56
C GLU B 34 -0.93 7.92 -2.27
N LYS B 35 0.29 7.90 -1.75
CA LYS B 35 1.36 7.12 -2.34
C LYS B 35 1.34 5.71 -1.78
N LEU B 36 0.83 5.62 -0.57
CA LEU B 36 0.70 4.35 0.11
C LEU B 36 -0.34 3.50 -0.59
N GLU B 37 -1.25 4.14 -1.30
CA GLU B 37 -2.27 3.43 -2.05
C GLU B 37 -1.73 3.07 -3.41
N VAL B 38 -0.93 3.98 -3.99
CA VAL B 38 -0.34 3.72 -5.30
C VAL B 38 0.69 2.61 -5.20
N VAL B 39 1.42 2.55 -4.07
CA VAL B 39 2.40 1.50 -3.89
C VAL B 39 1.70 0.16 -4.08
N VAL B 40 0.61 -0.04 -3.33
CA VAL B 40 -0.16 -1.26 -3.47
C VAL B 40 -0.96 -1.26 -4.75
N ASN B 41 -1.32 -0.10 -5.24
CA ASN B 41 -2.09 -0.01 -6.49
C ASN B 41 -1.44 -0.88 -7.54
N GLU B 42 -0.11 -0.81 -7.58
CA GLU B 42 0.66 -1.62 -8.52
C GLU B 42 0.57 -3.08 -8.10
N ARG B 43 0.50 -3.30 -6.80
CA ARG B 43 0.41 -4.63 -6.23
C ARG B 43 -1.01 -5.21 -6.34
N ARG B 44 -2.00 -4.40 -6.09
CA ARG B 44 -3.39 -4.85 -6.18
C ARG B 44 -3.61 -5.45 -7.56
N GLU B 45 -3.01 -4.82 -8.56
CA GLU B 45 -3.12 -5.30 -9.93
C GLU B 45 -2.07 -6.35 -10.28
N GLU B 46 -0.80 -6.09 -9.94
CA GLU B 46 0.29 -7.01 -10.26
C GLU B 46 0.52 -8.07 -9.19
N GLU B 47 0.51 -7.68 -7.93
CA GLU B 47 0.73 -8.62 -6.84
C GLU B 47 -0.33 -9.71 -6.88
N SER B 48 -1.59 -9.31 -7.02
CA SER B 48 -2.69 -10.27 -7.08
C SER B 48 -2.40 -11.24 -8.22
N ALA B 49 -1.75 -10.72 -9.26
CA ALA B 49 -1.37 -11.50 -10.41
C ALA B 49 -0.31 -12.52 -10.00
N ALA B 50 0.64 -12.07 -9.19
CA ALA B 50 1.72 -12.92 -8.70
C ALA B 50 1.16 -14.07 -7.85
N ALA B 51 0.16 -13.75 -7.05
CA ALA B 51 -0.47 -14.74 -6.18
C ALA B 51 -1.33 -15.72 -6.98
N ALA B 52 -2.08 -15.19 -7.93
CA ALA B 52 -2.95 -16.00 -8.77
C ALA B 52 -2.16 -17.02 -9.58
N GLU B 53 -1.08 -16.56 -10.20
CA GLU B 53 -0.25 -17.43 -11.01
C GLU B 53 0.38 -18.55 -10.16
N VAL B 54 0.74 -18.19 -8.92
CA VAL B 54 1.35 -19.14 -7.99
C VAL B 54 2.36 -20.05 -8.68
N GLU B 55 3.22 -19.44 -9.50
CA GLU B 55 4.25 -20.18 -10.23
C GLU B 55 5.17 -20.91 -9.26
N GLU B 56 5.54 -22.13 -9.60
CA GLU B 56 6.42 -22.93 -8.76
C GLU B 56 7.06 -24.06 -9.57
N ARG B 57 6.29 -24.65 -10.48
CA ARG B 57 6.79 -25.73 -11.32
C ARG B 57 6.15 -25.67 -12.70
N THR B 58 4.84 -25.41 -12.73
CA THR B 58 4.09 -25.33 -13.98
C THR B 58 4.37 -26.55 -14.86
N ARG B 59 4.54 -26.33 -16.16
CA ARG B 59 4.81 -27.41 -17.10
C ARG B 59 5.08 -26.87 -18.50
N LYS B 60 6.10 -27.41 -19.15
CA LYS B 60 6.48 -26.98 -20.49
C LYS B 60 7.34 -28.03 -21.17
N LEU B 61 7.07 -28.27 -22.46
CA LEU B 61 7.82 -29.25 -23.23
C LEU B 61 7.65 -29.02 -24.72
N SER A 5 -6.99 -1.65 -7.00
CA SER A 5 -8.44 -1.45 -6.72
C SER A 5 -8.70 -1.41 -5.22
N GLU A 6 -8.10 -2.35 -4.48
CA GLU A 6 -8.27 -2.41 -3.04
C GLU A 6 -7.52 -1.28 -2.35
N ALA A 7 -6.43 -0.85 -2.98
CA ALA A 7 -5.62 0.24 -2.44
C ALA A 7 -6.30 1.57 -2.67
N LEU A 8 -7.18 1.58 -3.64
CA LEU A 8 -7.93 2.75 -4.02
C LEU A 8 -9.14 2.90 -3.09
N LYS A 9 -9.81 1.78 -2.85
CA LYS A 9 -10.98 1.74 -2.00
C LYS A 9 -10.61 1.64 -0.52
N ILE A 10 -9.41 1.14 -0.24
CA ILE A 10 -8.95 1.00 1.13
C ILE A 10 -9.03 2.33 1.84
N LEU A 11 -8.50 3.33 1.18
CA LEU A 11 -8.50 4.69 1.68
C LEU A 11 -9.62 5.48 1.02
N ASN A 12 -10.19 4.88 -0.03
CA ASN A 12 -11.27 5.52 -0.77
C ASN A 12 -10.76 6.76 -1.48
N ASN A 13 -9.48 6.74 -1.83
CA ASN A 13 -8.83 7.87 -2.52
C ASN A 13 -8.87 9.14 -1.65
N ILE A 14 -7.71 9.76 -1.49
CA ILE A 14 -7.60 10.98 -0.69
C ILE A 14 -8.45 12.11 -1.25
N ARG A 15 -8.70 12.10 -2.55
CA ARG A 15 -9.49 13.13 -3.20
C ARG A 15 -10.81 13.36 -2.47
N THR A 16 -11.53 12.28 -2.22
CA THR A 16 -12.81 12.36 -1.51
C THR A 16 -12.60 12.38 0.00
N LEU A 17 -11.56 11.69 0.46
CA LEU A 17 -11.27 11.62 1.89
C LEU A 17 -10.91 12.97 2.49
N ARG A 18 -9.84 13.58 2.00
CA ARG A 18 -9.38 14.85 2.53
C ARG A 18 -10.54 15.82 2.71
N ALA A 19 -11.59 15.63 1.92
CA ALA A 19 -12.77 16.48 1.97
C ALA A 19 -13.78 15.99 3.01
N GLN A 20 -14.09 14.69 2.96
CA GLN A 20 -15.05 14.11 3.90
C GLN A 20 -14.54 14.23 5.31
N ALA A 21 -13.23 14.07 5.43
CA ALA A 21 -12.53 14.14 6.70
C ALA A 21 -12.17 15.58 7.02
N ARG A 22 -12.16 16.42 5.99
CA ARG A 22 -11.83 17.83 6.16
C ARG A 22 -12.52 18.38 7.39
N GLU A 23 -13.69 17.83 7.70
CA GLU A 23 -14.47 18.25 8.85
C GLU A 23 -14.22 17.35 10.06
N SER A 24 -12.98 16.87 10.22
CA SER A 24 -12.63 16.01 11.34
C SER A 24 -11.12 15.91 11.52
N THR A 25 -10.68 14.93 12.31
CA THR A 25 -9.27 14.72 12.57
C THR A 25 -8.63 13.82 11.52
N LEU A 26 -7.32 13.95 11.35
CA LEU A 26 -6.59 13.14 10.37
C LEU A 26 -6.70 11.67 10.72
N GLU A 27 -7.14 11.36 11.94
CA GLU A 27 -7.27 9.98 12.39
C GLU A 27 -7.77 9.07 11.28
N THR A 28 -8.50 9.64 10.32
CA THR A 28 -9.00 8.86 9.20
C THR A 28 -7.85 8.08 8.57
N LEU A 29 -6.67 8.71 8.53
CA LEU A 29 -5.50 8.07 7.96
C LEU A 29 -4.97 6.98 8.89
N GLU A 30 -4.91 7.25 10.19
CA GLU A 30 -4.44 6.23 11.10
C GLU A 30 -5.36 5.04 10.97
N GLU A 31 -6.56 5.30 10.46
CA GLU A 31 -7.55 4.27 10.25
C GLU A 31 -7.32 3.58 8.90
N MET A 32 -7.30 4.36 7.83
CA MET A 32 -7.10 3.84 6.49
C MET A 32 -5.62 3.78 6.09
N LEU A 33 -4.92 4.88 6.33
CA LEU A 33 -3.49 5.00 6.01
C LEU A 33 -2.67 3.93 6.74
N GLU A 34 -3.21 3.42 7.83
CA GLU A 34 -2.54 2.37 8.59
C GLU A 34 -2.74 1.01 7.93
N LYS A 35 -3.90 0.85 7.29
CA LYS A 35 -4.24 -0.40 6.61
C LYS A 35 -3.68 -0.37 5.19
N LEU A 36 -3.59 0.84 4.66
CA LEU A 36 -3.08 1.04 3.33
C LEU A 36 -1.58 0.73 3.31
N GLU A 37 -0.95 0.85 4.48
CA GLU A 37 0.47 0.55 4.58
C GLU A 37 0.64 -0.95 4.78
N VAL A 38 -0.29 -1.55 5.51
CA VAL A 38 -0.24 -2.99 5.75
C VAL A 38 -0.56 -3.75 4.48
N VAL A 39 -1.51 -3.22 3.68
CA VAL A 39 -1.86 -3.88 2.43
C VAL A 39 -0.59 -4.02 1.60
N VAL A 40 0.13 -2.91 1.48
CA VAL A 40 1.37 -2.89 0.74
C VAL A 40 2.51 -3.43 1.58
N ASN A 41 2.34 -3.46 2.90
CA ASN A 41 3.39 -3.98 3.77
C ASN A 41 3.70 -5.41 3.38
N GLU A 42 2.63 -6.16 3.11
CA GLU A 42 2.78 -7.55 2.69
C GLU A 42 3.28 -7.59 1.25
N ARG A 43 2.71 -6.73 0.42
CA ARG A 43 3.08 -6.62 -0.99
C ARG A 43 4.49 -6.05 -1.16
N ARG A 44 4.87 -5.19 -0.24
CA ARG A 44 6.18 -4.55 -0.27
C ARG A 44 7.28 -5.59 -0.08
N GLU A 45 7.07 -6.48 0.89
CA GLU A 45 8.04 -7.53 1.18
C GLU A 45 7.83 -8.76 0.29
N GLU A 46 6.59 -8.98 -0.17
CA GLU A 46 6.27 -10.14 -1.01
C GLU A 46 6.62 -9.88 -2.47
N GLU A 47 6.36 -8.67 -2.94
CA GLU A 47 6.65 -8.30 -4.32
C GLU A 47 8.13 -8.45 -4.60
N SER A 48 8.94 -7.90 -3.72
CA SER A 48 10.39 -8.00 -3.86
C SER A 48 10.76 -9.46 -3.94
N ALA A 49 9.99 -10.27 -3.22
CA ALA A 49 10.16 -11.71 -3.20
C ALA A 49 9.72 -12.32 -4.53
N ALA A 50 8.62 -11.80 -5.07
CA ALA A 50 8.08 -12.29 -6.34
C ALA A 50 9.06 -12.05 -7.47
N ALA A 51 9.72 -10.90 -7.44
CA ALA A 51 10.68 -10.54 -8.47
C ALA A 51 11.87 -11.50 -8.46
N ALA A 52 12.32 -11.87 -7.26
CA ALA A 52 13.46 -12.77 -7.13
C ALA A 52 13.05 -14.22 -7.40
N GLU A 53 11.88 -14.61 -6.91
CA GLU A 53 11.38 -15.97 -7.08
C GLU A 53 11.08 -16.29 -8.55
N VAL A 54 10.44 -15.35 -9.25
CA VAL A 54 10.09 -15.56 -10.65
C VAL A 54 11.31 -15.91 -11.50
N GLU A 55 12.40 -15.17 -11.31
CA GLU A 55 13.63 -15.42 -12.05
C GLU A 55 14.85 -14.92 -11.29
N GLU A 56 15.88 -15.76 -11.19
CA GLU A 56 17.09 -15.39 -10.49
C GLU A 56 17.99 -14.54 -11.38
N ARG A 57 18.12 -14.95 -12.63
CA ARG A 57 18.93 -14.23 -13.61
C ARG A 57 18.79 -14.87 -14.99
N THR A 58 18.86 -16.19 -15.03
CA THR A 58 18.74 -16.93 -16.29
C THR A 58 17.28 -17.23 -16.61
N ARG A 59 16.90 -16.96 -17.87
CA ARG A 59 15.52 -17.20 -18.31
C ARG A 59 15.24 -18.69 -18.40
N LYS A 60 14.07 -19.11 -17.92
CA LYS A 60 13.68 -20.51 -17.96
C LYS A 60 13.56 -21.01 -19.40
N LEU A 61 12.89 -20.22 -20.23
CA LEU A 61 12.69 -20.58 -21.64
C LEU A 61 14.02 -20.67 -22.36
N SER B 5 8.85 -2.16 4.99
CA SER B 5 9.79 -1.08 5.33
C SER B 5 9.42 0.22 4.61
N GLU B 6 9.10 0.11 3.33
CA GLU B 6 8.73 1.27 2.53
C GLU B 6 7.31 1.72 2.87
N ALA B 7 6.47 0.76 3.22
CA ALA B 7 5.08 1.04 3.58
C ALA B 7 5.01 1.65 4.96
N LEU B 8 6.01 1.35 5.74
CA LEU B 8 6.14 1.82 7.10
C LEU B 8 6.72 3.22 7.13
N LYS B 9 7.75 3.43 6.32
CA LYS B 9 8.44 4.71 6.24
C LYS B 9 7.72 5.68 5.30
N ILE B 10 6.95 5.13 4.35
CA ILE B 10 6.22 5.95 3.40
C ILE B 10 5.35 6.96 4.14
N LEU B 11 4.67 6.43 5.15
CA LEU B 11 3.80 7.23 5.97
C LEU B 11 4.45 7.48 7.32
N ASN B 12 5.54 6.75 7.57
CA ASN B 12 6.28 6.86 8.83
C ASN B 12 5.41 6.39 9.99
N ASN B 13 4.56 5.40 9.70
CA ASN B 13 3.65 4.84 10.70
C ASN B 13 2.68 5.89 11.22
N ILE B 14 1.38 5.58 11.17
CA ILE B 14 0.34 6.49 11.62
C ILE B 14 0.57 6.92 13.08
N ARG B 15 1.19 6.05 13.87
CA ARG B 15 1.45 6.36 15.27
C ARG B 15 2.23 7.68 15.41
N THR B 16 3.31 7.80 14.67
CA THR B 16 4.13 9.01 14.70
C THR B 16 3.45 10.13 13.92
N LEU B 17 2.76 9.76 12.85
CA LEU B 17 2.07 10.73 12.00
C LEU B 17 0.99 11.50 12.75
N ARG B 18 0.01 10.77 13.29
CA ARG B 18 -1.09 11.38 14.02
C ARG B 18 -0.60 12.45 15.00
N ALA B 19 0.64 12.29 15.44
CA ALA B 19 1.25 13.23 16.39
C ALA B 19 1.91 14.40 15.68
N GLN B 20 2.76 14.10 14.72
CA GLN B 20 3.47 15.14 13.98
C GLN B 20 2.48 15.99 13.19
N ALA B 21 1.45 15.33 12.72
CA ALA B 21 0.40 15.97 11.95
C ALA B 21 -0.65 16.54 12.88
N ARG B 22 -0.69 16.02 14.10
CA ARG B 22 -1.67 16.46 15.10
C ARG B 22 -1.80 17.98 15.06
N GLU B 23 -0.71 18.65 14.71
CA GLU B 23 -0.69 20.10 14.63
C GLU B 23 -0.87 20.59 13.19
N SER B 24 -1.72 19.90 12.43
CA SER B 24 -1.97 20.28 11.03
C SER B 24 -3.25 19.64 10.49
N THR B 25 -3.40 19.67 9.17
CA THR B 25 -4.56 19.10 8.51
C THR B 25 -4.28 17.67 8.02
N LEU B 26 -5.34 16.90 7.77
CA LEU B 26 -5.18 15.54 7.30
C LEU B 26 -4.41 15.50 5.99
N GLU B 27 -4.27 16.65 5.35
CA GLU B 27 -3.56 16.74 4.07
C GLU B 27 -2.32 15.85 4.06
N THR B 28 -1.77 15.60 5.25
CA THR B 28 -0.60 14.74 5.37
C THR B 28 -0.87 13.39 4.71
N LEU B 29 -2.11 12.90 4.87
CA LEU B 29 -2.49 11.62 4.28
C LEU B 29 -2.65 11.75 2.76
N GLU B 30 -3.31 12.80 2.29
CA GLU B 30 -3.45 12.96 0.85
C GLU B 30 -2.07 13.02 0.24
N GLU B 31 -1.10 13.35 1.08
CA GLU B 31 0.29 13.43 0.66
C GLU B 31 0.93 12.04 0.69
N MET B 32 0.93 11.42 1.86
CA MET B 32 1.53 10.09 2.04
C MET B 32 0.52 8.96 1.79
N LEU B 33 -0.68 9.11 2.35
CA LEU B 33 -1.73 8.10 2.19
C LEU B 33 -2.07 7.86 0.72
N GLU B 34 -2.03 8.92 -0.08
CA GLU B 34 -2.30 8.81 -1.51
C GLU B 34 -1.23 7.98 -2.21
N LYS B 35 0.00 8.07 -1.69
CA LYS B 35 1.11 7.33 -2.27
C LYS B 35 1.10 5.91 -1.73
N LEU B 36 0.57 5.78 -0.53
CA LEU B 36 0.46 4.49 0.11
C LEU B 36 -0.55 3.63 -0.63
N GLU B 37 -1.47 4.29 -1.32
CA GLU B 37 -2.48 3.57 -2.08
C GLU B 37 -1.95 3.25 -3.47
N VAL B 38 -1.17 4.18 -4.04
CA VAL B 38 -0.58 3.97 -5.35
C VAL B 38 0.46 2.86 -5.27
N VAL B 39 1.17 2.83 -4.14
CA VAL B 39 2.19 1.81 -3.93
C VAL B 39 1.55 0.43 -4.07
N VAL B 40 0.36 0.28 -3.50
CA VAL B 40 -0.36 -0.98 -3.63
C VAL B 40 -1.16 -0.98 -4.92
N ASN B 41 -1.42 0.19 -5.48
CA ASN B 41 -2.14 0.26 -6.74
C ASN B 41 -1.40 -0.61 -7.72
N GLU B 42 -0.08 -0.60 -7.60
CA GLU B 42 0.79 -1.41 -8.44
C GLU B 42 0.92 -2.82 -7.87
N ARG B 43 1.14 -2.90 -6.55
CA ARG B 43 1.26 -4.20 -5.88
C ARG B 43 -0.06 -4.96 -5.87
N ARG B 44 -1.11 -4.32 -5.37
CA ARG B 44 -2.42 -4.96 -5.31
C ARG B 44 -2.78 -5.59 -6.65
N GLU B 45 -2.46 -4.91 -7.75
CA GLU B 45 -2.76 -5.43 -9.09
C GLU B 45 -1.70 -6.40 -9.62
N GLU B 46 -0.43 -6.12 -9.37
CA GLU B 46 0.66 -6.98 -9.86
C GLU B 46 0.82 -8.22 -9.00
N GLU B 47 0.66 -8.07 -7.70
CA GLU B 47 0.79 -9.18 -6.78
C GLU B 47 -0.20 -10.28 -7.12
N SER B 48 -1.45 -9.90 -7.36
CA SER B 48 -2.47 -10.87 -7.74
C SER B 48 -2.00 -11.58 -9.01
N ALA B 49 -1.31 -10.81 -9.84
CA ALA B 49 -0.75 -11.31 -11.08
C ALA B 49 0.38 -12.30 -10.80
N ALA B 50 1.20 -11.96 -9.79
CA ALA B 50 2.31 -12.81 -9.39
C ALA B 50 1.81 -14.17 -8.94
N ALA B 51 0.70 -14.17 -8.20
CA ALA B 51 0.10 -15.39 -7.70
C ALA B 51 -0.34 -16.28 -8.86
N ALA B 52 -0.90 -15.65 -9.89
CA ALA B 52 -1.36 -16.38 -11.06
C ALA B 52 -0.19 -16.89 -11.88
N GLU B 53 0.85 -16.07 -12.00
CA GLU B 53 2.04 -16.41 -12.76
C GLU B 53 2.76 -17.61 -12.15
N VAL B 54 2.87 -17.62 -10.83
CA VAL B 54 3.54 -18.72 -10.12
C VAL B 54 2.69 -20.00 -10.15
N GLU B 55 2.61 -20.61 -11.33
CA GLU B 55 1.84 -21.84 -11.51
C GLU B 55 0.34 -21.58 -11.35
N GLU B 56 -0.44 -22.07 -12.30
CA GLU B 56 -1.89 -21.90 -12.27
C GLU B 56 -2.49 -22.72 -11.14
N ARG B 57 -2.00 -23.95 -10.99
CA ARG B 57 -2.48 -24.85 -9.94
C ARG B 57 -1.66 -26.13 -9.92
N THR B 58 -1.31 -26.63 -11.11
CA THR B 58 -0.52 -27.84 -11.22
C THR B 58 0.92 -27.60 -10.80
N ARG B 59 1.44 -28.48 -9.95
CA ARG B 59 2.81 -28.37 -9.47
C ARG B 59 3.80 -28.53 -10.62
N LYS B 60 4.79 -27.64 -10.68
CA LYS B 60 5.80 -27.67 -11.72
C LYS B 60 6.70 -28.89 -11.56
N LEU B 61 7.11 -29.15 -10.33
CA LEU B 61 7.99 -30.28 -10.04
C LEU B 61 7.32 -31.59 -10.41
N SER A 5 -7.92 -1.09 -7.17
CA SER A 5 -9.34 -1.09 -6.72
C SER A 5 -9.44 -1.13 -5.20
N GLU A 6 -8.66 -2.02 -4.58
CA GLU A 6 -8.66 -2.17 -3.14
C GLU A 6 -7.83 -1.06 -2.49
N ALA A 7 -6.76 -0.66 -3.17
CA ALA A 7 -5.88 0.40 -2.69
C ALA A 7 -6.52 1.76 -2.89
N LEU A 8 -7.44 1.78 -3.83
CA LEU A 8 -8.16 2.98 -4.20
C LEU A 8 -9.36 3.17 -3.28
N LYS A 9 -10.09 2.08 -3.06
CA LYS A 9 -11.27 2.10 -2.21
C LYS A 9 -10.90 1.98 -0.73
N ILE A 10 -9.73 1.45 -0.43
CA ILE A 10 -9.28 1.30 0.94
C ILE A 10 -9.35 2.63 1.64
N LEU A 11 -8.73 3.60 1.01
CA LEU A 11 -8.69 4.95 1.50
C LEU A 11 -9.73 5.77 0.79
N ASN A 12 -10.29 5.18 -0.27
CA ASN A 12 -11.31 5.84 -1.08
C ASN A 12 -10.72 7.08 -1.75
N ASN A 13 -9.43 7.00 -2.08
CA ASN A 13 -8.72 8.09 -2.74
C ASN A 13 -8.71 9.36 -1.88
N ILE A 14 -7.53 9.92 -1.68
CA ILE A 14 -7.36 11.15 -0.88
C ILE A 14 -8.24 12.28 -1.43
N ARG A 15 -8.59 12.21 -2.70
CA ARG A 15 -9.42 13.25 -3.31
C ARG A 15 -10.81 13.28 -2.67
N THR A 16 -11.46 12.12 -2.64
CA THR A 16 -12.78 12.01 -2.04
C THR A 16 -12.69 12.06 -0.52
N LEU A 17 -11.62 11.47 0.01
CA LEU A 17 -11.39 11.43 1.44
C LEU A 17 -11.19 12.84 2.00
N ARG A 18 -10.30 13.59 1.36
CA ARG A 18 -10.00 14.95 1.79
C ARG A 18 -11.27 15.75 2.06
N ALA A 19 -12.30 15.45 1.28
CA ALA A 19 -13.59 16.14 1.41
C ALA A 19 -14.46 15.55 2.52
N GLN A 20 -14.62 14.23 2.49
CA GLN A 20 -15.45 13.55 3.48
C GLN A 20 -14.83 13.72 4.86
N ALA A 21 -13.52 13.74 4.89
CA ALA A 21 -12.76 13.90 6.12
C ALA A 21 -12.57 15.38 6.43
N ARG A 22 -12.72 16.21 5.42
CA ARG A 22 -12.57 17.65 5.58
C ARG A 22 -13.28 18.11 6.84
N GLU A 23 -14.34 17.40 7.19
CA GLU A 23 -15.13 17.72 8.38
C GLU A 23 -14.80 16.77 9.53
N SER A 24 -13.52 16.43 9.70
CA SER A 24 -13.11 15.53 10.77
C SER A 24 -11.64 15.74 11.14
N THR A 25 -10.95 14.65 11.48
CA THR A 25 -9.54 14.70 11.86
C THR A 25 -8.71 13.75 11.01
N LEU A 26 -7.39 13.93 11.02
CA LEU A 26 -6.50 13.08 10.25
C LEU A 26 -6.65 11.62 10.67
N GLU A 27 -7.27 11.39 11.82
CA GLU A 27 -7.48 10.03 12.31
C GLU A 27 -7.89 9.11 11.15
N THR A 28 -8.47 9.71 10.13
CA THR A 28 -8.90 8.97 8.95
C THR A 28 -7.72 8.17 8.39
N LEU A 29 -6.52 8.76 8.42
CA LEU A 29 -5.33 8.09 7.93
C LEU A 29 -4.89 6.98 8.88
N GLU A 30 -4.83 7.26 10.17
CA GLU A 30 -4.42 6.21 11.09
C GLU A 30 -5.36 5.03 10.90
N GLU A 31 -6.55 5.33 10.39
CA GLU A 31 -7.55 4.31 10.11
C GLU A 31 -7.30 3.65 8.76
N MET A 32 -7.22 4.47 7.71
CA MET A 32 -7.00 3.97 6.35
C MET A 32 -5.51 3.85 6.01
N LEU A 33 -4.75 4.90 6.32
CA LEU A 33 -3.31 4.95 6.05
C LEU A 33 -2.61 3.74 6.68
N GLU A 34 -3.01 3.41 7.90
CA GLU A 34 -2.42 2.28 8.62
C GLU A 34 -2.70 0.96 7.88
N LYS A 35 -3.83 0.90 7.19
CA LYS A 35 -4.20 -0.31 6.45
C LYS A 35 -3.61 -0.25 5.06
N LEU A 36 -3.51 0.96 4.55
CA LEU A 36 -2.97 1.20 3.23
C LEU A 36 -1.48 0.89 3.23
N GLU A 37 -0.87 0.97 4.41
CA GLU A 37 0.55 0.67 4.53
C GLU A 37 0.73 -0.83 4.70
N VAL A 38 -0.17 -1.45 5.46
CA VAL A 38 -0.10 -2.89 5.68
C VAL A 38 -0.43 -3.63 4.39
N VAL A 39 -1.38 -3.11 3.60
CA VAL A 39 -1.73 -3.74 2.34
C VAL A 39 -0.48 -3.87 1.50
N VAL A 40 0.24 -2.76 1.37
CA VAL A 40 1.47 -2.75 0.60
C VAL A 40 2.61 -3.32 1.43
N ASN A 41 2.45 -3.36 2.75
CA ASN A 41 3.50 -3.90 3.62
C ASN A 41 3.74 -5.35 3.27
N GLU A 42 2.67 -6.11 3.16
CA GLU A 42 2.77 -7.52 2.79
C GLU A 42 3.26 -7.63 1.36
N ARG A 43 2.72 -6.77 0.51
CA ARG A 43 3.08 -6.71 -0.89
C ARG A 43 4.48 -6.11 -1.08
N ARG A 44 4.88 -5.28 -0.13
CA ARG A 44 6.19 -4.63 -0.18
C ARG A 44 7.30 -5.65 -0.03
N GLU A 45 7.11 -6.58 0.90
CA GLU A 45 8.09 -7.63 1.15
C GLU A 45 7.89 -8.82 0.21
N GLU A 46 6.66 -9.02 -0.27
CA GLU A 46 6.34 -10.13 -1.15
C GLU A 46 6.67 -9.80 -2.61
N GLU A 47 6.39 -8.56 -3.00
CA GLU A 47 6.66 -8.11 -4.36
C GLU A 47 8.15 -8.17 -4.66
N SER A 48 8.94 -7.64 -3.73
CA SER A 48 10.39 -7.66 -3.90
C SER A 48 10.83 -9.10 -4.10
N ALA A 49 10.10 -9.99 -3.45
CA ALA A 49 10.34 -11.42 -3.55
C ALA A 49 10.00 -11.93 -4.95
N ALA A 50 8.84 -11.51 -5.46
CA ALA A 50 8.38 -11.90 -6.79
C ALA A 50 9.33 -11.37 -7.86
N ALA A 51 9.81 -10.15 -7.68
CA ALA A 51 10.72 -9.53 -8.62
C ALA A 51 12.02 -10.31 -8.71
N ALA A 52 12.59 -10.62 -7.56
CA ALA A 52 13.84 -11.38 -7.51
C ALA A 52 13.62 -12.79 -8.04
N GLU A 53 12.46 -13.35 -7.72
CA GLU A 53 12.10 -14.69 -8.15
C GLU A 53 12.09 -14.80 -9.67
N VAL A 54 11.44 -13.84 -10.33
CA VAL A 54 11.35 -13.82 -11.79
C VAL A 54 12.65 -13.34 -12.43
N GLU A 55 13.67 -14.19 -12.38
CA GLU A 55 14.97 -13.85 -12.97
C GLU A 55 14.87 -13.69 -14.49
N GLU A 56 15.96 -13.96 -15.20
CA GLU A 56 15.97 -13.84 -16.65
C GLU A 56 17.33 -14.23 -17.24
N ARG A 57 17.89 -15.34 -16.73
CA ARG A 57 19.18 -15.82 -17.21
C ARG A 57 19.51 -17.18 -16.61
N THR A 58 19.19 -17.35 -15.33
CA THR A 58 19.45 -18.61 -14.64
C THR A 58 18.72 -19.76 -15.29
N ARG A 59 17.53 -19.47 -15.82
CA ARG A 59 16.70 -20.48 -16.49
C ARG A 59 16.18 -21.50 -15.49
N LYS A 60 14.88 -21.78 -15.57
CA LYS A 60 14.25 -22.75 -14.67
C LYS A 60 14.80 -24.15 -14.90
N LEU A 61 15.11 -24.85 -13.81
CA LEU A 61 15.64 -26.20 -13.89
C LEU A 61 14.69 -27.12 -14.64
N SER B 5 9.83 -0.80 6.72
CA SER B 5 10.18 -0.91 5.27
C SER B 5 9.75 0.36 4.52
N GLU B 6 9.26 0.16 3.30
CA GLU B 6 8.81 1.28 2.47
C GLU B 6 7.38 1.69 2.82
N ALA B 7 6.56 0.72 3.16
CA ALA B 7 5.16 0.96 3.52
C ALA B 7 5.06 1.59 4.90
N LEU B 8 6.05 1.30 5.70
CA LEU B 8 6.13 1.77 7.06
C LEU B 8 6.73 3.17 7.10
N LYS B 9 7.81 3.35 6.33
CA LYS B 9 8.51 4.61 6.25
C LYS B 9 7.80 5.60 5.33
N ILE B 10 7.05 5.08 4.36
CA ILE B 10 6.33 5.91 3.42
C ILE B 10 5.44 6.90 4.17
N LEU B 11 4.74 6.37 5.16
CA LEU B 11 3.85 7.15 5.98
C LEU B 11 4.48 7.37 7.35
N ASN B 12 5.55 6.63 7.61
CA ASN B 12 6.26 6.73 8.89
C ASN B 12 5.40 6.20 10.02
N ASN B 13 4.54 5.24 9.72
CA ASN B 13 3.65 4.64 10.71
C ASN B 13 2.70 5.68 11.29
N ILE B 14 1.41 5.37 11.24
CA ILE B 14 0.38 6.27 11.75
C ILE B 14 0.63 6.66 13.21
N ARG B 15 1.39 5.83 13.92
CA ARG B 15 1.70 6.10 15.32
C ARG B 15 2.50 7.39 15.49
N THR B 16 3.63 7.48 14.79
CA THR B 16 4.48 8.67 14.86
C THR B 16 3.84 9.82 14.10
N LEU B 17 3.21 9.49 12.98
CA LEU B 17 2.55 10.47 12.14
C LEU B 17 1.46 11.20 12.92
N ARG B 18 0.58 10.43 13.54
CA ARG B 18 -0.52 10.97 14.33
C ARG B 18 -0.03 12.07 15.26
N ALA B 19 1.19 11.92 15.75
CA ALA B 19 1.79 12.88 16.67
C ALA B 19 2.42 14.06 15.95
N GLN B 20 3.24 13.78 14.95
CA GLN B 20 3.90 14.84 14.20
C GLN B 20 2.88 15.68 13.45
N ALA B 21 1.83 15.01 13.02
CA ALA B 21 0.74 15.63 12.30
C ALA B 21 -0.29 16.19 13.27
N ARG B 22 -0.28 15.66 14.49
CA ARG B 22 -1.21 16.10 15.52
C ARG B 22 -1.33 17.62 15.51
N GLU B 23 -0.24 18.28 15.11
CA GLU B 23 -0.22 19.74 15.05
C GLU B 23 -0.32 20.23 13.61
N SER B 24 -1.20 19.61 12.83
CA SER B 24 -1.38 20.00 11.43
C SER B 24 -2.76 19.59 10.91
N THR B 25 -2.82 19.20 9.63
CA THR B 25 -4.07 18.79 9.02
C THR B 25 -3.93 17.42 8.36
N LEU B 26 -5.05 16.74 8.11
CA LEU B 26 -5.02 15.43 7.49
C LEU B 26 -4.34 15.49 6.14
N GLU B 27 -4.18 16.69 5.59
CA GLU B 27 -3.54 16.87 4.30
C GLU B 27 -2.31 15.96 4.20
N THR B 28 -1.73 15.65 5.36
CA THR B 28 -0.57 14.76 5.41
C THR B 28 -0.88 13.44 4.73
N LEU B 29 -2.08 12.90 4.99
CA LEU B 29 -2.48 11.65 4.37
C LEU B 29 -2.67 11.84 2.87
N GLU B 30 -3.32 12.92 2.48
CA GLU B 30 -3.50 13.17 1.07
C GLU B 30 -2.14 13.15 0.39
N GLU B 31 -1.11 13.46 1.16
CA GLU B 31 0.25 13.46 0.65
C GLU B 31 0.84 12.05 0.70
N MET B 32 0.76 11.41 1.87
CA MET B 32 1.29 10.07 2.06
C MET B 32 0.28 8.98 1.69
N LEU B 33 -0.94 9.12 2.20
CA LEU B 33 -2.02 8.15 1.94
C LEU B 33 -2.20 7.96 0.44
N GLU B 34 -2.06 9.05 -0.31
CA GLU B 34 -2.19 9.01 -1.76
C GLU B 34 -1.09 8.15 -2.38
N LYS B 35 0.09 8.19 -1.78
CA LYS B 35 1.24 7.43 -2.27
C LYS B 35 1.20 6.01 -1.71
N LEU B 36 0.60 5.89 -0.54
CA LEU B 36 0.47 4.62 0.13
C LEU B 36 -0.51 3.73 -0.63
N GLU B 37 -1.42 4.37 -1.35
CA GLU B 37 -2.41 3.64 -2.13
C GLU B 37 -1.83 3.29 -3.49
N VAL B 38 -1.07 4.22 -4.07
CA VAL B 38 -0.45 3.99 -5.37
C VAL B 38 0.67 2.97 -5.24
N VAL B 39 1.41 3.05 -4.13
CA VAL B 39 2.49 2.11 -3.87
C VAL B 39 1.93 0.70 -3.93
N VAL B 40 0.82 0.50 -3.24
CA VAL B 40 0.16 -0.78 -3.24
C VAL B 40 -0.72 -0.92 -4.46
N ASN B 41 -1.08 0.19 -5.09
CA ASN B 41 -1.91 0.14 -6.28
C ASN B 41 -1.27 -0.81 -7.27
N GLU B 42 0.05 -0.67 -7.38
CA GLU B 42 0.83 -1.53 -8.27
C GLU B 42 0.92 -2.93 -7.69
N ARG B 43 1.10 -3.00 -6.37
CA ARG B 43 1.18 -4.28 -5.67
C ARG B 43 -0.16 -5.00 -5.67
N ARG B 44 -1.19 -4.29 -5.26
CA ARG B 44 -2.54 -4.83 -5.20
C ARG B 44 -2.90 -5.52 -6.52
N GLU B 45 -2.48 -4.91 -7.63
CA GLU B 45 -2.78 -5.45 -8.96
C GLU B 45 -1.75 -6.50 -9.42
N GLU B 46 -0.46 -6.27 -9.14
CA GLU B 46 0.60 -7.18 -9.59
C GLU B 46 0.73 -8.40 -8.67
N GLU B 47 0.66 -8.15 -7.37
CA GLU B 47 0.78 -9.21 -6.39
C GLU B 47 -0.30 -10.25 -6.60
N SER B 48 -1.54 -9.80 -6.76
CA SER B 48 -2.64 -10.72 -7.01
C SER B 48 -2.32 -11.55 -8.24
N ALA B 49 -1.60 -10.92 -9.17
CA ALA B 49 -1.17 -11.56 -10.39
C ALA B 49 -0.13 -12.62 -10.09
N ALA B 50 0.83 -12.28 -9.22
CA ALA B 50 1.88 -13.21 -8.82
C ALA B 50 1.29 -14.44 -8.16
N ALA B 51 0.27 -14.22 -7.34
CA ALA B 51 -0.40 -15.32 -6.63
C ALA B 51 -1.22 -16.17 -7.60
N ALA B 52 -1.89 -15.51 -8.55
CA ALA B 52 -2.72 -16.19 -9.52
C ALA B 52 -1.89 -17.08 -10.45
N GLU B 53 -0.74 -16.57 -10.89
CA GLU B 53 0.14 -17.32 -11.78
C GLU B 53 0.75 -18.54 -11.09
N VAL B 54 1.11 -18.39 -9.83
CA VAL B 54 1.72 -19.48 -9.07
C VAL B 54 0.69 -20.52 -8.62
N GLU B 55 -0.08 -21.03 -9.58
CA GLU B 55 -1.10 -22.04 -9.30
C GLU B 55 -0.45 -23.35 -8.82
N GLU B 56 -0.92 -24.47 -9.36
CA GLU B 56 -0.38 -25.78 -8.99
C GLU B 56 -1.00 -26.86 -9.88
N ARG B 57 -1.08 -28.08 -9.36
CA ARG B 57 -1.65 -29.20 -10.11
C ARG B 57 -0.91 -29.43 -11.42
N THR B 58 -1.21 -28.61 -12.41
CA THR B 58 -0.57 -28.71 -13.72
C THR B 58 0.89 -28.26 -13.67
N ARG B 59 1.76 -29.03 -14.30
CA ARG B 59 3.18 -28.71 -14.33
C ARG B 59 3.43 -27.38 -15.04
N LYS B 60 4.30 -26.56 -14.47
CA LYS B 60 4.63 -25.26 -15.04
C LYS B 60 5.58 -25.39 -16.22
N LEU B 61 5.30 -26.35 -17.10
CA LEU B 61 6.14 -26.58 -18.28
C LEU B 61 7.57 -26.91 -17.88
#